data_3LU1
#
_entry.id   3LU1
#
_cell.length_a   78.130
_cell.length_b   78.130
_cell.length_c   231.924
_cell.angle_alpha   90.000
_cell.angle_beta   90.000
_cell.angle_gamma   120.000
#
_symmetry.space_group_name_H-M   'P 32'
#
loop_
_entity.id
_entity.type
_entity.pdbx_description
1 polymer WbgU
2 non-polymer NICOTINAMIDE-ADENINE-DINUCLEOTIDE
3 non-polymer URIDINE-DIPHOSPHATE-N-ACETYLGALACTOSAMINE
4 non-polymer GLYCINE
5 non-polymer 'SULFATE ION'
6 non-polymer 'SODIUM ION'
7 water water
#
_entity_poly.entity_id   1
_entity_poly.type   'polypeptide(L)'
_entity_poly.pdbx_seq_one_letter_code
;MGSSHHHHHHSSGLVPAGSMDIYMSRYEEITQQLIFSPKTWLITGVAGFIGSNLLEKLLKLNQVVIGLDNFSTGHQYNLD
EVKTLVSTEQWSRFCFIEGDIRDLTTCEQVMKGVDHVLHQAALGSVPRSIVDPITTNATNITGFLNILHAAKNAQVQSFT
YAASSSTYGDHPALPKVEENIGNPLSPYAVTKYVNEIYAQVYARTYGFKTIGLRYFNVFGRRQDPNGAYAAVIPKWTAAM
LKGDDVYINGDGETSRDFCYIDNVIQMNILSALAKDSAKDNIYNVAVGDRTTLNELSGYIYDELNLIHHIDKLSIKYREF
RSGDVRHSQADVTKAIDLLKYRPNIKIREGLRLSMPWYVRFLKG
;
_entity_poly.pdbx_strand_id   A,B,C,D
#
# COMPACT_ATOMS: atom_id res chain seq x y z
N TYR A 23 -2.69 5.34 -7.78
CA TYR A 23 -2.48 6.77 -7.40
C TYR A 23 -2.63 7.68 -8.61
N MET A 24 -2.85 8.96 -8.34
CA MET A 24 -2.98 9.96 -9.39
C MET A 24 -1.95 11.04 -9.10
N SER A 25 -0.69 10.70 -9.34
CA SER A 25 0.48 11.44 -8.85
C SER A 25 0.53 12.90 -9.26
N ARG A 26 0.47 13.15 -10.57
CA ARG A 26 0.46 14.51 -11.09
C ARG A 26 -0.64 15.35 -10.44
N TYR A 27 -1.85 14.79 -10.42
CA TYR A 27 -3.03 15.41 -9.83
C TYR A 27 -2.78 15.68 -8.36
N GLU A 28 -2.31 14.64 -7.68
CA GLU A 28 -1.87 14.72 -6.29
C GLU A 28 -0.90 15.88 -6.07
N GLU A 29 0.09 15.99 -6.95
CA GLU A 29 1.09 17.07 -6.89
C GLU A 29 0.46 18.46 -7.05
N ILE A 30 -0.41 18.60 -8.05
CA ILE A 30 -1.03 19.89 -8.35
C ILE A 30 -2.04 20.34 -7.30
N THR A 31 -2.74 19.38 -6.70
CA THR A 31 -3.64 19.68 -5.59
C THR A 31 -2.86 20.19 -4.38
N GLN A 32 -1.71 19.54 -4.11
CA GLN A 32 -0.79 19.99 -3.06
C GLN A 32 -0.33 21.41 -3.33
N GLN A 33 0.09 21.64 -4.57
CA GLN A 33 0.47 22.96 -5.06
C GLN A 33 -0.63 24.00 -4.78
N LEU A 34 -1.88 23.63 -5.07
CA LEU A 34 -3.04 24.50 -4.85
C LEU A 34 -3.30 24.86 -3.38
N ILE A 35 -3.22 23.86 -2.49
CA ILE A 35 -3.47 24.07 -1.07
C ILE A 35 -2.49 25.07 -0.46
N PHE A 36 -1.23 25.01 -0.88
CA PHE A 36 -0.21 25.93 -0.37
C PHE A 36 -0.40 27.36 -0.86
N SER A 37 -0.72 27.52 -2.14
CA SER A 37 -0.91 28.84 -2.72
C SER A 37 -2.30 28.92 -3.37
N PRO A 38 -3.36 29.06 -2.54
CA PRO A 38 -4.73 28.98 -3.07
C PRO A 38 -5.03 30.09 -4.07
N LYS A 39 -6.01 29.84 -4.93
CA LYS A 39 -6.34 30.73 -6.01
C LYS A 39 -7.84 30.95 -6.10
N THR A 40 -8.24 31.91 -6.93
CA THR A 40 -9.65 32.25 -7.13
C THR A 40 -10.17 31.65 -8.44
N TRP A 41 -11.20 30.82 -8.33
CA TRP A 41 -11.77 30.11 -9.48
C TRP A 41 -13.18 30.58 -9.78
N LEU A 42 -13.56 30.55 -11.06
CA LEU A 42 -14.95 30.73 -11.45
C LEU A 42 -15.52 29.44 -12.03
N ILE A 43 -16.58 28.95 -11.40
CA ILE A 43 -17.36 27.85 -11.94
C ILE A 43 -18.73 28.37 -12.40
N THR A 44 -18.94 28.32 -13.71
CA THR A 44 -20.25 28.60 -14.26
C THR A 44 -20.94 27.26 -14.36
N GLY A 45 -22.23 27.24 -14.05
CA GLY A 45 -22.98 25.99 -14.00
C GLY A 45 -22.74 25.28 -12.69
N VAL A 46 -22.31 26.05 -11.71
CA VAL A 46 -21.94 25.57 -10.37
C VAL A 46 -23.07 24.91 -9.57
N ALA A 47 -24.33 25.13 -9.93
CA ALA A 47 -25.45 24.45 -9.25
C ALA A 47 -25.88 23.19 -10.00
N GLY A 48 -25.13 22.85 -11.06
CA GLY A 48 -25.45 21.70 -11.87
C GLY A 48 -24.64 20.49 -11.46
N PHE A 49 -24.77 19.41 -12.24
CA PHE A 49 -24.14 18.14 -11.92
C PHE A 49 -22.60 18.26 -11.84
N ILE A 50 -21.94 18.54 -12.96
CA ILE A 50 -20.48 18.65 -12.98
C ILE A 50 -19.97 19.86 -12.20
N GLY A 51 -20.67 20.99 -12.33
CA GLY A 51 -20.32 22.23 -11.63
C GLY A 51 -20.26 22.13 -10.11
N SER A 52 -21.29 21.54 -9.50
CA SER A 52 -21.34 21.41 -8.04
C SER A 52 -20.32 20.38 -7.54
N ASN A 53 -19.98 19.43 -8.41
CA ASN A 53 -18.93 18.45 -8.13
C ASN A 53 -17.54 19.09 -8.11
N LEU A 54 -17.33 20.04 -9.02
CA LEU A 54 -16.11 20.83 -9.00
C LEU A 54 -16.12 21.76 -7.79
N LEU A 55 -17.28 22.32 -7.46
CA LEU A 55 -17.42 23.15 -6.26
C LEU A 55 -16.96 22.40 -5.01
N GLU A 56 -17.37 21.13 -4.90
CA GLU A 56 -16.97 20.29 -3.77
C GLU A 56 -15.46 20.22 -3.64
N LYS A 57 -14.79 19.64 -4.63
CA LYS A 57 -13.34 19.45 -4.62
C LYS A 57 -12.58 20.74 -4.36
N LEU A 58 -12.91 21.80 -5.10
CA LEU A 58 -12.23 23.08 -4.96
C LEU A 58 -12.38 23.71 -3.57
N LEU A 59 -13.56 23.60 -2.95
CA LEU A 59 -13.72 24.08 -1.57
C LEU A 59 -12.95 23.21 -0.59
N LYS A 60 -12.83 21.93 -0.89
CA LYS A 60 -12.02 21.01 -0.10
C LYS A 60 -10.51 21.25 -0.24
N LEU A 61 -10.11 22.17 -1.12
CA LEU A 61 -8.71 22.51 -1.28
C LEU A 61 -8.45 23.92 -0.80
N ASN A 62 -9.46 24.50 -0.14
CA ASN A 62 -9.39 25.85 0.45
C ASN A 62 -9.21 26.97 -0.58
N GLN A 63 -9.77 26.76 -1.77
CA GLN A 63 -9.74 27.76 -2.83
C GLN A 63 -10.88 28.75 -2.67
N VAL A 64 -10.62 29.99 -3.06
CA VAL A 64 -11.66 30.99 -3.17
C VAL A 64 -12.42 30.68 -4.46
N VAL A 65 -13.73 30.54 -4.38
CA VAL A 65 -14.52 30.19 -5.57
C VAL A 65 -15.73 31.10 -5.78
N ILE A 66 -15.76 31.77 -6.93
CA ILE A 66 -16.97 32.50 -7.36
C ILE A 66 -17.80 31.54 -8.23
N GLY A 67 -19.09 31.50 -7.95
CA GLY A 67 -20.00 30.61 -8.66
C GLY A 67 -21.08 31.39 -9.38
N LEU A 68 -21.48 30.89 -10.54
CA LEU A 68 -22.47 31.54 -11.39
C LEU A 68 -23.41 30.49 -11.96
N ASP A 69 -24.71 30.67 -11.71
CA ASP A 69 -25.74 29.79 -12.25
C ASP A 69 -27.06 30.56 -12.32
N ASN A 70 -28.00 30.07 -13.15
CA ASN A 70 -29.30 30.73 -13.34
C ASN A 70 -30.49 29.87 -12.90
N PHE A 71 -30.18 28.67 -12.40
CA PHE A 71 -31.18 27.70 -11.95
C PHE A 71 -32.12 27.25 -13.07
N SER A 72 -31.59 27.14 -14.28
CA SER A 72 -32.31 26.52 -15.38
C SER A 72 -32.46 25.01 -15.22
N THR A 73 -31.36 24.26 -15.40
CA THR A 73 -31.39 22.82 -15.19
C THR A 73 -30.74 22.55 -13.84
N GLY A 74 -30.04 23.54 -13.31
CA GLY A 74 -29.37 23.42 -12.00
C GLY A 74 -30.29 23.64 -10.83
N HIS A 75 -29.79 23.33 -9.63
CA HIS A 75 -30.62 23.33 -8.42
C HIS A 75 -29.91 23.89 -7.18
N GLN A 76 -30.70 24.59 -6.36
CA GLN A 76 -30.28 25.03 -5.04
C GLN A 76 -29.87 23.86 -4.15
N TYR A 77 -30.60 22.76 -4.21
CA TYR A 77 -30.29 21.61 -3.35
C TYR A 77 -28.89 21.03 -3.57
N ASN A 78 -28.38 21.12 -4.80
CA ASN A 78 -27.01 20.69 -5.10
C ASN A 78 -25.98 21.55 -4.39
N LEU A 79 -26.24 22.85 -4.28
CA LEU A 79 -25.37 23.75 -3.53
C LEU A 79 -25.53 23.55 -2.02
N ASP A 80 -26.74 23.19 -1.59
CA ASP A 80 -27.02 22.89 -0.19
C ASP A 80 -26.30 21.61 0.20
N GLU A 81 -26.25 20.64 -0.71
CA GLU A 81 -25.50 19.40 -0.46
C GLU A 81 -24.02 19.67 -0.23
N VAL A 82 -23.41 20.53 -1.05
CA VAL A 82 -21.98 20.81 -0.93
C VAL A 82 -21.66 21.55 0.39
N LYS A 83 -22.62 22.31 0.91
CA LYS A 83 -22.46 22.96 2.22
C LYS A 83 -22.26 21.93 3.34
N THR A 84 -23.02 20.84 3.28
CA THR A 84 -22.93 19.77 4.30
C THR A 84 -21.66 18.95 4.17
N LEU A 85 -21.04 19.01 2.98
CA LEU A 85 -19.88 18.19 2.67
C LEU A 85 -18.53 18.85 2.98
N VAL A 86 -18.54 20.16 3.21
CA VAL A 86 -17.30 20.91 3.49
C VAL A 86 -17.37 21.65 4.83
N SER A 87 -16.23 22.13 5.33
CA SER A 87 -16.19 22.90 6.58
C SER A 87 -16.90 24.23 6.40
N THR A 88 -17.18 24.93 7.50
CA THR A 88 -17.78 26.26 7.38
C THR A 88 -16.73 27.27 6.93
N GLU A 89 -15.49 27.06 7.36
CA GLU A 89 -14.34 27.86 6.92
C GLU A 89 -14.14 27.77 5.39
N GLN A 90 -14.19 26.55 4.87
CA GLN A 90 -14.02 26.32 3.44
C GLN A 90 -15.17 26.94 2.65
N TRP A 91 -16.37 26.87 3.23
CA TRP A 91 -17.59 27.35 2.56
C TRP A 91 -17.68 28.86 2.51
N SER A 92 -17.02 29.55 3.45
CA SER A 92 -17.13 31.00 3.55
C SER A 92 -16.32 31.70 2.48
N ARG A 93 -15.53 30.91 1.76
CA ARG A 93 -14.73 31.40 0.66
C ARG A 93 -15.48 31.24 -0.67
N PHE A 94 -16.67 30.66 -0.59
CA PHE A 94 -17.55 30.54 -1.74
C PHE A 94 -18.55 31.70 -1.78
N CYS A 95 -18.54 32.41 -2.89
CA CYS A 95 -19.49 33.48 -3.15
C CYS A 95 -20.30 33.09 -4.39
N PHE A 96 -21.57 32.77 -4.19
CA PHE A 96 -22.45 32.37 -5.29
C PHE A 96 -23.23 33.54 -5.84
N ILE A 97 -23.27 33.65 -7.16
CA ILE A 97 -24.07 34.68 -7.82
C ILE A 97 -25.08 34.06 -8.78
N GLU A 98 -26.35 34.38 -8.56
CA GLU A 98 -27.42 34.02 -9.49
C GLU A 98 -27.37 34.98 -10.68
N GLY A 99 -27.23 34.41 -11.87
CA GLY A 99 -27.12 35.21 -13.09
C GLY A 99 -27.06 34.37 -14.37
N ASP A 100 -27.15 35.05 -15.50
CA ASP A 100 -27.22 34.38 -16.78
C ASP A 100 -25.97 34.65 -17.61
N ILE A 101 -25.38 33.59 -18.16
CA ILE A 101 -24.22 33.74 -19.07
C ILE A 101 -24.58 34.51 -20.33
N ARG A 102 -25.85 34.43 -20.74
CA ARG A 102 -26.35 35.17 -21.92
C ARG A 102 -26.23 36.69 -21.76
N ASP A 103 -26.01 37.14 -20.53
CA ASP A 103 -25.85 38.54 -20.25
C ASP A 103 -24.38 38.86 -20.02
N LEU A 104 -23.82 39.70 -20.90
CA LEU A 104 -22.39 39.98 -20.92
C LEU A 104 -21.87 40.68 -19.66
N THR A 105 -22.61 41.68 -19.17
CA THR A 105 -22.09 42.45 -18.04
C THR A 105 -21.95 41.59 -16.78
N THR A 106 -22.90 40.68 -16.56
CA THR A 106 -22.79 39.75 -15.43
C THR A 106 -21.55 38.86 -15.60
N CYS A 107 -21.27 38.45 -16.83
CA CYS A 107 -20.04 37.70 -17.14
C CYS A 107 -18.81 38.52 -16.78
N GLU A 108 -18.83 39.81 -17.13
CA GLU A 108 -17.74 40.71 -16.79
C GLU A 108 -17.62 40.93 -15.27
N GLN A 109 -18.75 41.18 -14.62
CA GLN A 109 -18.79 41.36 -13.17
C GLN A 109 -18.19 40.16 -12.43
N VAL A 110 -18.48 38.98 -12.94
CA VAL A 110 -18.16 37.74 -12.25
C VAL A 110 -16.67 37.32 -12.41
N MET A 111 -15.99 37.92 -13.38
CA MET A 111 -14.60 37.60 -13.70
C MET A 111 -13.56 38.39 -12.87
N LYS A 112 -14.02 39.37 -12.10
CA LYS A 112 -13.11 40.25 -11.35
C LYS A 112 -12.22 39.44 -10.42
N GLY A 113 -10.90 39.58 -10.58
CA GLY A 113 -9.91 38.90 -9.75
C GLY A 113 -9.89 37.39 -9.83
N VAL A 114 -10.39 36.84 -10.94
CA VAL A 114 -10.40 35.38 -11.16
C VAL A 114 -9.08 34.91 -11.77
N ASP A 115 -8.52 33.84 -11.22
CA ASP A 115 -7.31 33.22 -11.75
C ASP A 115 -7.64 32.11 -12.75
N HIS A 116 -8.51 31.17 -12.35
CA HIS A 116 -8.83 30.00 -13.20
C HIS A 116 -10.33 29.88 -13.50
N VAL A 117 -10.66 29.78 -14.79
CA VAL A 117 -12.06 29.66 -15.23
C VAL A 117 -12.43 28.25 -15.66
N LEU A 118 -13.39 27.67 -14.93
CA LEU A 118 -13.98 26.40 -15.30
C LEU A 118 -15.40 26.68 -15.76
N HIS A 119 -15.63 26.57 -17.05
CA HIS A 119 -16.92 26.92 -17.62
C HIS A 119 -17.71 25.66 -17.98
N GLN A 120 -18.77 25.41 -17.21
CA GLN A 120 -19.65 24.25 -17.43
C GLN A 120 -21.10 24.65 -17.76
N ALA A 121 -21.45 25.93 -17.59
CA ALA A 121 -22.83 26.39 -17.87
C ALA A 121 -23.24 26.22 -19.33
N ALA A 122 -24.26 25.40 -19.56
CA ALA A 122 -24.85 25.19 -20.89
C ALA A 122 -26.15 24.41 -20.75
N LEU A 123 -26.97 24.42 -21.79
CA LEU A 123 -28.11 23.52 -21.85
C LEU A 123 -27.72 22.27 -22.63
N GLY A 124 -27.57 21.14 -21.93
CA GLY A 124 -27.26 19.87 -22.56
C GLY A 124 -28.44 19.27 -23.30
N SER A 125 -28.35 17.98 -23.59
CA SER A 125 -29.44 17.20 -24.20
C SER A 125 -29.60 17.44 -25.71
N VAL A 126 -29.22 16.42 -26.47
CA VAL A 126 -29.39 16.41 -27.93
C VAL A 126 -30.86 16.62 -28.33
N PRO A 127 -31.80 15.93 -27.64
CA PRO A 127 -33.23 16.15 -27.95
C PRO A 127 -33.70 17.57 -27.64
N ARG A 128 -33.20 18.15 -26.54
CA ARG A 128 -33.56 19.52 -26.17
C ARG A 128 -33.24 20.47 -27.29
N SER A 129 -32.11 20.24 -27.94
CA SER A 129 -31.60 21.12 -28.98
C SER A 129 -32.32 20.97 -30.32
N ILE A 130 -32.89 19.80 -30.58
CA ILE A 130 -33.72 19.61 -31.77
C ILE A 130 -35.07 20.32 -31.53
N VAL A 131 -35.66 20.06 -30.38
CA VAL A 131 -36.92 20.66 -29.95
C VAL A 131 -36.88 22.19 -29.90
N ASP A 132 -35.77 22.75 -29.44
CA ASP A 132 -35.63 24.19 -29.33
C ASP A 132 -34.18 24.60 -29.55
N PRO A 133 -33.76 24.70 -30.83
CA PRO A 133 -32.37 25.07 -31.14
C PRO A 133 -32.05 26.53 -30.86
N ILE A 134 -33.07 27.37 -30.75
CA ILE A 134 -32.83 28.79 -30.53
C ILE A 134 -32.32 29.14 -29.13
N THR A 135 -32.96 28.63 -28.09
CA THR A 135 -32.49 28.92 -26.74
C THR A 135 -31.16 28.21 -26.47
N THR A 136 -31.05 26.97 -26.97
CA THR A 136 -29.82 26.19 -26.95
C THR A 136 -28.65 26.94 -27.59
N ASN A 137 -28.92 27.64 -28.68
CA ASN A 137 -27.90 28.45 -29.34
C ASN A 137 -27.44 29.63 -28.49
N ALA A 138 -28.39 30.39 -27.95
CA ALA A 138 -28.07 31.53 -27.10
C ALA A 138 -27.32 31.10 -25.83
N THR A 139 -27.65 29.94 -25.28
CA THR A 139 -26.99 29.46 -24.08
C THR A 139 -25.60 28.91 -24.38
N ASN A 140 -25.51 28.04 -25.38
CA ASN A 140 -24.30 27.28 -25.63
C ASN A 140 -23.30 27.95 -26.57
N ILE A 141 -23.76 28.94 -27.35
CA ILE A 141 -22.84 29.70 -28.19
C ILE A 141 -22.62 31.12 -27.67
N THR A 142 -23.70 31.89 -27.61
CA THR A 142 -23.63 33.29 -27.16
C THR A 142 -23.10 33.40 -25.74
N GLY A 143 -23.55 32.49 -24.88
CA GLY A 143 -23.16 32.50 -23.48
C GLY A 143 -21.70 32.08 -23.31
N PHE A 144 -21.29 31.09 -24.11
CA PHE A 144 -19.90 30.65 -24.10
C PHE A 144 -18.96 31.77 -24.52
N LEU A 145 -19.36 32.51 -25.56
CA LEU A 145 -18.56 33.65 -26.03
C LEU A 145 -18.51 34.81 -25.03
N ASN A 146 -19.66 35.14 -24.44
CA ASN A 146 -19.68 36.13 -23.37
C ASN A 146 -18.61 35.82 -22.33
N ILE A 147 -18.61 34.57 -21.85
CA ILE A 147 -17.67 34.09 -20.82
C ILE A 147 -16.21 34.05 -21.31
N LEU A 148 -15.99 33.59 -22.55
CA LEU A 148 -14.66 33.51 -23.13
C LEU A 148 -14.04 34.90 -23.27
N HIS A 149 -14.78 35.81 -23.91
CA HIS A 149 -14.35 37.19 -24.10
C HIS A 149 -14.05 37.89 -22.77
N ALA A 150 -14.96 37.74 -21.81
CA ALA A 150 -14.82 38.35 -20.50
C ALA A 150 -13.54 37.88 -19.81
N ALA A 151 -13.23 36.60 -19.97
CA ALA A 151 -12.01 35.98 -19.42
C ALA A 151 -10.74 36.53 -20.08
N LYS A 152 -10.74 36.63 -21.41
CA LYS A 152 -9.62 37.20 -22.14
C LYS A 152 -9.38 38.64 -21.71
N ASN A 153 -10.46 39.41 -21.59
CA ASN A 153 -10.38 40.80 -21.14
C ASN A 153 -9.88 40.94 -19.72
N ALA A 154 -10.28 40.02 -18.84
CA ALA A 154 -9.87 40.05 -17.44
C ALA A 154 -8.45 39.49 -17.27
N GLN A 155 -7.95 38.87 -18.34
CA GLN A 155 -6.59 38.32 -18.40
C GLN A 155 -6.38 37.29 -17.30
N VAL A 156 -7.28 36.30 -17.28
CA VAL A 156 -7.18 35.18 -16.35
C VAL A 156 -5.99 34.28 -16.67
N GLN A 157 -5.56 33.51 -15.68
CA GLN A 157 -4.42 32.60 -15.82
C GLN A 157 -4.77 31.37 -16.65
N SER A 158 -6.02 30.92 -16.57
CA SER A 158 -6.45 29.76 -17.36
C SER A 158 -7.94 29.70 -17.63
N PHE A 159 -8.30 28.93 -18.66
CA PHE A 159 -9.66 28.83 -19.13
C PHE A 159 -9.88 27.42 -19.64
N THR A 160 -10.80 26.72 -18.98
CA THR A 160 -11.14 25.35 -19.32
C THR A 160 -12.67 25.28 -19.47
N TYR A 161 -13.13 24.60 -20.50
CA TYR A 161 -14.56 24.58 -20.81
C TYR A 161 -15.05 23.21 -21.23
N ALA A 162 -16.33 22.94 -20.97
CA ALA A 162 -16.94 21.68 -21.34
C ALA A 162 -17.23 21.58 -22.83
N ALA A 163 -16.51 20.69 -23.51
CA ALA A 163 -16.85 20.29 -24.87
C ALA A 163 -17.60 18.98 -24.78
N SER A 164 -17.70 18.25 -25.88
CA SER A 164 -18.54 17.06 -25.92
C SER A 164 -17.99 15.98 -26.85
N SER A 165 -18.37 14.73 -26.58
CA SER A 165 -18.04 13.64 -27.49
C SER A 165 -18.98 13.64 -28.69
N SER A 166 -20.09 14.38 -28.57
CA SER A 166 -21.07 14.49 -29.66
C SER A 166 -20.46 15.10 -30.93
N THR A 167 -19.38 15.87 -30.75
CA THR A 167 -18.66 16.52 -31.84
C THR A 167 -18.11 15.50 -32.86
N TYR A 168 -17.92 14.26 -32.41
CA TYR A 168 -17.45 13.19 -33.29
C TYR A 168 -18.46 12.83 -34.39
N GLY A 169 -19.72 13.22 -34.18
CA GLY A 169 -20.74 13.08 -35.20
C GLY A 169 -20.78 11.72 -35.83
N ASP A 170 -20.79 11.69 -37.17
CA ASP A 170 -20.94 10.45 -37.93
C ASP A 170 -19.61 9.76 -38.28
N HIS A 171 -18.50 10.24 -37.72
CA HIS A 171 -17.21 9.59 -37.97
C HIS A 171 -17.26 8.15 -37.45
N PRO A 172 -16.90 7.17 -38.30
CA PRO A 172 -17.19 5.77 -37.97
C PRO A 172 -16.15 5.03 -37.11
N ALA A 173 -14.91 5.51 -37.10
CA ALA A 173 -13.80 4.80 -36.44
C ALA A 173 -13.81 4.80 -34.90
N LEU A 174 -13.43 3.66 -34.33
CA LEU A 174 -13.24 3.52 -32.88
C LEU A 174 -11.83 2.99 -32.59
N PRO A 175 -11.15 3.52 -31.54
CA PRO A 175 -11.59 4.57 -30.61
C PRO A 175 -11.56 5.97 -31.23
N LYS A 176 -12.11 6.94 -30.51
CA LYS A 176 -12.20 8.30 -31.02
C LYS A 176 -10.97 9.11 -30.63
N VAL A 177 -10.22 9.54 -31.64
CA VAL A 177 -9.06 10.42 -31.43
C VAL A 177 -9.44 11.86 -31.73
N GLU A 178 -8.79 12.81 -31.05
CA GLU A 178 -9.19 14.21 -31.11
C GLU A 178 -9.08 14.85 -32.49
N GLU A 179 -8.13 14.38 -33.31
CA GLU A 179 -7.89 14.98 -34.64
C GLU A 179 -9.04 14.74 -35.61
N ASN A 180 -9.77 13.64 -35.44
CA ASN A 180 -10.74 13.19 -36.42
C ASN A 180 -12.20 13.29 -35.94
N ILE A 181 -12.94 14.23 -36.53
CA ILE A 181 -14.37 14.34 -36.28
C ILE A 181 -15.12 14.27 -37.61
N GLY A 182 -16.42 14.01 -37.54
CA GLY A 182 -17.26 13.99 -38.74
C GLY A 182 -18.26 15.12 -38.70
N ASN A 183 -19.34 14.98 -39.46
CA ASN A 183 -20.39 16.00 -39.49
C ASN A 183 -21.21 15.89 -38.21
N PRO A 184 -21.64 17.04 -37.67
CA PRO A 184 -22.48 17.04 -36.47
C PRO A 184 -23.87 16.53 -36.79
N LEU A 185 -24.43 15.73 -35.88
CA LEU A 185 -25.73 15.11 -36.12
C LEU A 185 -26.89 15.80 -35.39
N SER A 186 -26.58 16.86 -34.66
CA SER A 186 -27.57 17.54 -33.82
C SER A 186 -27.21 18.99 -33.59
N PRO A 187 -28.22 19.87 -33.49
CA PRO A 187 -27.92 21.27 -33.14
C PRO A 187 -27.08 21.38 -31.88
N TYR A 188 -27.25 20.44 -30.95
CA TYR A 188 -26.42 20.41 -29.74
C TYR A 188 -24.94 20.30 -30.12
N ALA A 189 -24.62 19.32 -30.96
CA ALA A 189 -23.24 19.09 -31.40
C ALA A 189 -22.63 20.33 -32.04
N VAL A 190 -23.43 21.06 -32.81
CA VAL A 190 -22.95 22.25 -33.49
C VAL A 190 -22.45 23.26 -32.47
N THR A 191 -23.29 23.61 -31.50
CA THR A 191 -22.94 24.58 -30.47
C THR A 191 -21.61 24.22 -29.78
N LYS A 192 -21.48 22.96 -29.36
CA LYS A 192 -20.27 22.52 -28.68
C LYS A 192 -19.04 22.57 -29.59
N TYR A 193 -19.20 22.15 -30.84
CA TYR A 193 -18.12 22.26 -31.81
C TYR A 193 -17.72 23.72 -32.01
N VAL A 194 -18.72 24.60 -32.05
CA VAL A 194 -18.48 26.03 -32.17
C VAL A 194 -17.69 26.57 -30.98
N ASN A 195 -17.97 26.07 -29.78
CA ASN A 195 -17.12 26.41 -28.63
C ASN A 195 -15.64 26.19 -28.91
N GLU A 196 -15.32 25.06 -29.54
CA GLU A 196 -13.93 24.72 -29.86
C GLU A 196 -13.33 25.70 -30.87
N ILE A 197 -14.06 25.92 -31.96
CA ILE A 197 -13.59 26.81 -33.02
C ILE A 197 -13.25 28.19 -32.45
N TYR A 198 -14.18 28.76 -31.70
CA TYR A 198 -13.97 30.05 -31.05
C TYR A 198 -12.74 30.03 -30.15
N ALA A 199 -12.62 29.00 -29.31
CA ALA A 199 -11.46 28.87 -28.42
C ALA A 199 -10.13 28.84 -29.17
N GLN A 200 -10.04 28.01 -30.22
CA GLN A 200 -8.87 28.00 -31.09
C GLN A 200 -8.60 29.37 -31.71
N VAL A 201 -9.64 30.01 -32.24
CA VAL A 201 -9.53 31.32 -32.86
C VAL A 201 -9.08 32.41 -31.86
N TYR A 202 -9.54 32.32 -30.61
CA TYR A 202 -9.05 33.21 -29.55
C TYR A 202 -7.55 33.05 -29.27
N ALA A 203 -7.05 31.83 -29.39
CA ALA A 203 -5.62 31.58 -29.30
C ALA A 203 -4.85 32.18 -30.50
N ARG A 204 -5.42 32.07 -31.70
CA ARG A 204 -4.81 32.69 -32.89
C ARG A 204 -4.73 34.21 -32.83
N THR A 205 -5.86 34.85 -32.50
CA THR A 205 -5.91 36.30 -32.60
C THR A 205 -5.51 37.05 -31.34
N TYR A 206 -5.74 36.48 -30.16
CA TYR A 206 -5.37 37.19 -28.93
C TYR A 206 -4.26 36.53 -28.13
N GLY A 207 -3.88 35.31 -28.52
CA GLY A 207 -2.87 34.56 -27.79
C GLY A 207 -3.42 34.07 -26.46
N PHE A 208 -4.74 33.93 -26.39
CA PHE A 208 -5.43 33.44 -25.20
C PHE A 208 -5.63 31.93 -25.34
N LYS A 209 -4.76 31.19 -24.65
CA LYS A 209 -4.72 29.72 -24.74
C LYS A 209 -5.70 29.05 -23.78
N THR A 210 -6.56 28.20 -24.33
CA THR A 210 -7.62 27.53 -23.56
C THR A 210 -7.49 26.02 -23.70
N ILE A 211 -8.20 25.27 -22.85
CA ILE A 211 -8.34 23.83 -23.06
C ILE A 211 -9.81 23.45 -23.08
N GLY A 212 -10.21 22.75 -24.14
CA GLY A 212 -11.54 22.21 -24.27
C GLY A 212 -11.52 20.74 -23.98
N LEU A 213 -12.42 20.32 -23.10
CA LEU A 213 -12.52 18.93 -22.71
C LEU A 213 -13.78 18.32 -23.29
N ARG A 214 -13.60 17.42 -24.25
CA ARG A 214 -14.71 16.65 -24.83
C ARG A 214 -15.13 15.52 -23.88
N TYR A 215 -16.21 15.74 -23.14
CA TYR A 215 -16.72 14.71 -22.22
C TYR A 215 -17.40 13.58 -23.00
N PHE A 216 -17.40 12.40 -22.40
CA PHE A 216 -17.98 11.21 -23.01
C PHE A 216 -19.03 10.58 -22.09
N ASN A 217 -20.18 11.22 -21.88
CA ASN A 217 -21.21 10.64 -21.00
C ASN A 217 -20.76 10.49 -19.54
N VAL A 218 -20.79 11.60 -18.80
CA VAL A 218 -20.38 11.62 -17.42
C VAL A 218 -21.55 11.18 -16.55
N PHE A 219 -21.25 10.53 -15.44
CA PHE A 219 -22.27 10.16 -14.47
C PHE A 219 -21.71 10.20 -13.08
N GLY A 220 -22.59 10.09 -12.09
CA GLY A 220 -22.19 10.10 -10.71
C GLY A 220 -23.16 10.88 -9.86
N ARG A 221 -22.69 11.26 -8.68
CA ARG A 221 -23.52 11.91 -7.67
C ARG A 221 -24.01 13.27 -8.17
N ARG A 222 -25.28 13.55 -7.90
CA ARG A 222 -25.95 14.83 -8.23
C ARG A 222 -26.31 15.02 -9.71
N GLN A 223 -26.30 13.95 -10.51
CA GLN A 223 -26.82 14.07 -11.88
C GLN A 223 -28.34 13.88 -11.91
N ASP A 224 -29.04 14.91 -12.38
CA ASP A 224 -30.51 14.92 -12.32
C ASP A 224 -31.23 13.72 -12.98
N PRO A 225 -32.00 12.98 -12.16
CA PRO A 225 -32.80 11.83 -12.60
C PRO A 225 -34.24 12.24 -12.98
N ASN A 226 -34.65 13.44 -12.60
CA ASN A 226 -35.96 13.98 -12.93
C ASN A 226 -35.91 14.87 -14.17
N GLY A 227 -37.07 15.18 -14.72
CA GLY A 227 -37.14 15.97 -15.94
C GLY A 227 -37.07 15.09 -17.18
N ALA A 228 -37.78 15.52 -18.22
CA ALA A 228 -37.87 14.79 -19.47
C ALA A 228 -36.51 14.54 -20.15
N TYR A 229 -35.51 15.35 -19.83
CA TYR A 229 -34.18 15.27 -20.50
C TYR A 229 -33.08 14.61 -19.67
N ALA A 230 -33.45 13.73 -18.75
CA ALA A 230 -32.48 13.09 -17.87
C ALA A 230 -31.53 12.20 -18.66
N ALA A 231 -30.27 12.16 -18.24
CA ALA A 231 -29.29 11.24 -18.80
C ALA A 231 -29.67 9.81 -18.44
N VAL A 232 -29.28 8.86 -19.29
CA VAL A 232 -29.71 7.45 -19.18
C VAL A 232 -29.48 6.78 -17.81
N ILE A 233 -28.29 6.97 -17.24
CA ILE A 233 -27.96 6.30 -15.98
C ILE A 233 -28.92 6.71 -14.85
N PRO A 234 -29.00 8.01 -14.53
CA PRO A 234 -29.95 8.38 -13.46
C PRO A 234 -31.41 8.18 -13.86
N LYS A 235 -31.69 8.14 -15.17
CA LYS A 235 -33.02 7.84 -15.68
C LYS A 235 -33.42 6.41 -15.31
N TRP A 236 -32.63 5.45 -15.75
CA TRP A 236 -32.90 4.03 -15.49
C TRP A 236 -32.92 3.71 -13.99
N THR A 237 -32.03 4.35 -13.25
CA THR A 237 -31.96 4.18 -11.80
C THR A 237 -33.27 4.54 -11.11
N ALA A 238 -33.82 5.70 -11.45
CA ALA A 238 -35.12 6.13 -10.92
C ALA A 238 -36.26 5.18 -11.32
N ALA A 239 -36.23 4.70 -12.57
CA ALA A 239 -37.23 3.76 -13.07
C ALA A 239 -37.15 2.43 -12.33
N MET A 240 -35.94 1.87 -12.25
CA MET A 240 -35.71 0.61 -11.56
C MET A 240 -36.08 0.66 -10.07
N LEU A 241 -35.73 1.75 -9.40
CA LEU A 241 -36.07 1.92 -7.98
C LEU A 241 -37.57 1.94 -7.74
N LYS A 242 -38.30 2.73 -8.53
CA LYS A 242 -39.75 2.85 -8.40
C LYS A 242 -40.48 1.64 -8.97
N GLY A 243 -39.80 0.85 -9.80
CA GLY A 243 -40.40 -0.31 -10.44
C GLY A 243 -41.25 0.05 -11.65
N ASP A 244 -40.74 0.97 -12.47
CA ASP A 244 -41.37 1.36 -13.73
C ASP A 244 -40.69 0.68 -14.92
N ASP A 245 -41.22 0.91 -16.11
CA ASP A 245 -40.62 0.42 -17.35
C ASP A 245 -39.30 1.13 -17.64
N VAL A 246 -38.35 0.38 -18.20
CA VAL A 246 -37.06 0.91 -18.61
C VAL A 246 -36.95 0.80 -20.14
N TYR A 247 -36.86 1.95 -20.81
CA TYR A 247 -36.86 2.00 -22.28
C TYR A 247 -35.47 2.01 -22.92
N ILE A 248 -35.36 1.28 -24.02
CA ILE A 248 -34.13 1.22 -24.80
C ILE A 248 -34.39 1.74 -26.22
N ASN A 249 -33.82 2.91 -26.51
CA ASN A 249 -34.00 3.59 -27.79
C ASN A 249 -33.21 2.91 -28.91
N GLY A 250 -33.89 1.99 -29.60
CA GLY A 250 -33.27 1.22 -30.67
C GLY A 250 -33.05 -0.23 -30.26
N ASP A 251 -31.87 -0.75 -30.53
CA ASP A 251 -31.55 -2.17 -30.35
C ASP A 251 -30.71 -2.48 -29.11
N GLY A 252 -30.25 -1.43 -28.43
CA GLY A 252 -29.42 -1.57 -27.23
C GLY A 252 -27.96 -1.92 -27.50
N GLU A 253 -27.61 -2.02 -28.77
CA GLU A 253 -26.24 -2.30 -29.18
C GLU A 253 -25.42 -1.00 -29.31
N THR A 254 -26.15 0.11 -29.20
CA THR A 254 -25.57 1.45 -29.11
C THR A 254 -24.62 1.49 -27.90
N SER A 255 -23.39 1.94 -28.14
CA SER A 255 -22.34 1.86 -27.11
C SER A 255 -21.81 3.23 -26.67
N ARG A 256 -21.30 3.28 -25.43
CA ARG A 256 -20.90 4.52 -24.77
C ARG A 256 -19.69 4.31 -23.85
N ASP A 257 -18.92 5.36 -23.66
CA ASP A 257 -17.77 5.36 -22.76
C ASP A 257 -18.17 6.15 -21.52
N PHE A 258 -18.99 5.55 -20.67
CA PHE A 258 -19.46 6.22 -19.46
C PHE A 258 -18.29 6.54 -18.54
N CYS A 259 -18.24 7.78 -18.08
CA CYS A 259 -17.12 8.31 -17.31
C CYS A 259 -17.61 8.89 -15.98
N TYR A 260 -17.21 8.26 -14.87
CA TYR A 260 -17.59 8.69 -13.52
C TYR A 260 -16.97 10.05 -13.21
N ILE A 261 -17.72 10.90 -12.49
CA ILE A 261 -17.37 12.33 -12.31
C ILE A 261 -15.95 12.62 -11.89
N ASP A 262 -15.41 11.81 -10.98
CA ASP A 262 -14.11 12.09 -10.39
C ASP A 262 -13.02 12.20 -11.46
N ASN A 263 -13.17 11.43 -12.53
CA ASN A 263 -12.28 11.53 -13.69
C ASN A 263 -12.35 12.91 -14.34
N VAL A 264 -13.57 13.45 -14.48
CA VAL A 264 -13.80 14.79 -14.99
C VAL A 264 -13.24 15.82 -14.03
N ILE A 265 -13.43 15.59 -12.72
CA ILE A 265 -12.90 16.49 -11.70
C ILE A 265 -11.38 16.59 -11.79
N GLN A 266 -10.70 15.45 -11.84
CA GLN A 266 -9.26 15.39 -12.02
C GLN A 266 -8.83 16.24 -13.22
N MET A 267 -9.46 15.98 -14.36
CA MET A 267 -9.04 16.55 -15.62
C MET A 267 -9.27 18.06 -15.76
N ASN A 268 -10.31 18.60 -15.12
CA ASN A 268 -10.53 20.04 -15.11
C ASN A 268 -9.39 20.76 -14.40
N ILE A 269 -9.00 20.21 -13.26
CA ILE A 269 -7.97 20.80 -12.41
C ILE A 269 -6.58 20.66 -13.06
N LEU A 270 -6.35 19.50 -13.68
CA LEU A 270 -5.12 19.25 -14.43
C LEU A 270 -4.98 20.34 -15.49
N SER A 271 -6.08 20.59 -16.20
CA SER A 271 -6.09 21.52 -17.33
C SER A 271 -5.91 22.95 -16.88
N ALA A 272 -6.45 23.30 -15.71
CA ALA A 272 -6.35 24.68 -15.23
C ALA A 272 -4.92 25.07 -14.83
N LEU A 273 -4.10 24.08 -14.48
CA LEU A 273 -2.72 24.33 -14.09
C LEU A 273 -1.72 23.73 -15.07
N ALA A 274 -2.21 23.43 -16.26
CA ALA A 274 -1.44 22.81 -17.32
C ALA A 274 -0.27 23.69 -17.75
N LYS A 275 0.80 23.06 -18.25
CA LYS A 275 1.89 23.80 -18.89
C LYS A 275 1.29 24.58 -20.06
N ASP A 276 1.92 25.68 -20.43
CA ASP A 276 1.42 26.53 -21.50
C ASP A 276 1.34 25.79 -22.84
N SER A 277 2.34 24.94 -23.10
CA SER A 277 2.42 24.20 -24.35
C SER A 277 1.31 23.16 -24.44
N ALA A 278 0.85 22.70 -23.27
CA ALA A 278 -0.27 21.76 -23.17
C ALA A 278 -1.63 22.43 -23.41
N LYS A 279 -1.68 23.76 -23.29
CA LYS A 279 -2.90 24.53 -23.55
C LYS A 279 -3.17 24.67 -25.05
N ASP A 280 -4.19 25.43 -25.41
CA ASP A 280 -4.78 25.44 -26.77
C ASP A 280 -4.90 24.02 -27.34
N ASN A 281 -5.51 23.15 -26.57
CA ASN A 281 -5.70 21.78 -27.00
C ASN A 281 -7.08 21.25 -26.63
N ILE A 282 -7.51 20.25 -27.36
CA ILE A 282 -8.71 19.52 -27.06
C ILE A 282 -8.30 18.15 -26.56
N TYR A 283 -8.98 17.68 -25.51
CA TYR A 283 -8.69 16.39 -24.89
C TYR A 283 -9.98 15.64 -24.64
N ASN A 284 -9.98 14.36 -24.99
CA ASN A 284 -11.05 13.47 -24.58
C ASN A 284 -11.01 13.24 -23.07
N VAL A 285 -12.16 13.30 -22.43
CA VAL A 285 -12.27 12.98 -21.00
C VAL A 285 -13.19 11.78 -20.85
N ALA A 286 -12.57 10.61 -20.68
CA ALA A 286 -13.25 9.34 -20.53
C ALA A 286 -12.25 8.32 -19.97
N VAL A 287 -12.60 7.04 -20.08
CA VAL A 287 -11.78 5.96 -19.52
C VAL A 287 -11.20 5.04 -20.61
N GLY A 288 -11.84 5.03 -21.78
CA GLY A 288 -11.40 4.19 -22.89
C GLY A 288 -12.25 2.95 -23.07
N ASP A 289 -13.32 2.85 -22.28
CA ASP A 289 -14.18 1.66 -22.28
C ASP A 289 -15.42 1.79 -23.18
N ARG A 290 -16.05 0.65 -23.43
CA ARG A 290 -17.20 0.58 -24.33
C ARG A 290 -18.29 -0.34 -23.76
N THR A 291 -19.34 0.28 -23.23
CA THR A 291 -20.51 -0.44 -22.72
C THR A 291 -21.70 -0.21 -23.65
N THR A 292 -22.33 -1.30 -24.08
CA THR A 292 -23.58 -1.20 -24.85
C THR A 292 -24.73 -0.91 -23.88
N LEU A 293 -25.83 -0.40 -24.41
CA LEU A 293 -26.99 -0.06 -23.58
C LEU A 293 -27.61 -1.29 -22.91
N ASN A 294 -27.50 -2.45 -23.55
CA ASN A 294 -27.92 -3.73 -22.98
C ASN A 294 -27.11 -4.11 -21.74
N GLU A 295 -25.80 -4.02 -21.84
CA GLU A 295 -24.90 -4.34 -20.73
C GLU A 295 -25.13 -3.38 -19.55
N LEU A 296 -25.36 -2.11 -19.87
CA LEU A 296 -25.59 -1.08 -18.86
C LEU A 296 -26.80 -1.39 -17.98
N SER A 297 -27.92 -1.75 -18.61
CA SER A 297 -29.13 -2.16 -17.88
C SER A 297 -28.82 -3.26 -16.86
N GLY A 298 -28.07 -4.27 -17.31
CA GLY A 298 -27.60 -5.35 -16.45
C GLY A 298 -26.80 -4.87 -15.25
N TYR A 299 -25.90 -3.92 -15.49
CA TYR A 299 -25.07 -3.35 -14.42
C TYR A 299 -25.92 -2.56 -13.42
N ILE A 300 -26.84 -1.73 -13.93
CA ILE A 300 -27.71 -0.91 -13.08
C ILE A 300 -28.73 -1.78 -12.33
N TYR A 301 -28.97 -2.98 -12.84
CA TYR A 301 -29.82 -3.94 -12.16
C TYR A 301 -29.05 -4.55 -10.98
N ASP A 302 -27.88 -5.08 -11.26
CA ASP A 302 -27.06 -5.77 -10.26
C ASP A 302 -26.72 -4.90 -9.04
N GLU A 303 -26.18 -3.70 -9.29
CA GLU A 303 -25.73 -2.82 -8.21
C GLU A 303 -26.87 -2.24 -7.35
N LEU A 304 -28.09 -2.27 -7.90
CA LEU A 304 -29.29 -1.88 -7.15
C LEU A 304 -29.89 -3.06 -6.37
N ASN A 305 -29.67 -4.27 -6.88
CA ASN A 305 -30.03 -5.47 -6.14
C ASN A 305 -29.31 -5.54 -4.80
N LEU A 306 -27.98 -5.39 -4.84
CA LEU A 306 -27.14 -5.45 -3.64
C LEU A 306 -27.36 -4.25 -2.73
N ILE A 307 -28.36 -3.43 -3.06
CA ILE A 307 -28.78 -2.31 -2.22
C ILE A 307 -30.20 -2.55 -1.69
N HIS A 308 -30.76 -3.70 -2.08
CA HIS A 308 -31.99 -4.31 -1.51
C HIS A 308 -33.32 -3.58 -1.81
N HIS A 309 -33.79 -3.68 -3.05
CA HIS A 309 -35.07 -3.07 -3.45
C HIS A 309 -35.87 -3.91 -4.45
N ILE A 315 -38.13 -4.18 -19.17
CA ILE A 315 -37.39 -3.62 -20.29
C ILE A 315 -38.23 -3.56 -21.58
N LYS A 316 -38.38 -2.35 -22.10
CA LYS A 316 -39.21 -2.12 -23.29
C LYS A 316 -38.42 -1.39 -24.37
N TYR A 317 -38.33 -2.04 -25.55
CA TYR A 317 -37.60 -1.49 -26.70
C TYR A 317 -38.49 -0.59 -27.54
N ARG A 318 -37.96 0.56 -27.92
CA ARG A 318 -38.62 1.45 -28.86
C ARG A 318 -37.69 1.86 -29.99
N GLU A 319 -38.06 2.89 -30.74
CA GLU A 319 -37.28 3.36 -31.88
C GLU A 319 -36.06 4.16 -31.42
N PHE A 320 -35.06 4.27 -32.30
CA PHE A 320 -33.85 5.05 -32.05
C PHE A 320 -34.19 6.51 -31.82
N ARG A 321 -33.45 7.14 -30.92
CA ARG A 321 -33.59 8.59 -30.72
C ARG A 321 -33.01 9.30 -31.95
N SER A 322 -33.72 10.29 -32.45
CA SER A 322 -33.26 11.04 -33.63
C SER A 322 -32.09 11.97 -33.32
N GLY A 323 -31.15 12.05 -34.26
CA GLY A 323 -29.92 12.84 -34.11
C GLY A 323 -28.93 12.21 -33.14
N ASP A 324 -28.93 10.88 -33.06
CA ASP A 324 -28.15 10.15 -32.07
C ASP A 324 -26.80 9.68 -32.61
N VAL A 325 -25.79 9.73 -31.75
CA VAL A 325 -24.48 9.13 -32.03
C VAL A 325 -24.60 7.62 -31.76
N ARG A 326 -24.05 6.81 -32.66
CA ARG A 326 -24.21 5.36 -32.60
C ARG A 326 -23.26 4.68 -31.60
N HIS A 327 -21.95 4.80 -31.83
CA HIS A 327 -20.95 4.15 -30.98
C HIS A 327 -19.92 5.16 -30.45
N SER A 328 -19.62 5.08 -29.16
CA SER A 328 -18.67 6.01 -28.55
C SER A 328 -17.67 5.31 -27.62
N GLN A 329 -16.39 5.50 -27.93
CA GLN A 329 -15.28 4.96 -27.15
C GLN A 329 -14.09 5.88 -27.35
N ALA A 330 -13.57 6.41 -26.25
CA ALA A 330 -12.50 7.41 -26.33
C ALA A 330 -11.12 6.78 -26.42
N ASP A 331 -10.28 7.38 -27.26
CA ASP A 331 -8.85 7.17 -27.16
C ASP A 331 -8.37 8.30 -26.28
N VAL A 332 -7.86 7.94 -25.12
CA VAL A 332 -7.61 8.92 -24.07
C VAL A 332 -6.10 9.17 -23.87
N THR A 333 -5.29 8.67 -24.81
CA THR A 333 -3.83 8.71 -24.64
C THR A 333 -3.20 10.10 -24.73
N LYS A 334 -3.91 11.04 -25.36
CA LYS A 334 -3.41 12.42 -25.47
C LYS A 334 -3.38 13.07 -24.10
N ALA A 335 -4.48 12.91 -23.36
CA ALA A 335 -4.60 13.42 -22.01
C ALA A 335 -3.59 12.75 -21.09
N ILE A 336 -3.47 11.42 -21.21
CA ILE A 336 -2.47 10.64 -20.49
C ILE A 336 -1.07 11.19 -20.76
N ASP A 337 -0.80 11.50 -22.03
CA ASP A 337 0.52 11.91 -22.49
C ASP A 337 0.86 13.32 -21.99
N LEU A 338 0.03 14.27 -22.39
CA LEU A 338 0.35 15.69 -22.25
C LEU A 338 0.03 16.25 -20.88
N LEU A 339 -1.03 15.76 -20.25
CA LEU A 339 -1.43 16.29 -18.95
C LEU A 339 -1.10 15.36 -17.77
N LYS A 340 -0.66 14.14 -18.10
CA LYS A 340 -0.50 13.05 -17.13
C LYS A 340 -1.83 12.67 -16.45
N TYR A 341 -2.89 12.62 -17.28
CA TYR A 341 -4.19 12.12 -16.85
C TYR A 341 -4.06 10.65 -16.47
N ARG A 342 -4.64 10.29 -15.33
CA ARG A 342 -4.72 8.90 -14.88
C ARG A 342 -6.16 8.56 -14.49
N PRO A 343 -6.93 7.99 -15.45
CA PRO A 343 -8.30 7.56 -15.18
C PRO A 343 -8.31 6.42 -14.18
N ASN A 344 -9.03 6.59 -13.07
CA ASN A 344 -8.97 5.62 -11.99
C ASN A 344 -10.24 4.83 -11.74
N ILE A 345 -11.37 5.30 -12.26
CA ILE A 345 -12.65 4.69 -11.94
C ILE A 345 -13.44 4.28 -13.19
N LYS A 346 -13.54 2.96 -13.38
CA LYS A 346 -14.32 2.39 -14.47
C LYS A 346 -15.80 2.40 -14.13
N ILE A 347 -16.64 2.11 -15.13
CA ILE A 347 -18.11 2.19 -14.98
C ILE A 347 -18.69 1.39 -13.80
N ARG A 348 -18.29 0.12 -13.71
CA ARG A 348 -18.75 -0.79 -12.67
C ARG A 348 -18.48 -0.22 -11.27
N GLU A 349 -17.25 0.20 -11.00
CA GLU A 349 -16.92 0.84 -9.71
C GLU A 349 -17.66 2.17 -9.52
N GLY A 350 -17.90 2.87 -10.64
CA GLY A 350 -18.59 4.15 -10.62
C GLY A 350 -20.05 4.01 -10.21
N LEU A 351 -20.70 2.98 -10.71
CA LEU A 351 -22.10 2.70 -10.37
C LEU A 351 -22.25 2.35 -8.90
N ARG A 352 -21.31 1.56 -8.38
CA ARG A 352 -21.32 1.18 -6.96
C ARG A 352 -21.24 2.39 -6.06
N LEU A 353 -20.42 3.37 -6.43
CA LEU A 353 -20.24 4.58 -5.64
C LEU A 353 -21.42 5.57 -5.74
N SER A 354 -22.23 5.41 -6.78
CA SER A 354 -23.29 6.36 -7.11
C SER A 354 -24.67 5.92 -6.64
N MET A 355 -24.94 4.62 -6.73
CA MET A 355 -26.24 4.07 -6.37
C MET A 355 -26.72 4.43 -4.97
N PRO A 356 -25.84 4.37 -3.93
CA PRO A 356 -26.26 4.83 -2.61
C PRO A 356 -26.80 6.27 -2.61
N TRP A 357 -26.12 7.18 -3.31
CA TRP A 357 -26.57 8.58 -3.37
C TRP A 357 -27.98 8.71 -3.93
N TYR A 358 -28.27 7.93 -4.97
CA TYR A 358 -29.55 8.00 -5.67
C TYR A 358 -30.70 7.43 -4.85
N VAL A 359 -30.39 6.45 -4.01
CA VAL A 359 -31.37 5.86 -3.11
C VAL A 359 -31.76 6.86 -2.03
N ARG A 360 -30.77 7.47 -1.38
CA ARG A 360 -31.01 8.53 -0.38
C ARG A 360 -31.74 9.75 -0.97
N PHE A 361 -31.64 9.92 -2.29
CA PHE A 361 -32.22 11.07 -2.98
C PHE A 361 -33.68 10.88 -3.35
N LEU A 362 -34.05 9.66 -3.70
CA LEU A 362 -35.41 9.36 -4.17
C LEU A 362 -36.30 8.63 -3.16
N LYS A 363 -35.78 8.42 -1.95
CA LYS A 363 -36.52 7.73 -0.86
C LYS A 363 -37.83 8.45 -0.49
N SER B 25 -3.28 8.64 44.79
CA SER B 25 -4.33 9.62 45.21
C SER B 25 -4.78 10.51 44.07
N ARG B 26 -3.82 11.08 43.33
CA ARG B 26 -4.12 11.94 42.19
C ARG B 26 -4.86 11.16 41.11
N TYR B 27 -4.45 9.91 40.91
CA TYR B 27 -5.15 9.01 39.99
C TYR B 27 -6.56 8.73 40.49
N GLU B 28 -6.71 8.62 41.80
CA GLU B 28 -7.99 8.34 42.43
C GLU B 28 -8.89 9.57 42.47
N GLU B 29 -8.29 10.75 42.60
CA GLU B 29 -8.99 12.02 42.45
C GLU B 29 -9.56 12.11 41.04
N ILE B 30 -8.71 11.81 40.06
CA ILE B 30 -9.07 11.89 38.65
C ILE B 30 -10.17 10.91 38.30
N THR B 31 -10.04 9.66 38.75
CA THR B 31 -11.00 8.62 38.37
C THR B 31 -12.43 8.87 38.89
N GLN B 32 -12.54 9.47 40.08
CA GLN B 32 -13.86 9.85 40.61
C GLN B 32 -14.49 11.00 39.82
N GLN B 33 -13.71 12.04 39.51
CA GLN B 33 -14.19 13.15 38.68
C GLN B 33 -14.67 12.64 37.32
N LEU B 34 -13.95 11.66 36.78
CA LEU B 34 -14.34 11.01 35.53
C LEU B 34 -15.71 10.36 35.59
N ILE B 35 -16.03 9.74 36.74
CA ILE B 35 -17.34 9.12 36.94
C ILE B 35 -18.48 10.15 36.96
N PHE B 36 -18.21 11.33 37.53
CA PHE B 36 -19.24 12.35 37.71
C PHE B 36 -19.58 13.13 36.44
N SER B 37 -18.58 13.35 35.59
CA SER B 37 -18.84 13.84 34.23
C SER B 37 -18.00 13.06 33.22
N PRO B 38 -18.53 11.90 32.77
CA PRO B 38 -17.85 11.04 31.81
C PRO B 38 -17.48 11.74 30.53
N LYS B 39 -16.34 11.37 29.98
CA LYS B 39 -15.87 11.92 28.72
C LYS B 39 -16.02 10.87 27.64
N THR B 40 -15.87 11.31 26.40
CA THR B 40 -15.83 10.38 25.28
C THR B 40 -14.36 10.06 24.99
N TRP B 41 -14.03 8.78 25.00
CA TRP B 41 -12.66 8.32 24.82
C TRP B 41 -12.51 7.53 23.54
N LEU B 42 -11.38 7.73 22.86
CA LEU B 42 -11.02 6.92 21.70
C LEU B 42 -9.87 5.98 22.02
N ILE B 43 -10.14 4.68 21.92
CA ILE B 43 -9.09 3.69 22.08
C ILE B 43 -8.82 2.99 20.75
N THR B 44 -7.67 3.28 20.17
CA THR B 44 -7.19 2.51 19.02
C THR B 44 -6.42 1.30 19.55
N GLY B 45 -6.63 0.14 18.94
CA GLY B 45 -6.07 -1.11 19.44
C GLY B 45 -6.85 -1.63 20.62
N VAL B 46 -8.16 -1.38 20.58
CA VAL B 46 -9.07 -1.64 21.71
C VAL B 46 -9.25 -3.14 22.01
N ALA B 47 -9.01 -3.99 21.03
CA ALA B 47 -9.20 -5.42 21.20
C ALA B 47 -7.89 -6.15 21.58
N GLY B 48 -6.84 -5.37 21.82
CA GLY B 48 -5.54 -5.91 22.19
C GLY B 48 -5.34 -5.98 23.69
N PHE B 49 -4.14 -6.34 24.10
CA PHE B 49 -3.80 -6.47 25.52
C PHE B 49 -4.08 -5.18 26.28
N ILE B 50 -3.28 -4.14 26.01
CA ILE B 50 -3.36 -2.88 26.76
C ILE B 50 -4.69 -2.15 26.50
N GLY B 51 -5.10 -2.11 25.23
CA GLY B 51 -6.35 -1.46 24.84
C GLY B 51 -7.60 -2.04 25.49
N SER B 52 -7.66 -3.38 25.59
CA SER B 52 -8.82 -4.04 26.20
C SER B 52 -8.84 -3.83 27.72
N ASN B 53 -7.66 -3.68 28.31
CA ASN B 53 -7.55 -3.34 29.73
C ASN B 53 -8.00 -1.91 29.99
N LEU B 54 -7.62 -0.98 29.11
CA LEU B 54 -8.09 0.39 29.17
C LEU B 54 -9.61 0.45 29.03
N LEU B 55 -10.14 -0.37 28.12
CA LEU B 55 -11.58 -0.47 27.92
C LEU B 55 -12.28 -0.87 29.22
N GLU B 56 -11.84 -1.98 29.80
CA GLU B 56 -12.39 -2.49 31.05
C GLU B 56 -12.49 -1.41 32.11
N LYS B 57 -11.38 -0.70 32.35
CA LYS B 57 -11.35 0.39 33.33
C LYS B 57 -12.32 1.52 32.96
N LEU B 58 -12.18 2.07 31.76
CA LEU B 58 -12.98 3.21 31.34
C LEU B 58 -14.49 2.93 31.39
N LEU B 59 -14.88 1.72 31.01
CA LEU B 59 -16.28 1.33 31.04
C LEU B 59 -16.79 1.20 32.48
N LYS B 60 -15.94 0.68 33.37
CA LYS B 60 -16.22 0.64 34.80
C LYS B 60 -16.35 2.06 35.41
N LEU B 61 -15.83 3.06 34.70
CA LEU B 61 -15.95 4.47 35.14
C LEU B 61 -17.08 5.20 34.42
N ASN B 62 -17.89 4.42 33.70
CA ASN B 62 -19.08 4.95 32.99
C ASN B 62 -18.76 5.91 31.84
N GLN B 63 -17.57 5.78 31.26
CA GLN B 63 -17.16 6.64 30.16
C GLN B 63 -17.83 6.22 28.85
N VAL B 64 -17.99 7.18 27.96
CA VAL B 64 -18.37 6.88 26.59
C VAL B 64 -17.08 6.51 25.86
N VAL B 65 -17.04 5.30 25.31
CA VAL B 65 -15.82 4.83 24.65
C VAL B 65 -16.08 4.53 23.18
N ILE B 66 -15.20 5.06 22.33
CA ILE B 66 -15.14 4.69 20.92
C ILE B 66 -13.91 3.81 20.74
N GLY B 67 -14.09 2.65 20.13
CA GLY B 67 -12.99 1.72 19.94
C GLY B 67 -12.77 1.39 18.48
N LEU B 68 -11.49 1.36 18.08
CA LEU B 68 -11.13 1.00 16.72
C LEU B 68 -10.08 -0.10 16.73
N ASP B 69 -10.34 -1.15 15.95
CA ASP B 69 -9.39 -2.25 15.81
C ASP B 69 -9.61 -2.99 14.49
N ASN B 70 -8.53 -3.50 13.91
CA ASN B 70 -8.62 -4.26 12.67
C ASN B 70 -8.50 -5.77 12.89
N PHE B 71 -8.51 -6.19 14.16
CA PHE B 71 -8.33 -7.58 14.59
C PHE B 71 -7.10 -8.27 14.00
N SER B 72 -6.01 -7.53 13.88
CA SER B 72 -4.75 -8.09 13.39
C SER B 72 -4.14 -8.99 14.46
N THR B 73 -3.52 -8.38 15.46
CA THR B 73 -3.01 -9.10 16.61
C THR B 73 -4.04 -9.10 17.74
N GLY B 74 -5.12 -8.33 17.54
CA GLY B 74 -6.19 -8.22 18.54
C GLY B 74 -7.20 -9.33 18.40
N HIS B 75 -8.14 -9.42 19.34
CA HIS B 75 -9.09 -10.52 19.36
C HIS B 75 -10.51 -10.10 19.74
N GLN B 76 -11.49 -10.61 19.00
CA GLN B 76 -12.90 -10.40 19.36
C GLN B 76 -13.17 -10.91 20.78
N TYR B 77 -12.62 -12.07 21.12
CA TYR B 77 -12.84 -12.65 22.44
C TYR B 77 -12.37 -11.79 23.60
N ASN B 78 -11.41 -10.90 23.33
CA ASN B 78 -10.95 -9.92 24.33
C ASN B 78 -12.02 -8.90 24.68
N LEU B 79 -12.77 -8.48 23.66
CA LEU B 79 -13.95 -7.64 23.85
C LEU B 79 -15.06 -8.37 24.63
N ASP B 80 -15.25 -9.64 24.31
CA ASP B 80 -16.24 -10.49 24.99
C ASP B 80 -15.95 -10.59 26.48
N GLU B 81 -14.70 -10.81 26.83
CA GLU B 81 -14.30 -10.91 28.23
C GLU B 81 -14.62 -9.63 28.99
N VAL B 82 -14.42 -8.49 28.34
CA VAL B 82 -14.71 -7.21 28.96
C VAL B 82 -16.21 -7.00 29.10
N LYS B 83 -16.97 -7.59 28.18
CA LYS B 83 -18.45 -7.56 28.24
C LYS B 83 -18.96 -8.31 29.48
N THR B 84 -18.25 -9.36 29.88
CA THR B 84 -18.62 -10.16 31.05
C THR B 84 -18.28 -9.48 32.37
N LEU B 85 -17.31 -8.56 32.35
CA LEU B 85 -16.82 -7.92 33.59
C LEU B 85 -17.49 -6.58 33.84
N VAL B 86 -18.54 -6.29 33.08
CA VAL B 86 -19.15 -4.99 33.06
C VAL B 86 -20.67 -5.06 32.82
N SER B 87 -21.42 -4.18 33.49
CA SER B 87 -22.89 -4.13 33.36
C SER B 87 -23.32 -3.87 31.92
N THR B 88 -24.52 -4.29 31.56
CA THR B 88 -25.01 -4.10 30.19
C THR B 88 -25.14 -2.61 29.85
N GLU B 89 -25.47 -1.80 30.86
CA GLU B 89 -25.60 -0.35 30.70
C GLU B 89 -24.26 0.31 30.40
N GLN B 90 -23.20 -0.16 31.07
CA GLN B 90 -21.86 0.34 30.85
C GLN B 90 -21.38 -0.08 29.46
N TRP B 91 -21.71 -1.30 29.05
CA TRP B 91 -21.39 -1.83 27.72
C TRP B 91 -22.05 -1.08 26.55
N SER B 92 -23.20 -0.46 26.78
CA SER B 92 -23.92 0.24 25.71
C SER B 92 -23.31 1.62 25.40
N ARG B 93 -22.32 2.01 26.19
CA ARG B 93 -21.60 3.27 25.98
C ARG B 93 -20.32 3.00 25.19
N PHE B 94 -20.16 1.75 24.77
CA PHE B 94 -19.02 1.34 23.97
C PHE B 94 -19.44 1.23 22.51
N CYS B 95 -18.80 2.02 21.66
CA CYS B 95 -19.03 1.95 20.23
C CYS B 95 -17.78 1.37 19.59
N PHE B 96 -17.88 0.12 19.13
CA PHE B 96 -16.75 -0.51 18.47
C PHE B 96 -16.86 -0.41 16.97
N ILE B 97 -15.78 0.01 16.34
CA ILE B 97 -15.71 0.11 14.89
C ILE B 97 -14.55 -0.73 14.37
N GLU B 98 -14.87 -1.74 13.55
CA GLU B 98 -13.83 -2.56 12.94
C GLU B 98 -13.30 -1.85 11.71
N GLY B 99 -12.02 -1.51 11.76
CA GLY B 99 -11.41 -0.73 10.71
C GLY B 99 -9.93 -0.59 10.95
N ASP B 100 -9.25 0.08 10.02
CA ASP B 100 -7.80 0.08 10.00
C ASP B 100 -7.21 1.46 10.20
N ILE B 101 -6.11 1.47 10.94
CA ILE B 101 -5.37 2.67 11.27
C ILE B 101 -4.69 3.26 10.02
N ARG B 102 -4.37 2.40 9.05
CA ARG B 102 -3.72 2.79 7.80
C ARG B 102 -4.61 3.61 6.88
N ASP B 103 -5.89 3.73 7.22
CA ASP B 103 -6.86 4.51 6.44
C ASP B 103 -7.24 5.80 7.15
N LEU B 104 -6.81 6.91 6.56
CA LEU B 104 -7.05 8.22 7.16
C LEU B 104 -8.53 8.59 7.29
N THR B 105 -9.37 8.05 6.41
CA THR B 105 -10.81 8.33 6.47
C THR B 105 -11.40 7.68 7.72
N THR B 106 -11.16 6.39 7.92
CA THR B 106 -11.68 5.71 9.12
C THR B 106 -11.13 6.39 10.38
N CYS B 107 -9.87 6.82 10.32
CA CYS B 107 -9.24 7.60 11.39
C CYS B 107 -9.96 8.91 11.68
N GLU B 108 -10.45 9.56 10.61
CA GLU B 108 -11.18 10.81 10.74
C GLU B 108 -12.58 10.61 11.33
N GLN B 109 -13.30 9.61 10.84
CA GLN B 109 -14.67 9.33 11.28
C GLN B 109 -14.71 8.98 12.76
N VAL B 110 -13.77 8.12 13.14
CA VAL B 110 -13.62 7.61 14.50
C VAL B 110 -13.36 8.74 15.51
N MET B 111 -12.89 9.87 14.98
CA MET B 111 -12.46 11.01 15.76
C MET B 111 -13.61 11.96 16.15
N LYS B 112 -14.72 11.87 15.41
CA LYS B 112 -15.87 12.76 15.62
C LYS B 112 -16.38 12.70 17.06
N GLY B 113 -16.51 13.87 17.68
CA GLY B 113 -17.06 14.00 19.03
C GLY B 113 -16.18 13.49 20.16
N VAL B 114 -14.90 13.22 19.87
CA VAL B 114 -13.99 12.63 20.85
C VAL B 114 -13.24 13.67 21.68
N ASP B 115 -13.06 13.38 22.97
CA ASP B 115 -12.33 14.25 23.88
C ASP B 115 -10.89 13.80 24.07
N HIS B 116 -10.70 12.52 24.37
CA HIS B 116 -9.38 12.00 24.68
C HIS B 116 -8.99 10.84 23.77
N VAL B 117 -7.77 10.89 23.24
CA VAL B 117 -7.24 9.78 22.46
C VAL B 117 -6.22 8.98 23.25
N LEU B 118 -6.43 7.67 23.31
CA LEU B 118 -5.43 6.73 23.81
C LEU B 118 -5.04 5.82 22.64
N HIS B 119 -3.92 6.15 22.00
CA HIS B 119 -3.48 5.43 20.83
C HIS B 119 -2.61 4.24 21.21
N GLN B 120 -3.16 3.04 21.02
CA GLN B 120 -2.45 1.81 21.34
C GLN B 120 -2.28 0.89 20.12
N ALA B 121 -2.97 1.19 19.01
CA ALA B 121 -2.92 0.31 17.82
C ALA B 121 -1.56 0.33 17.13
N ALA B 122 -0.86 -0.81 17.22
CA ALA B 122 0.43 -1.00 16.58
C ALA B 122 0.73 -2.48 16.51
N LEU B 123 1.78 -2.83 15.77
CA LEU B 123 2.30 -4.19 15.78
C LEU B 123 3.61 -4.20 16.56
N GLY B 124 3.58 -4.83 17.74
CA GLY B 124 4.79 -4.99 18.55
C GLY B 124 5.66 -6.11 18.02
N SER B 125 6.59 -6.56 18.86
CA SER B 125 7.52 -7.66 18.54
C SER B 125 8.67 -7.24 17.65
N VAL B 126 9.86 -7.21 18.24
CA VAL B 126 11.08 -6.94 17.52
C VAL B 126 11.32 -7.97 16.40
N PRO B 127 11.21 -9.28 16.69
CA PRO B 127 11.35 -10.30 15.64
C PRO B 127 10.38 -10.14 14.47
N ARG B 128 9.13 -9.81 14.77
CA ARG B 128 8.15 -9.55 13.73
C ARG B 128 8.64 -8.51 12.73
N SER B 129 9.23 -7.43 13.24
CA SER B 129 9.66 -6.33 12.40
C SER B 129 10.91 -6.65 11.58
N ILE B 130 11.72 -7.59 12.07
CA ILE B 130 12.92 -8.05 11.34
C ILE B 130 12.51 -8.93 10.16
N VAL B 131 11.58 -9.85 10.38
CA VAL B 131 11.02 -10.69 9.30
C VAL B 131 10.20 -9.85 8.34
N ASP B 132 9.48 -8.87 8.88
CA ASP B 132 8.59 -8.05 8.08
C ASP B 132 8.58 -6.59 8.51
N PRO B 133 9.61 -5.81 8.13
CA PRO B 133 9.66 -4.39 8.50
C PRO B 133 8.63 -3.51 7.79
N ILE B 134 8.21 -3.90 6.59
CA ILE B 134 7.26 -3.12 5.79
C ILE B 134 5.84 -3.09 6.41
N THR B 135 5.40 -4.21 6.94
CA THR B 135 4.09 -4.25 7.57
C THR B 135 4.14 -3.54 8.93
N THR B 136 5.26 -3.68 9.63
CA THR B 136 5.49 -2.97 10.89
C THR B 136 5.51 -1.47 10.64
N ASN B 137 6.09 -1.07 9.53
CA ASN B 137 6.16 0.32 9.16
C ASN B 137 4.79 0.93 8.83
N ALA B 138 3.98 0.20 8.06
CA ALA B 138 2.66 0.68 7.65
C ALA B 138 1.74 1.05 8.82
N THR B 139 1.72 0.21 9.86
CA THR B 139 0.85 0.49 11.00
C THR B 139 1.51 1.42 12.01
N ASN B 140 2.76 1.11 12.38
CA ASN B 140 3.46 1.86 13.41
C ASN B 140 3.84 3.30 13.01
N ILE B 141 4.10 3.52 11.72
CA ILE B 141 4.41 4.86 11.22
C ILE B 141 3.23 5.50 10.49
N THR B 142 2.85 4.98 9.32
CA THR B 142 1.73 5.58 8.56
C THR B 142 0.52 5.68 9.47
N GLY B 143 0.09 4.53 10.00
CA GLY B 143 -1.03 4.46 10.93
C GLY B 143 -0.96 5.47 12.07
N PHE B 144 0.20 5.57 12.72
CA PHE B 144 0.35 6.52 13.82
C PHE B 144 0.08 7.96 13.38
N LEU B 145 0.66 8.33 12.24
CA LEU B 145 0.53 9.68 11.72
C LEU B 145 -0.91 9.96 11.28
N ASN B 146 -1.56 8.97 10.71
CA ASN B 146 -2.96 9.10 10.35
C ASN B 146 -3.76 9.58 11.55
N ILE B 147 -3.50 8.98 12.70
CA ILE B 147 -4.31 9.23 13.87
C ILE B 147 -4.03 10.51 14.64
N LEU B 148 -2.78 10.95 14.72
CA LEU B 148 -2.57 12.27 15.35
C LEU B 148 -2.97 13.40 14.44
N HIS B 149 -2.77 13.22 13.13
CA HIS B 149 -3.15 14.23 12.17
C HIS B 149 -4.67 14.44 12.24
N ALA B 150 -5.43 13.35 12.21
CA ALA B 150 -6.88 13.44 12.36
C ALA B 150 -7.25 14.01 13.73
N ALA B 151 -6.53 13.60 14.76
CA ALA B 151 -6.78 14.11 16.10
C ALA B 151 -6.53 15.61 16.19
N LYS B 152 -5.45 16.09 15.58
CA LYS B 152 -5.13 17.52 15.64
C LYS B 152 -6.07 18.35 14.79
N ASN B 153 -6.65 17.74 13.77
CA ASN B 153 -7.67 18.39 12.94
C ASN B 153 -9.01 18.45 13.66
N ALA B 154 -9.26 17.47 14.52
CA ALA B 154 -10.52 17.37 15.29
C ALA B 154 -10.53 18.30 16.50
N GLN B 155 -9.39 18.91 16.79
CA GLN B 155 -9.22 19.81 17.95
C GLN B 155 -9.56 19.13 19.29
N VAL B 156 -9.26 17.84 19.33
CA VAL B 156 -9.27 16.97 20.50
C VAL B 156 -8.61 17.61 21.74
N GLN B 157 -9.07 17.25 22.93
CA GLN B 157 -8.50 17.75 24.20
C GLN B 157 -7.13 17.20 24.58
N SER B 158 -6.92 15.91 24.34
CA SER B 158 -5.63 15.28 24.66
C SER B 158 -5.30 14.12 23.74
N PHE B 159 -4.01 13.90 23.59
CA PHE B 159 -3.53 12.83 22.72
C PHE B 159 -2.39 12.15 23.44
N THR B 160 -2.61 10.89 23.80
CA THR B 160 -1.55 10.11 24.41
C THR B 160 -1.36 8.81 23.65
N TYR B 161 -0.09 8.47 23.37
CA TYR B 161 0.21 7.32 22.53
C TYR B 161 1.23 6.39 23.19
N ALA B 162 1.26 5.16 22.69
CA ALA B 162 2.14 4.14 23.20
C ALA B 162 3.51 4.23 22.53
N ALA B 163 4.51 4.65 23.30
CA ALA B 163 5.90 4.64 22.88
C ALA B 163 6.54 3.38 23.47
N SER B 164 7.85 3.22 23.30
CA SER B 164 8.52 1.99 23.76
C SER B 164 9.86 2.21 24.45
N SER B 165 10.14 1.36 25.43
CA SER B 165 11.42 1.34 26.12
C SER B 165 12.54 0.89 25.17
N SER B 166 12.17 0.43 23.98
CA SER B 166 13.14 0.02 22.96
C SER B 166 13.94 1.20 22.41
N THR B 167 13.35 2.39 22.51
CA THR B 167 13.94 3.63 21.99
C THR B 167 15.31 3.93 22.61
N TYR B 168 15.52 3.46 23.83
CA TYR B 168 16.82 3.57 24.49
C TYR B 168 17.88 2.84 23.70
N GLY B 169 17.49 1.76 23.03
CA GLY B 169 18.38 1.05 22.13
C GLY B 169 19.67 0.59 22.79
N ASP B 170 20.79 1.09 22.28
CA ASP B 170 22.11 0.64 22.70
C ASP B 170 22.74 1.53 23.78
N HIS B 171 22.00 2.51 24.29
CA HIS B 171 22.49 3.35 25.38
C HIS B 171 22.68 2.55 26.67
N PRO B 172 23.93 2.48 27.16
CA PRO B 172 24.26 1.57 28.26
C PRO B 172 23.85 2.07 29.65
N ALA B 173 23.66 3.38 29.82
CA ALA B 173 23.42 3.97 31.14
C ALA B 173 22.19 3.40 31.85
N LEU B 174 22.31 3.27 33.18
CA LEU B 174 21.28 2.74 34.04
C LEU B 174 21.21 3.53 35.35
N PRO B 175 19.99 3.87 35.81
CA PRO B 175 18.69 3.60 35.20
C PRO B 175 18.43 4.45 33.95
N LYS B 176 17.36 4.15 33.21
CA LYS B 176 17.07 4.84 31.96
C LYS B 176 16.28 6.14 32.15
N VAL B 177 16.87 7.24 31.71
CA VAL B 177 16.26 8.57 31.81
C VAL B 177 15.80 9.05 30.43
N GLU B 178 14.63 9.66 30.38
CA GLU B 178 13.99 10.07 29.12
C GLU B 178 14.92 10.80 28.16
N GLU B 179 15.69 11.75 28.69
CA GLU B 179 16.53 12.63 27.87
C GLU B 179 17.71 11.89 27.20
N ASN B 180 18.14 10.77 27.78
CA ASN B 180 19.31 10.01 27.32
C ASN B 180 18.99 8.76 26.49
N ILE B 181 19.14 8.91 25.18
CA ILE B 181 18.67 7.95 24.17
C ILE B 181 19.85 7.42 23.36
N GLY B 182 19.71 6.22 22.81
CA GLY B 182 20.75 5.61 21.97
C GLY B 182 20.33 5.30 20.54
N ASN B 183 21.15 4.49 19.86
CA ASN B 183 20.85 4.04 18.51
C ASN B 183 19.86 2.88 18.55
N PRO B 184 18.79 2.97 17.74
CA PRO B 184 17.74 1.94 17.69
C PRO B 184 18.28 0.65 17.11
N LEU B 185 17.86 -0.48 17.66
CA LEU B 185 18.48 -1.75 17.33
C LEU B 185 17.62 -2.66 16.43
N SER B 186 16.43 -2.19 16.04
CA SER B 186 15.53 -2.98 15.21
C SER B 186 14.52 -2.11 14.45
N PRO B 187 14.00 -2.64 13.30
CA PRO B 187 12.97 -1.89 12.59
C PRO B 187 11.81 -1.45 13.49
N TYR B 188 11.39 -2.31 14.43
CA TYR B 188 10.35 -1.93 15.39
C TYR B 188 10.77 -0.73 16.23
N ALA B 189 12.01 -0.73 16.70
CA ALA B 189 12.50 0.35 17.55
C ALA B 189 12.49 1.67 16.81
N VAL B 190 12.72 1.62 15.50
CA VAL B 190 12.66 2.81 14.64
C VAL B 190 11.27 3.42 14.66
N THR B 191 10.24 2.61 14.40
CA THR B 191 8.86 3.09 14.29
C THR B 191 8.39 3.79 15.55
N LYS B 192 8.85 3.30 16.70
CA LYS B 192 8.43 3.83 17.98
C LYS B 192 9.14 5.14 18.32
N TYR B 193 10.39 5.27 17.89
CA TYR B 193 11.11 6.52 18.04
C TYR B 193 10.50 7.59 17.12
N VAL B 194 10.17 7.18 15.90
CA VAL B 194 9.54 8.07 14.92
C VAL B 194 8.23 8.65 15.44
N ASN B 195 7.46 7.85 16.18
CA ASN B 195 6.24 8.34 16.82
C ASN B 195 6.48 9.56 17.70
N GLU B 196 7.61 9.56 18.40
CA GLU B 196 7.97 10.66 19.28
C GLU B 196 8.36 11.89 18.47
N ILE B 197 9.09 11.67 17.39
CA ILE B 197 9.61 12.77 16.57
C ILE B 197 8.47 13.49 15.84
N TYR B 198 7.55 12.72 15.28
CA TYR B 198 6.35 13.30 14.66
C TYR B 198 5.52 14.06 15.68
N ALA B 199 5.35 13.47 16.85
CA ALA B 199 4.60 14.09 17.93
C ALA B 199 5.23 15.43 18.30
N GLN B 200 6.56 15.46 18.35
CA GLN B 200 7.28 16.69 18.71
C GLN B 200 7.14 17.76 17.63
N VAL B 201 7.18 17.32 16.37
CA VAL B 201 7.04 18.20 15.22
C VAL B 201 5.62 18.78 15.12
N TYR B 202 4.61 17.96 15.40
CA TYR B 202 3.22 18.45 15.49
C TYR B 202 3.00 19.52 16.56
N ALA B 203 3.69 19.37 17.69
CA ALA B 203 3.67 20.42 18.72
C ALA B 203 4.35 21.67 18.18
N ARG B 204 5.45 21.48 17.45
CA ARG B 204 6.25 22.59 16.97
C ARG B 204 5.56 23.38 15.86
N THR B 205 5.00 22.68 14.87
CA THR B 205 4.44 23.31 13.69
C THR B 205 2.93 23.60 13.75
N TYR B 206 2.16 22.81 14.50
CA TYR B 206 0.72 23.04 14.61
C TYR B 206 0.25 23.46 16.01
N GLY B 207 1.15 23.45 16.99
CA GLY B 207 0.78 23.79 18.37
C GLY B 207 -0.01 22.71 19.12
N PHE B 208 -0.13 21.53 18.50
CA PHE B 208 -0.88 20.41 19.06
C PHE B 208 0.02 19.52 19.92
N LYS B 209 -0.15 19.61 21.24
CA LYS B 209 0.78 18.97 22.19
C LYS B 209 0.27 17.65 22.72
N THR B 210 1.14 16.64 22.68
CA THR B 210 0.78 15.26 23.00
C THR B 210 1.69 14.70 24.10
N ILE B 211 1.36 13.52 24.61
CA ILE B 211 2.24 12.79 25.52
C ILE B 211 2.55 11.41 24.93
N GLY B 212 3.82 11.05 24.95
CA GLY B 212 4.26 9.72 24.55
C GLY B 212 4.71 8.95 25.78
N LEU B 213 4.25 7.70 25.88
CA LEU B 213 4.53 6.87 27.04
C LEU B 213 5.39 5.69 26.66
N ARG B 214 6.65 5.76 27.04
CA ARG B 214 7.58 4.67 26.80
C ARG B 214 7.26 3.53 27.74
N TYR B 215 6.48 2.57 27.26
CA TYR B 215 6.19 1.37 28.04
C TYR B 215 7.44 0.50 28.19
N PHE B 216 7.59 -0.09 29.36
CA PHE B 216 8.66 -1.03 29.66
C PHE B 216 8.07 -2.42 29.89
N ASN B 217 8.10 -3.29 28.88
CA ASN B 217 7.69 -4.69 29.05
C ASN B 217 6.45 -4.92 29.93
N VAL B 218 5.28 -4.66 29.36
CA VAL B 218 4.03 -4.72 30.10
C VAL B 218 3.49 -6.15 30.11
N PHE B 219 2.96 -6.56 31.25
CA PHE B 219 2.37 -7.89 31.40
C PHE B 219 1.08 -7.82 32.23
N GLY B 220 0.28 -8.89 32.17
CA GLY B 220 -0.98 -8.97 32.89
C GLY B 220 -2.06 -9.69 32.12
N ARG B 221 -3.29 -9.65 32.64
CA ARG B 221 -4.44 -10.30 32.02
C ARG B 221 -4.65 -9.88 30.57
N ARG B 222 -4.89 -10.87 29.71
CA ARG B 222 -5.19 -10.70 28.28
C ARG B 222 -4.00 -10.37 27.36
N GLN B 223 -2.78 -10.53 27.86
CA GLN B 223 -1.61 -10.50 26.99
C GLN B 223 -1.52 -11.85 26.26
N ASP B 224 -1.58 -11.80 24.93
CA ASP B 224 -1.69 -13.01 24.10
C ASP B 224 -0.50 -13.98 24.24
N PRO B 225 -0.79 -15.24 24.66
CA PRO B 225 0.25 -16.28 24.68
C PRO B 225 0.42 -17.05 23.36
N ASN B 226 -0.56 -16.94 22.46
CA ASN B 226 -0.52 -17.68 21.19
C ASN B 226 0.33 -16.99 20.12
N GLY B 227 0.77 -17.75 19.13
CA GLY B 227 1.55 -17.23 18.02
C GLY B 227 3.04 -17.12 18.29
N ALA B 228 3.81 -17.04 17.22
CA ALA B 228 5.28 -16.99 17.29
C ALA B 228 5.83 -15.69 17.88
N TYR B 229 4.95 -14.74 18.18
CA TYR B 229 5.39 -13.42 18.64
C TYR B 229 5.08 -13.10 20.09
N ALA B 230 4.55 -14.09 20.83
CA ALA B 230 4.16 -13.90 22.23
C ALA B 230 5.32 -13.41 23.09
N ALA B 231 5.00 -12.51 24.02
CA ALA B 231 6.01 -11.94 24.93
C ALA B 231 6.44 -12.98 25.95
N VAL B 232 7.55 -12.74 26.65
CA VAL B 232 8.12 -13.75 27.57
C VAL B 232 7.08 -14.33 28.49
N ILE B 233 6.48 -13.47 29.31
CA ILE B 233 5.64 -13.91 30.41
C ILE B 233 4.50 -14.82 29.94
N PRO B 234 3.63 -14.34 29.03
CA PRO B 234 2.58 -15.27 28.63
C PRO B 234 3.10 -16.54 27.98
N LYS B 235 4.13 -16.42 27.14
CA LYS B 235 4.72 -17.56 26.43
C LYS B 235 5.32 -18.58 27.40
N TRP B 236 6.07 -18.08 28.38
CA TRP B 236 6.71 -18.88 29.40
C TRP B 236 5.73 -19.55 30.35
N THR B 237 4.65 -18.87 30.72
CA THR B 237 3.67 -19.53 31.60
C THR B 237 2.89 -20.60 30.82
N ALA B 238 2.56 -20.30 29.56
CA ALA B 238 1.89 -21.24 28.67
C ALA B 238 2.66 -22.55 28.47
N ALA B 239 3.99 -22.44 28.37
CA ALA B 239 4.84 -23.61 28.17
C ALA B 239 5.04 -24.39 29.47
N MET B 240 5.15 -23.67 30.59
CA MET B 240 5.23 -24.32 31.90
C MET B 240 3.95 -25.09 32.19
N LEU B 241 2.81 -24.47 31.86
CA LEU B 241 1.50 -25.08 32.05
C LEU B 241 1.28 -26.35 31.23
N LYS B 242 1.89 -26.43 30.05
CA LYS B 242 1.71 -27.61 29.19
C LYS B 242 2.94 -28.53 29.11
N GLY B 243 4.02 -28.14 29.79
CA GLY B 243 5.23 -28.97 29.84
C GLY B 243 6.18 -28.86 28.67
N ASP B 244 5.88 -27.98 27.71
CA ASP B 244 6.79 -27.67 26.60
C ASP B 244 8.08 -27.04 27.12
N ASP B 245 9.14 -27.07 26.31
CA ASP B 245 10.42 -26.48 26.70
C ASP B 245 10.28 -24.97 26.94
N VAL B 246 10.96 -24.47 27.97
CA VAL B 246 11.07 -23.03 28.22
C VAL B 246 12.46 -22.58 27.71
N TYR B 247 12.49 -21.48 26.96
CA TYR B 247 13.73 -21.03 26.34
C TYR B 247 14.24 -19.68 26.83
N ILE B 248 15.52 -19.63 27.15
CA ILE B 248 16.18 -18.36 27.45
C ILE B 248 17.11 -18.01 26.29
N ASN B 249 16.88 -16.83 25.70
CA ASN B 249 17.69 -16.31 24.62
C ASN B 249 18.92 -15.60 25.17
N GLY B 250 20.05 -16.31 25.21
CA GLY B 250 21.32 -15.75 25.68
C GLY B 250 21.84 -16.35 26.99
N ASP B 251 22.37 -15.50 27.85
CA ASP B 251 22.93 -15.94 29.13
C ASP B 251 21.90 -15.96 30.27
N GLY B 252 20.78 -15.27 30.05
CA GLY B 252 19.73 -15.14 31.05
C GLY B 252 19.95 -13.94 31.96
N GLU B 253 21.03 -13.22 31.72
CA GLU B 253 21.37 -12.03 32.50
C GLU B 253 20.80 -10.74 31.89
N THR B 254 20.33 -10.82 30.65
CA THR B 254 19.66 -9.69 30.02
C THR B 254 18.44 -9.39 30.91
N SER B 255 18.19 -8.10 31.16
CA SER B 255 17.25 -7.70 32.21
C SER B 255 16.20 -6.67 31.76
N ARG B 256 15.09 -6.63 32.48
CA ARG B 256 13.93 -5.81 32.10
C ARG B 256 13.28 -5.15 33.31
N ASP B 257 12.47 -4.13 33.04
CA ASP B 257 11.61 -3.52 34.05
C ASP B 257 10.16 -3.91 33.78
N PHE B 258 9.79 -5.11 34.20
CA PHE B 258 8.43 -5.62 34.00
C PHE B 258 7.40 -4.78 34.73
N CYS B 259 6.43 -4.30 33.96
CA CYS B 259 5.44 -3.34 34.43
C CYS B 259 4.05 -3.92 34.31
N TYR B 260 3.40 -4.13 35.46
CA TYR B 260 2.04 -4.66 35.51
C TYR B 260 1.05 -3.65 34.93
N ILE B 261 0.02 -4.16 34.25
CA ILE B 261 -0.93 -3.34 33.47
C ILE B 261 -1.50 -2.18 34.24
N ASP B 262 -1.91 -2.42 35.48
CA ASP B 262 -2.57 -1.39 36.29
C ASP B 262 -1.76 -0.09 36.36
N ASN B 263 -0.43 -0.21 36.26
CA ASN B 263 0.45 0.95 36.24
C ASN B 263 0.32 1.75 34.94
N VAL B 264 0.12 1.03 33.83
CA VAL B 264 0.03 1.62 32.51
C VAL B 264 -1.32 2.32 32.37
N ILE B 265 -2.38 1.63 32.75
CA ILE B 265 -3.71 2.21 32.79
C ILE B 265 -3.61 3.55 33.54
N GLN B 266 -2.97 3.55 34.70
CA GLN B 266 -2.79 4.75 35.51
C GLN B 266 -2.18 5.91 34.71
N MET B 267 -1.05 5.63 34.05
CA MET B 267 -0.32 6.62 33.28
C MET B 267 -1.17 7.19 32.15
N ASN B 268 -1.85 6.30 31.42
CA ASN B 268 -2.74 6.73 30.34
C ASN B 268 -3.75 7.77 30.80
N ILE B 269 -4.37 7.51 31.94
CA ILE B 269 -5.40 8.40 32.46
C ILE B 269 -4.79 9.67 33.05
N LEU B 270 -3.68 9.53 33.76
CA LEU B 270 -2.92 10.69 34.24
C LEU B 270 -2.54 11.61 33.10
N SER B 271 -2.18 11.00 31.97
CA SER B 271 -1.71 11.74 30.80
C SER B 271 -2.83 12.38 29.99
N ALA B 272 -3.97 11.69 29.89
CA ALA B 272 -5.13 12.24 29.20
C ALA B 272 -5.59 13.53 29.87
N LEU B 273 -5.43 13.60 31.18
CA LEU B 273 -5.96 14.73 31.95
C LEU B 273 -4.87 15.62 32.51
N ALA B 274 -3.70 15.59 31.88
CA ALA B 274 -2.56 16.39 32.28
C ALA B 274 -2.81 17.87 32.01
N LYS B 275 -2.21 18.73 32.83
CA LYS B 275 -2.14 20.16 32.55
C LYS B 275 -1.25 20.39 31.32
N ASP B 276 -1.55 21.45 30.56
CA ASP B 276 -0.82 21.78 29.33
C ASP B 276 0.72 21.78 29.46
N SER B 277 1.24 22.31 30.57
CA SER B 277 2.69 22.35 30.83
C SER B 277 3.35 20.97 30.89
N ALA B 278 2.55 19.94 31.19
CA ALA B 278 3.02 18.56 31.26
C ALA B 278 2.94 17.82 29.91
N LYS B 279 2.38 18.49 28.90
CA LYS B 279 2.28 17.90 27.55
C LYS B 279 3.54 18.17 26.72
N ASP B 280 3.52 17.74 25.46
CA ASP B 280 4.74 17.62 24.61
C ASP B 280 5.91 17.07 25.44
N ASN B 281 5.71 15.87 25.95
CA ASN B 281 6.66 15.24 26.85
C ASN B 281 6.60 13.73 26.74
N ILE B 282 7.75 13.11 26.97
CA ILE B 282 7.86 11.66 26.94
C ILE B 282 8.14 11.16 28.35
N TYR B 283 7.48 10.06 28.72
CA TYR B 283 7.61 9.49 30.05
C TYR B 283 7.87 7.99 30.01
N ASN B 284 8.87 7.55 30.77
CA ASN B 284 9.01 6.14 31.11
C ASN B 284 7.82 5.70 31.94
N VAL B 285 7.17 4.62 31.51
CA VAL B 285 6.11 3.99 32.28
C VAL B 285 6.62 2.62 32.70
N ALA B 286 6.92 2.51 33.99
CA ALA B 286 7.55 1.34 34.58
C ALA B 286 7.48 1.43 36.11
N VAL B 287 8.22 0.54 36.78
CA VAL B 287 8.19 0.42 38.22
C VAL B 287 9.55 0.79 38.83
N GLY B 288 10.60 0.68 38.04
CA GLY B 288 11.94 1.05 38.48
C GLY B 288 12.77 -0.13 38.96
N ASP B 289 12.26 -1.34 38.72
CA ASP B 289 12.93 -2.56 39.16
C ASP B 289 13.59 -3.27 37.98
N ARG B 290 14.74 -3.86 38.24
CA ARG B 290 15.52 -4.57 37.25
C ARG B 290 15.51 -6.04 37.64
N THR B 291 14.95 -6.88 36.77
CA THR B 291 14.91 -8.32 37.04
C THR B 291 15.33 -9.10 35.78
N THR B 292 16.26 -10.04 35.97
CA THR B 292 16.83 -10.82 34.86
C THR B 292 15.87 -11.90 34.36
N LEU B 293 16.16 -12.44 33.17
CA LEU B 293 15.37 -13.54 32.62
C LEU B 293 15.52 -14.83 33.43
N ASN B 294 16.71 -15.07 34.00
CA ASN B 294 16.92 -16.19 34.92
C ASN B 294 15.96 -16.13 36.11
N GLU B 295 15.97 -15.00 36.81
CA GLU B 295 15.06 -14.73 37.92
C GLU B 295 13.59 -14.84 37.54
N LEU B 296 13.23 -14.35 36.36
CA LEU B 296 11.83 -14.39 35.92
C LEU B 296 11.29 -15.81 35.85
N SER B 297 12.05 -16.71 35.23
CA SER B 297 11.64 -18.12 35.12
C SER B 297 11.32 -18.68 36.51
N GLY B 298 12.19 -18.38 37.46
CA GLY B 298 12.01 -18.79 38.85
C GLY B 298 10.78 -18.18 39.48
N TYR B 299 10.51 -16.92 39.14
CA TYR B 299 9.35 -16.21 39.69
C TYR B 299 8.04 -16.77 39.16
N ILE B 300 8.01 -17.06 37.86
CA ILE B 300 6.81 -17.59 37.20
C ILE B 300 6.52 -19.00 37.67
N TYR B 301 7.56 -19.83 37.70
CA TYR B 301 7.46 -21.21 38.19
C TYR B 301 6.92 -21.25 39.62
N ASP B 302 7.48 -20.43 40.50
CA ASP B 302 7.05 -20.37 41.90
C ASP B 302 5.57 -20.01 42.04
N GLU B 303 5.17 -18.92 41.37
CA GLU B 303 3.80 -18.40 41.47
C GLU B 303 2.77 -19.35 40.87
N LEU B 304 3.20 -20.14 39.89
CA LEU B 304 2.34 -21.18 39.32
C LEU B 304 2.16 -22.37 40.26
N ASN B 305 3.25 -22.78 40.92
CA ASN B 305 3.20 -23.87 41.89
C ASN B 305 2.14 -23.70 42.98
N LEU B 306 2.04 -22.49 43.52
CA LEU B 306 1.09 -22.19 44.59
C LEU B 306 -0.36 -22.37 44.14
N ILE B 307 -0.56 -22.37 42.83
CA ILE B 307 -1.87 -22.69 42.25
C ILE B 307 -1.89 -24.15 41.79
N HIS B 308 -1.63 -25.04 42.75
CA HIS B 308 -1.79 -26.51 42.66
C HIS B 308 -1.36 -27.16 41.33
N HIS B 309 -0.19 -26.74 40.83
CA HIS B 309 0.33 -27.23 39.55
C HIS B 309 1.82 -27.61 39.68
N ILE B 315 13.75 -25.89 30.83
CA ILE B 315 14.55 -24.67 30.69
C ILE B 315 15.85 -24.90 29.91
N LYS B 316 15.87 -24.41 28.68
CA LYS B 316 16.99 -24.57 27.74
C LYS B 316 17.60 -23.21 27.37
N TYR B 317 18.92 -23.15 27.26
CA TYR B 317 19.59 -21.92 26.85
C TYR B 317 19.98 -21.96 25.37
N ARG B 318 19.55 -20.94 24.61
CA ARG B 318 19.96 -20.75 23.23
C ARG B 318 20.55 -19.36 22.99
N GLU B 319 20.91 -19.07 21.75
CA GLU B 319 21.59 -17.82 21.40
C GLU B 319 20.68 -16.59 21.57
N PHE B 320 21.30 -15.45 21.89
CA PHE B 320 20.63 -14.15 22.03
C PHE B 320 19.69 -13.84 20.86
N ARG B 321 18.56 -13.21 21.16
CA ARG B 321 17.66 -12.69 20.12
C ARG B 321 18.31 -11.48 19.44
N SER B 322 18.37 -11.48 18.11
CA SER B 322 19.02 -10.40 17.37
C SER B 322 18.25 -9.07 17.52
N GLY B 323 19.01 -7.97 17.58
CA GLY B 323 18.43 -6.64 17.79
C GLY B 323 17.73 -6.51 19.13
N ASP B 324 18.28 -7.18 20.15
CA ASP B 324 17.68 -7.18 21.47
C ASP B 324 18.35 -6.16 22.39
N VAL B 325 17.52 -5.46 23.16
CA VAL B 325 18.01 -4.55 24.18
C VAL B 325 18.51 -5.40 25.32
N ARG B 326 19.71 -5.06 25.82
CA ARG B 326 20.39 -5.88 26.82
C ARG B 326 19.88 -5.64 28.26
N HIS B 327 20.05 -4.42 28.78
CA HIS B 327 19.59 -4.10 30.13
C HIS B 327 18.62 -2.94 30.14
N SER B 328 17.50 -3.12 30.83
CA SER B 328 16.46 -2.12 30.90
C SER B 328 15.94 -1.93 32.35
N GLN B 329 16.00 -0.69 32.82
CA GLN B 329 15.54 -0.32 34.15
C GLN B 329 15.15 1.15 34.09
N ALA B 330 13.89 1.44 34.42
CA ALA B 330 13.38 2.79 34.26
C ALA B 330 13.69 3.66 35.46
N ASP B 331 14.08 4.90 35.17
CA ASP B 331 13.97 5.99 36.13
C ASP B 331 12.59 6.62 35.88
N VAL B 332 11.76 6.61 36.92
CA VAL B 332 10.37 7.00 36.81
C VAL B 332 10.13 8.34 37.52
N THR B 333 11.21 9.03 37.88
CA THR B 333 11.11 10.30 38.59
C THR B 333 10.34 11.39 37.84
N LYS B 334 10.54 11.47 36.53
CA LYS B 334 9.79 12.41 35.70
C LYS B 334 8.26 12.22 35.85
N ALA B 335 7.80 11.00 35.65
CA ALA B 335 6.37 10.67 35.80
C ALA B 335 5.82 11.00 37.19
N ILE B 336 6.52 10.58 38.24
CA ILE B 336 6.15 10.90 39.62
C ILE B 336 6.00 12.42 39.82
N ASP B 337 6.98 13.18 39.34
CA ASP B 337 7.02 14.61 39.58
C ASP B 337 5.96 15.40 38.80
N LEU B 338 5.88 15.14 37.50
CA LEU B 338 5.04 15.94 36.61
C LEU B 338 3.60 15.45 36.49
N LEU B 339 3.40 14.14 36.51
CA LEU B 339 2.05 13.56 36.37
C LEU B 339 1.47 13.07 37.70
N LYS B 340 2.31 13.03 38.73
CA LYS B 340 1.93 12.57 40.07
C LYS B 340 1.61 11.07 40.06
N TYR B 341 2.41 10.35 39.28
CA TYR B 341 2.33 8.90 39.13
C TYR B 341 2.83 8.20 40.40
N ARG B 342 2.17 7.09 40.73
CA ARG B 342 2.59 6.24 41.83
C ARG B 342 2.74 4.82 41.29
N PRO B 343 3.99 4.39 41.03
CA PRO B 343 4.17 3.00 40.62
C PRO B 343 3.72 2.11 41.77
N ASN B 344 2.71 1.29 41.53
CA ASN B 344 2.09 0.55 42.61
C ASN B 344 2.52 -0.91 42.66
N ILE B 345 1.96 -1.71 41.77
CA ILE B 345 2.23 -3.14 41.72
C ILE B 345 3.62 -3.46 41.14
N LYS B 346 4.38 -4.27 41.86
CA LYS B 346 5.69 -4.75 41.41
C LYS B 346 5.59 -6.15 40.81
N ILE B 347 6.69 -6.62 40.23
CA ILE B 347 6.74 -7.89 39.46
C ILE B 347 6.05 -9.06 40.14
N ARG B 348 6.49 -9.38 41.35
CA ARG B 348 6.02 -10.57 42.08
C ARG B 348 4.52 -10.53 42.40
N GLU B 349 4.02 -9.40 42.90
CA GLU B 349 2.58 -9.29 43.18
C GLU B 349 1.73 -9.12 41.91
N GLY B 350 2.38 -8.72 40.81
CA GLY B 350 1.73 -8.66 39.50
C GLY B 350 1.59 -10.05 38.90
N LEU B 351 2.66 -10.84 38.99
CA LEU B 351 2.65 -12.23 38.54
C LEU B 351 1.57 -13.05 39.26
N ARG B 352 1.45 -12.82 40.57
CA ARG B 352 0.44 -13.48 41.42
C ARG B 352 -1.00 -13.13 40.99
N LEU B 353 -1.20 -11.88 40.58
CA LEU B 353 -2.51 -11.45 40.09
C LEU B 353 -2.82 -11.95 38.67
N SER B 354 -1.78 -12.24 37.90
CA SER B 354 -1.91 -12.61 36.49
C SER B 354 -2.07 -14.11 36.26
N MET B 355 -1.29 -14.93 36.98
CA MET B 355 -1.31 -16.38 36.81
C MET B 355 -2.71 -17.03 36.82
N PRO B 356 -3.55 -16.70 37.83
CA PRO B 356 -4.92 -17.26 37.82
C PRO B 356 -5.67 -16.98 36.51
N TRP B 357 -5.41 -15.84 35.89
CA TRP B 357 -6.04 -15.53 34.61
C TRP B 357 -5.56 -16.50 33.53
N TYR B 358 -4.28 -16.83 33.55
CA TYR B 358 -3.70 -17.70 32.53
C TYR B 358 -4.09 -19.16 32.66
N VAL B 359 -4.21 -19.64 33.89
CA VAL B 359 -4.68 -21.01 34.18
C VAL B 359 -6.10 -21.21 33.63
N ARG B 360 -7.00 -20.28 33.97
CA ARG B 360 -8.39 -20.36 33.53
C ARG B 360 -8.51 -20.22 32.02
N PHE B 361 -7.63 -19.43 31.43
CA PHE B 361 -7.68 -19.12 29.99
C PHE B 361 -7.18 -20.27 29.13
N LEU B 362 -6.19 -21.00 29.61
CA LEU B 362 -5.55 -22.06 28.81
C LEU B 362 -6.13 -23.47 29.01
N LYS B 363 -6.96 -23.66 30.03
CA LYS B 363 -7.56 -24.98 30.33
C LYS B 363 -8.45 -25.52 29.19
N SER C 25 -12.36 -14.71 -0.35
CA SER C 25 -12.33 -13.66 0.71
C SER C 25 -12.02 -14.27 2.07
N ARG C 26 -12.63 -15.42 2.37
CA ARG C 26 -12.39 -16.15 3.62
C ARG C 26 -10.94 -16.63 3.68
N TYR C 27 -10.43 -17.12 2.55
CA TYR C 27 -9.03 -17.52 2.43
C TYR C 27 -8.09 -16.35 2.67
N GLU C 28 -8.40 -15.21 2.05
CA GLU C 28 -7.62 -13.99 2.24
C GLU C 28 -7.76 -13.46 3.66
N GLU C 29 -8.93 -13.62 4.24
CA GLU C 29 -9.17 -13.27 5.64
C GLU C 29 -8.26 -14.12 6.53
N ILE C 30 -8.23 -15.41 6.25
CA ILE C 30 -7.43 -16.38 7.02
C ILE C 30 -5.93 -16.10 6.91
N THR C 31 -5.45 -15.88 5.68
CA THR C 31 -4.02 -15.70 5.42
C THR C 31 -3.45 -14.46 6.12
N GLN C 32 -4.28 -13.43 6.28
CA GLN C 32 -3.89 -12.21 7.01
C GLN C 32 -3.70 -12.48 8.50
N GLN C 33 -4.65 -13.16 9.12
CA GLN C 33 -4.53 -13.53 10.53
C GLN C 33 -3.30 -14.40 10.80
N LEU C 34 -2.93 -15.20 9.81
CA LEU C 34 -1.72 -16.03 9.87
C LEU C 34 -0.43 -15.19 9.90
N ILE C 35 -0.39 -14.14 9.09
CA ILE C 35 0.73 -13.18 9.07
C ILE C 35 0.92 -12.51 10.44
N PHE C 36 -0.19 -12.22 11.12
CA PHE C 36 -0.18 -11.45 12.36
C PHE C 36 0.15 -12.29 13.60
N SER C 37 -0.34 -13.54 13.62
CA SER C 37 0.02 -14.49 14.69
C SER C 37 0.45 -15.81 14.06
N PRO C 38 1.70 -15.87 13.57
CA PRO C 38 2.19 -17.07 12.87
C PRO C 38 2.17 -18.33 13.72
N LYS C 39 1.81 -19.44 13.08
CA LYS C 39 1.74 -20.71 13.76
C LYS C 39 2.86 -21.61 13.28
N THR C 40 3.05 -22.72 13.98
CA THR C 40 4.02 -23.72 13.57
C THR C 40 3.32 -24.82 12.75
N TRP C 41 3.86 -25.04 11.56
CA TRP C 41 3.31 -26.02 10.63
C TRP C 41 4.30 -27.14 10.41
N LEU C 42 3.79 -28.36 10.32
CA LEU C 42 4.59 -29.50 9.90
C LEU C 42 4.15 -29.89 8.51
N ILE C 43 5.08 -29.84 7.56
CA ILE C 43 4.83 -30.35 6.22
C ILE C 43 5.63 -31.61 5.97
N THR C 44 4.91 -32.72 5.77
CA THR C 44 5.54 -33.97 5.34
C THR C 44 5.44 -33.97 3.83
N GLY C 45 6.50 -34.42 3.17
CA GLY C 45 6.54 -34.38 1.71
C GLY C 45 6.83 -32.98 1.21
N VAL C 46 7.62 -32.24 2.01
CA VAL C 46 7.89 -30.82 1.80
C VAL C 46 8.79 -30.54 0.57
N ALA C 47 9.57 -31.54 0.17
CA ALA C 47 10.45 -31.41 -0.99
C ALA C 47 9.78 -31.83 -2.29
N GLY C 48 8.49 -32.18 -2.22
CA GLY C 48 7.75 -32.65 -3.37
C GLY C 48 6.94 -31.55 -4.03
N PHE C 49 6.23 -31.90 -5.09
CA PHE C 49 5.42 -30.95 -5.84
C PHE C 49 4.50 -30.11 -4.95
N ILE C 50 3.52 -30.74 -4.33
CA ILE C 50 2.51 -30.01 -3.56
C ILE C 50 3.12 -29.43 -2.28
N GLY C 51 3.90 -30.24 -1.57
CA GLY C 51 4.54 -29.82 -0.33
C GLY C 51 5.40 -28.58 -0.45
N SER C 52 6.20 -28.51 -1.51
CA SER C 52 7.08 -27.35 -1.74
C SER C 52 6.29 -26.09 -2.08
N ASN C 53 5.17 -26.28 -2.79
CA ASN C 53 4.25 -25.18 -3.08
C ASN C 53 3.59 -24.64 -1.81
N LEU C 54 3.27 -25.55 -0.89
CA LEU C 54 2.74 -25.16 0.42
C LEU C 54 3.80 -24.45 1.25
N LEU C 55 5.04 -24.90 1.11
CA LEU C 55 6.16 -24.30 1.82
C LEU C 55 6.32 -22.84 1.43
N GLU C 56 6.51 -22.60 0.13
CA GLU C 56 6.60 -21.26 -0.44
C GLU C 56 5.50 -20.32 0.06
N LYS C 57 4.25 -20.79 0.07
CA LYS C 57 3.14 -19.98 0.56
C LYS C 57 3.26 -19.66 2.05
N LEU C 58 3.50 -20.69 2.85
CA LEU C 58 3.59 -20.54 4.30
C LEU C 58 4.75 -19.64 4.71
N LEU C 59 5.88 -19.79 4.01
CA LEU C 59 7.05 -18.96 4.26
C LEU C 59 6.81 -17.50 3.88
N LYS C 60 6.07 -17.28 2.78
CA LYS C 60 5.63 -15.94 2.40
C LYS C 60 4.68 -15.32 3.43
N LEU C 61 4.11 -16.17 4.30
CA LEU C 61 3.23 -15.71 5.38
C LEU C 61 3.95 -15.65 6.73
N ASN C 62 5.28 -15.74 6.68
CA ASN C 62 6.11 -15.60 7.88
C ASN C 62 5.83 -16.68 8.93
N GLN C 63 5.34 -17.82 8.45
CA GLN C 63 5.02 -18.97 9.31
C GLN C 63 6.28 -19.70 9.73
N VAL C 64 6.26 -20.22 10.95
CA VAL C 64 7.31 -21.14 11.39
C VAL C 64 6.96 -22.49 10.81
N VAL C 65 7.89 -23.07 10.06
CA VAL C 65 7.60 -24.29 9.33
C VAL C 65 8.62 -25.35 9.63
N ILE C 66 8.13 -26.54 9.94
CA ILE C 66 8.98 -27.72 10.06
C ILE C 66 8.70 -28.65 8.89
N GLY C 67 9.77 -29.10 8.23
CA GLY C 67 9.63 -29.90 7.03
C GLY C 67 10.29 -31.25 7.16
N LEU C 68 9.61 -32.27 6.63
CA LEU C 68 10.10 -33.64 6.69
C LEU C 68 10.04 -34.26 5.31
N ASP C 69 11.18 -34.76 4.84
CA ASP C 69 11.23 -35.47 3.56
C ASP C 69 12.37 -36.46 3.52
N ASN C 70 12.20 -37.53 2.75
CA ASN C 70 13.24 -38.55 2.62
C ASN C 70 13.95 -38.50 1.28
N PHE C 71 13.61 -37.48 0.48
CA PHE C 71 14.08 -37.30 -0.90
C PHE C 71 13.91 -38.55 -1.77
N SER C 72 12.77 -39.21 -1.62
CA SER C 72 12.46 -40.36 -2.47
C SER C 72 12.05 -39.87 -3.86
N THR C 73 10.83 -39.35 -3.97
CA THR C 73 10.37 -38.73 -5.21
C THR C 73 10.54 -37.22 -5.13
N GLY C 74 10.95 -36.74 -3.97
CA GLY C 74 11.21 -35.31 -3.76
C GLY C 74 12.62 -34.91 -4.13
N HIS C 75 12.91 -33.62 -4.02
CA HIS C 75 14.18 -33.08 -4.52
C HIS C 75 14.71 -31.92 -3.68
N GLN C 76 16.00 -31.97 -3.37
CA GLN C 76 16.68 -30.84 -2.71
C GLN C 76 16.51 -29.57 -3.55
N TYR C 77 16.54 -29.72 -4.87
CA TYR C 77 16.46 -28.55 -5.77
C TYR C 77 15.13 -27.81 -5.71
N ASN C 78 14.08 -28.48 -5.24
CA ASN C 78 12.77 -27.85 -5.04
C ASN C 78 12.79 -26.92 -3.85
N LEU C 79 13.53 -27.32 -2.82
CA LEU C 79 13.79 -26.49 -1.65
C LEU C 79 14.63 -25.26 -2.02
N ASP C 80 15.70 -25.51 -2.78
CA ASP C 80 16.57 -24.47 -3.33
C ASP C 80 15.78 -23.39 -4.06
N GLU C 81 14.83 -23.81 -4.88
CA GLU C 81 14.01 -22.88 -5.63
C GLU C 81 13.19 -22.02 -4.66
N VAL C 82 12.52 -22.66 -3.71
CA VAL C 82 11.73 -21.91 -2.73
C VAL C 82 12.61 -20.92 -1.98
N LYS C 83 13.84 -21.33 -1.64
CA LYS C 83 14.82 -20.46 -0.98
C LYS C 83 15.08 -19.15 -1.75
N THR C 84 15.02 -19.21 -3.08
CA THR C 84 15.25 -18.05 -3.96
C THR C 84 14.05 -17.14 -4.09
N LEU C 85 12.86 -17.65 -3.77
CA LEU C 85 11.61 -16.92 -3.94
C LEU C 85 11.21 -16.19 -2.68
N VAL C 86 11.99 -16.40 -1.63
CA VAL C 86 11.67 -15.91 -0.30
C VAL C 86 12.90 -15.33 0.42
N SER C 87 12.68 -14.27 1.19
CA SER C 87 13.74 -13.57 1.93
C SER C 87 14.48 -14.47 2.92
N THR C 88 15.67 -14.06 3.34
CA THR C 88 16.52 -14.92 4.17
C THR C 88 15.98 -15.08 5.60
N GLU C 89 15.21 -14.09 6.06
CA GLU C 89 14.56 -14.13 7.37
C GLU C 89 13.40 -15.11 7.37
N GLN C 90 12.63 -15.09 6.28
CA GLN C 90 11.54 -16.05 6.09
C GLN C 90 12.10 -17.48 5.96
N TRP C 91 13.28 -17.60 5.37
CA TRP C 91 13.96 -18.89 5.22
C TRP C 91 14.54 -19.43 6.54
N SER C 92 14.71 -18.56 7.54
CA SER C 92 15.31 -18.98 8.81
C SER C 92 14.32 -19.60 9.80
N ARG C 93 13.02 -19.41 9.55
CA ARG C 93 11.99 -20.08 10.34
C ARG C 93 11.51 -21.35 9.64
N PHE C 94 12.37 -21.88 8.76
CA PHE C 94 12.17 -23.18 8.16
C PHE C 94 13.19 -24.17 8.69
N CYS C 95 12.70 -25.22 9.35
CA CYS C 95 13.55 -26.28 9.85
C CYS C 95 13.24 -27.56 9.08
N PHE C 96 14.17 -27.97 8.23
CA PHE C 96 14.00 -29.18 7.44
C PHE C 96 14.75 -30.33 8.07
N ILE C 97 14.04 -31.44 8.25
CA ILE C 97 14.67 -32.67 8.73
C ILE C 97 14.58 -33.72 7.63
N GLU C 98 15.73 -34.23 7.20
CA GLU C 98 15.74 -35.36 6.28
C GLU C 98 15.43 -36.62 7.08
N GLY C 99 14.39 -37.34 6.66
CA GLY C 99 13.92 -38.49 7.41
C GLY C 99 12.73 -39.14 6.75
N ASP C 100 12.28 -40.24 7.35
CA ASP C 100 11.30 -41.10 6.74
C ASP C 100 10.07 -41.27 7.63
N ILE C 101 8.90 -41.11 7.04
CA ILE C 101 7.63 -41.25 7.77
C ILE C 101 7.41 -42.69 8.28
N ARG C 102 8.04 -43.67 7.61
CA ARG C 102 7.96 -45.08 8.00
C ARG C 102 8.54 -45.34 9.40
N ASP C 103 9.43 -44.46 9.85
CA ASP C 103 9.99 -44.57 11.20
C ASP C 103 9.22 -43.68 12.18
N LEU C 104 8.57 -44.33 13.14
CA LEU C 104 7.70 -43.65 14.09
C LEU C 104 8.45 -42.65 14.99
N THR C 105 9.68 -43.01 15.38
CA THR C 105 10.47 -42.15 16.26
C THR C 105 10.72 -40.80 15.59
N THR C 106 11.03 -40.81 14.30
CA THR C 106 11.17 -39.56 13.57
C THR C 106 9.84 -38.80 13.36
N CYS C 107 8.73 -39.53 13.19
CA CYS C 107 7.41 -38.91 13.14
C CYS C 107 7.05 -38.27 14.48
N GLU C 108 7.47 -38.89 15.57
CA GLU C 108 7.20 -38.36 16.91
C GLU C 108 8.00 -37.09 17.18
N GLN C 109 9.28 -37.12 16.83
CA GLN C 109 10.21 -36.03 17.13
C GLN C 109 9.94 -34.79 16.30
N VAL C 110 9.41 -34.99 15.10
CA VAL C 110 9.13 -33.90 14.18
C VAL C 110 7.84 -33.17 14.58
N MET C 111 7.06 -33.77 15.50
CA MET C 111 5.82 -33.18 15.98
C MET C 111 6.00 -32.17 17.12
N LYS C 112 7.17 -32.19 17.74
CA LYS C 112 7.50 -31.27 18.84
C LYS C 112 7.03 -29.86 18.51
N GLY C 113 6.27 -29.26 19.43
CA GLY C 113 5.81 -27.87 19.31
C GLY C 113 4.99 -27.48 18.08
N VAL C 114 4.43 -28.46 17.37
CA VAL C 114 3.68 -28.20 16.13
C VAL C 114 2.21 -27.86 16.34
N ASP C 115 1.74 -26.83 15.62
CA ASP C 115 0.34 -26.43 15.67
C ASP C 115 -0.53 -27.17 14.64
N HIS C 116 -0.17 -27.05 13.36
CA HIS C 116 -0.96 -27.62 12.28
C HIS C 116 -0.16 -28.60 11.44
N VAL C 117 -0.75 -29.75 11.13
CA VAL C 117 -0.11 -30.74 10.29
C VAL C 117 -0.73 -30.77 8.88
N LEU C 118 0.14 -30.65 7.88
CA LEU C 118 -0.27 -30.86 6.49
C LEU C 118 0.47 -32.08 5.95
N HIS C 119 -0.22 -33.21 5.88
CA HIS C 119 0.42 -34.47 5.53
C HIS C 119 0.38 -34.71 4.02
N GLN C 120 1.54 -34.63 3.41
CA GLN C 120 1.63 -34.63 1.96
C GLN C 120 2.57 -35.73 1.47
N ALA C 121 3.37 -36.30 2.38
CA ALA C 121 4.30 -37.36 2.01
C ALA C 121 3.57 -38.64 1.66
N ALA C 122 3.84 -39.14 0.45
CA ALA C 122 3.28 -40.39 -0.06
C ALA C 122 3.93 -40.70 -1.41
N LEU C 123 3.76 -41.93 -1.87
CA LEU C 123 4.18 -42.28 -3.21
C LEU C 123 2.96 -42.39 -4.12
N GLY C 124 2.82 -41.44 -5.03
CA GLY C 124 1.73 -41.45 -6.00
C GLY C 124 1.98 -42.43 -7.13
N SER C 125 1.28 -42.22 -8.25
CA SER C 125 1.42 -43.02 -9.46
C SER C 125 0.79 -44.40 -9.33
N VAL C 126 -0.35 -44.56 -9.97
CA VAL C 126 -1.04 -45.83 -10.06
C VAL C 126 -0.12 -46.95 -10.63
N PRO C 127 0.59 -46.67 -11.74
CA PRO C 127 1.53 -47.66 -12.30
C PRO C 127 2.67 -48.07 -11.35
N ARG C 128 3.19 -47.11 -10.59
CA ARG C 128 4.19 -47.41 -9.59
C ARG C 128 3.68 -48.52 -8.66
N SER C 129 2.44 -48.39 -8.21
CA SER C 129 1.85 -49.31 -7.23
C SER C 129 1.53 -50.71 -7.77
N ILE C 130 1.30 -50.81 -9.08
CA ILE C 130 1.07 -52.09 -9.75
C ILE C 130 2.38 -52.91 -9.86
N VAL C 131 3.48 -52.23 -10.19
CA VAL C 131 4.80 -52.90 -10.25
C VAL C 131 5.28 -53.23 -8.85
N ASP C 132 5.12 -52.28 -7.93
CA ASP C 132 5.60 -52.44 -6.58
C ASP C 132 4.60 -51.91 -5.55
N PRO C 133 3.62 -52.75 -5.17
CA PRO C 133 2.61 -52.38 -4.18
C PRO C 133 3.13 -52.37 -2.75
N ILE C 134 4.11 -53.22 -2.45
CA ILE C 134 4.70 -53.29 -1.11
C ILE C 134 5.32 -51.96 -0.65
N THR C 135 6.06 -51.32 -1.55
CA THR C 135 6.68 -50.04 -1.24
C THR C 135 5.64 -48.90 -1.15
N THR C 136 4.63 -48.96 -2.02
CA THR C 136 3.54 -48.00 -2.01
C THR C 136 2.76 -48.14 -0.70
N ASN C 137 2.59 -49.39 -0.28
CA ASN C 137 1.92 -49.70 0.96
C ASN C 137 2.67 -49.15 2.19
N ALA C 138 3.97 -49.43 2.26
CA ALA C 138 4.78 -48.99 3.40
C ALA C 138 4.71 -47.48 3.67
N THR C 139 4.82 -46.67 2.63
CA THR C 139 4.79 -45.23 2.82
C THR C 139 3.38 -44.68 2.99
N ASN C 140 2.48 -45.04 2.08
CA ASN C 140 1.11 -44.51 2.06
C ASN C 140 0.21 -45.00 3.19
N ILE C 141 0.51 -46.18 3.74
CA ILE C 141 -0.25 -46.71 4.88
C ILE C 141 0.55 -46.67 6.18
N THR C 142 1.60 -47.47 6.31
CA THR C 142 2.43 -47.47 7.51
C THR C 142 2.84 -46.04 7.89
N GLY C 143 3.47 -45.34 6.96
CA GLY C 143 3.89 -43.97 7.15
C GLY C 143 2.75 -43.00 7.50
N PHE C 144 1.60 -43.15 6.83
CA PHE C 144 0.44 -42.31 7.13
C PHE C 144 -0.06 -42.51 8.55
N LEU C 145 -0.16 -43.78 8.94
CA LEU C 145 -0.58 -44.15 10.28
C LEU C 145 0.41 -43.61 11.29
N ASN C 146 1.70 -43.74 10.98
CA ASN C 146 2.74 -43.21 11.86
C ASN C 146 2.52 -41.75 12.19
N ILE C 147 2.29 -40.96 11.16
CA ILE C 147 2.10 -39.52 11.31
C ILE C 147 0.76 -39.14 11.94
N LEU C 148 -0.29 -39.92 11.67
CA LEU C 148 -1.60 -39.72 12.29
C LEU C 148 -1.51 -39.90 13.81
N HIS C 149 -0.88 -41.00 14.21
CA HIS C 149 -0.75 -41.41 15.60
C HIS C 149 0.12 -40.43 16.40
N ALA C 150 1.24 -39.99 15.81
CA ALA C 150 2.10 -39.01 16.47
C ALA C 150 1.37 -37.68 16.71
N ALA C 151 0.71 -37.15 15.68
CA ALA C 151 -0.10 -35.94 15.82
C ALA C 151 -1.18 -36.08 16.88
N LYS C 152 -1.82 -37.26 16.94
CA LYS C 152 -2.82 -37.56 17.95
C LYS C 152 -2.23 -37.47 19.36
N ASN C 153 -1.07 -38.09 19.56
CA ASN C 153 -0.37 -38.06 20.84
C ASN C 153 0.26 -36.71 21.15
N ALA C 154 0.61 -35.95 20.11
CA ALA C 154 1.20 -34.62 20.27
C ALA C 154 0.13 -33.56 20.60
N GLN C 155 -1.13 -33.91 20.36
CA GLN C 155 -2.27 -33.01 20.56
C GLN C 155 -2.13 -31.67 19.82
N VAL C 156 -1.93 -31.76 18.52
CA VAL C 156 -1.86 -30.63 17.62
C VAL C 156 -3.25 -30.01 17.45
N GLN C 157 -3.30 -28.78 16.98
CA GLN C 157 -4.56 -28.11 16.70
C GLN C 157 -5.31 -28.65 15.49
N SER C 158 -4.59 -29.14 14.49
CA SER C 158 -5.24 -29.72 13.32
C SER C 158 -4.41 -30.72 12.56
N PHE C 159 -5.09 -31.57 11.81
CA PHE C 159 -4.46 -32.60 11.00
C PHE C 159 -5.18 -32.72 9.68
N THR C 160 -4.50 -32.33 8.60
CA THR C 160 -5.07 -32.52 7.28
C THR C 160 -4.12 -33.26 6.34
N TYR C 161 -4.66 -34.24 5.63
CA TYR C 161 -3.85 -35.14 4.81
C TYR C 161 -4.31 -35.15 3.36
N ALA C 162 -3.41 -35.52 2.48
CA ALA C 162 -3.69 -35.63 1.06
C ALA C 162 -4.41 -36.95 0.74
N ALA C 163 -5.69 -36.87 0.35
CA ALA C 163 -6.43 -38.04 -0.14
C ALA C 163 -6.48 -38.00 -1.67
N SER C 164 -7.28 -38.86 -2.28
CA SER C 164 -7.25 -38.99 -3.74
C SER C 164 -8.62 -39.15 -4.39
N SER C 165 -8.73 -38.62 -5.61
CA SER C 165 -9.94 -38.74 -6.42
C SER C 165 -10.04 -40.15 -6.97
N SER C 166 -8.95 -40.91 -6.85
CA SER C 166 -8.92 -42.31 -7.28
C SER C 166 -9.82 -43.23 -6.45
N THR C 167 -10.12 -42.84 -5.21
CA THR C 167 -10.92 -43.71 -4.34
C THR C 167 -12.41 -43.72 -4.75
N TYR C 168 -12.77 -42.89 -5.72
CA TYR C 168 -14.04 -43.03 -6.41
C TYR C 168 -14.06 -44.31 -7.22
N GLY C 169 -12.91 -44.71 -7.75
CA GLY C 169 -12.73 -45.97 -8.45
C GLY C 169 -13.68 -46.19 -9.62
N ASP C 170 -14.38 -47.34 -9.58
CA ASP C 170 -15.27 -47.74 -10.66
C ASP C 170 -16.68 -47.19 -10.53
N HIS C 171 -16.90 -46.27 -9.59
CA HIS C 171 -18.20 -45.65 -9.46
C HIS C 171 -18.47 -44.71 -10.62
N PRO C 172 -19.57 -44.93 -11.35
CA PRO C 172 -19.78 -44.26 -12.64
C PRO C 172 -20.44 -42.87 -12.58
N ALA C 173 -20.99 -42.48 -11.43
CA ALA C 173 -21.80 -41.25 -11.36
C ALA C 173 -21.00 -39.96 -11.58
N LEU C 174 -21.65 -38.98 -12.22
CA LEU C 174 -21.06 -37.68 -12.47
C LEU C 174 -22.04 -36.55 -12.19
N PRO C 175 -21.59 -35.49 -11.49
CA PRO C 175 -20.25 -35.26 -10.95
C PRO C 175 -19.95 -36.11 -9.70
N LYS C 176 -18.74 -36.01 -9.17
CA LYS C 176 -18.29 -36.84 -8.05
C LYS C 176 -18.58 -36.22 -6.68
N VAL C 177 -19.46 -36.90 -5.92
CA VAL C 177 -19.87 -36.47 -4.57
C VAL C 177 -19.19 -37.34 -3.51
N GLU C 178 -18.69 -36.70 -2.47
CA GLU C 178 -17.90 -37.37 -1.41
C GLU C 178 -18.51 -38.68 -0.94
N GLU C 179 -19.82 -38.68 -0.76
CA GLU C 179 -20.56 -39.86 -0.28
C GLU C 179 -20.46 -41.07 -1.22
N ASN C 180 -20.63 -40.86 -2.52
CA ASN C 180 -20.78 -41.96 -3.49
C ASN C 180 -19.47 -42.49 -4.07
N ILE C 181 -19.05 -43.64 -3.55
CA ILE C 181 -17.74 -44.23 -3.77
C ILE C 181 -17.87 -45.62 -4.36
N GLY C 182 -16.92 -46.02 -5.20
CA GLY C 182 -16.93 -47.35 -5.81
C GLY C 182 -15.81 -48.25 -5.33
N ASN C 183 -15.53 -49.29 -6.11
CA ASN C 183 -14.43 -50.18 -5.79
C ASN C 183 -13.12 -49.59 -6.29
N PRO C 184 -12.07 -49.66 -5.46
CA PRO C 184 -10.74 -49.17 -5.86
C PRO C 184 -10.20 -50.01 -7.00
N LEU C 185 -9.48 -49.39 -7.92
CA LEU C 185 -9.03 -50.05 -9.13
C LEU C 185 -7.52 -50.35 -9.14
N SER C 186 -6.82 -49.98 -8.09
CA SER C 186 -5.36 -50.19 -8.02
C SER C 186 -4.85 -50.27 -6.58
N PRO C 187 -3.62 -50.83 -6.39
CA PRO C 187 -2.96 -50.77 -5.08
C PRO C 187 -2.81 -49.35 -4.53
N TYR C 188 -2.43 -48.38 -5.37
CA TYR C 188 -2.36 -46.99 -4.91
C TYR C 188 -3.71 -46.55 -4.39
N ALA C 189 -4.78 -46.92 -5.10
CA ALA C 189 -6.12 -46.47 -4.74
C ALA C 189 -6.52 -46.98 -3.37
N VAL C 190 -6.08 -48.19 -3.04
CA VAL C 190 -6.34 -48.79 -1.73
C VAL C 190 -5.73 -47.94 -0.61
N THR C 191 -4.42 -47.69 -0.70
CA THR C 191 -3.67 -46.94 0.32
C THR C 191 -4.34 -45.62 0.68
N LYS C 192 -4.83 -44.91 -0.34
CA LYS C 192 -5.45 -43.62 -0.15
C LYS C 192 -6.86 -43.71 0.44
N TYR C 193 -7.56 -44.81 0.15
CA TYR C 193 -8.83 -45.07 0.79
C TYR C 193 -8.61 -45.49 2.26
N VAL C 194 -7.55 -46.25 2.51
CA VAL C 194 -7.24 -46.69 3.87
C VAL C 194 -6.92 -45.48 4.75
N ASN C 195 -6.21 -44.50 4.21
CA ASN C 195 -5.96 -43.23 4.91
C ASN C 195 -7.24 -42.59 5.44
N GLU C 196 -8.31 -42.68 4.66
CA GLU C 196 -9.60 -42.10 5.06
C GLU C 196 -10.22 -42.87 6.21
N ILE C 197 -10.21 -44.21 6.09
CA ILE C 197 -10.81 -45.07 7.09
C ILE C 197 -10.11 -44.99 8.44
N TYR C 198 -8.77 -45.01 8.45
CA TYR C 198 -8.02 -44.83 9.69
C TYR C 198 -8.34 -43.48 10.32
N ALA C 199 -8.41 -42.44 9.50
CA ALA C 199 -8.75 -41.10 9.97
C ALA C 199 -10.12 -41.09 10.62
N GLN C 200 -11.07 -41.79 10.02
CA GLN C 200 -12.41 -41.93 10.58
C GLN C 200 -12.36 -42.67 11.90
N VAL C 201 -11.63 -43.78 11.93
CA VAL C 201 -11.49 -44.60 13.15
C VAL C 201 -10.81 -43.86 14.31
N TYR C 202 -9.81 -43.03 14.01
CA TYR C 202 -9.17 -42.19 15.02
C TYR C 202 -10.09 -41.14 15.62
N ALA C 203 -10.98 -40.58 14.81
CA ALA C 203 -12.05 -39.73 15.32
C ALA C 203 -12.97 -40.52 16.23
N ARG C 204 -13.33 -41.74 15.82
CA ARG C 204 -14.24 -42.58 16.59
C ARG C 204 -13.70 -42.94 17.96
N THR C 205 -12.49 -43.51 18.02
CA THR C 205 -11.97 -44.09 19.25
C THR C 205 -11.08 -43.16 20.11
N TYR C 206 -10.41 -42.19 19.49
CA TYR C 206 -9.56 -41.27 20.24
C TYR C 206 -10.08 -39.84 20.30
N GLY C 207 -11.11 -39.52 19.51
CA GLY C 207 -11.66 -38.16 19.50
C GLY C 207 -10.80 -37.15 18.74
N PHE C 208 -9.86 -37.65 17.94
CA PHE C 208 -8.96 -36.85 17.13
C PHE C 208 -9.56 -36.61 15.75
N LYS C 209 -10.01 -35.39 15.49
CA LYS C 209 -10.71 -35.06 14.26
C LYS C 209 -9.77 -34.52 13.18
N THR C 210 -9.82 -35.13 12.01
CA THR C 210 -8.92 -34.78 10.91
C THR C 210 -9.73 -34.33 9.69
N ILE C 211 -9.04 -33.95 8.62
CA ILE C 211 -9.69 -33.63 7.36
C ILE C 211 -8.92 -34.27 6.21
N GLY C 212 -9.63 -34.99 5.35
CA GLY C 212 -9.04 -35.60 4.16
C GLY C 212 -9.39 -34.82 2.92
N LEU C 213 -8.38 -34.55 2.09
CA LEU C 213 -8.59 -33.80 0.87
C LEU C 213 -8.40 -34.67 -0.37
N ARG C 214 -9.52 -34.99 -1.01
CA ARG C 214 -9.52 -35.76 -2.23
C ARG C 214 -9.06 -34.89 -3.37
N TYR C 215 -7.75 -34.84 -3.59
CA TYR C 215 -7.18 -34.13 -4.73
C TYR C 215 -7.57 -34.77 -6.06
N PHE C 216 -7.78 -33.94 -7.06
CA PHE C 216 -8.22 -34.34 -8.40
C PHE C 216 -7.20 -33.94 -9.47
N ASN C 217 -6.11 -34.67 -9.63
CA ASN C 217 -5.13 -34.36 -10.68
C ASN C 217 -4.58 -32.94 -10.63
N VAL C 218 -3.66 -32.73 -9.70
CA VAL C 218 -3.07 -31.43 -9.45
C VAL C 218 -1.93 -31.17 -10.43
N PHE C 219 -1.87 -29.93 -10.90
CA PHE C 219 -0.77 -29.49 -11.76
C PHE C 219 -0.32 -28.08 -11.38
N GLY C 220 0.86 -27.71 -11.86
CA GLY C 220 1.48 -26.44 -11.53
C GLY C 220 3.00 -26.53 -11.48
N ARG C 221 3.63 -25.46 -11.01
CA ARG C 221 5.08 -25.41 -10.90
C ARG C 221 5.60 -26.49 -9.95
N ARG C 222 6.70 -27.12 -10.35
CA ARG C 222 7.43 -28.13 -9.54
C ARG C 222 6.85 -29.54 -9.55
N GLN C 223 5.83 -29.79 -10.36
CA GLN C 223 5.41 -31.16 -10.58
C GLN C 223 6.47 -31.83 -11.46
N ASP C 224 7.16 -32.82 -10.88
CA ASP C 224 8.29 -33.46 -11.54
C ASP C 224 7.97 -33.93 -12.97
N PRO C 225 8.76 -33.47 -13.95
CA PRO C 225 8.58 -34.00 -15.31
C PRO C 225 9.44 -35.22 -15.62
N ASN C 226 10.41 -35.53 -14.76
CA ASN C 226 11.35 -36.61 -15.02
C ASN C 226 10.84 -37.96 -14.50
N GLY C 227 11.37 -39.05 -15.05
CA GLY C 227 11.08 -40.38 -14.55
C GLY C 227 9.87 -41.02 -15.19
N ALA C 228 9.76 -42.34 -15.02
CA ALA C 228 8.69 -43.14 -15.61
C ALA C 228 7.30 -42.88 -15.03
N TYR C 229 7.22 -42.11 -13.94
CA TYR C 229 5.95 -41.93 -13.22
C TYR C 229 5.33 -40.55 -13.32
N ALA C 230 5.96 -39.66 -14.10
CA ALA C 230 5.50 -38.28 -14.28
C ALA C 230 4.03 -38.21 -14.68
N ALA C 231 3.32 -37.22 -14.13
CA ALA C 231 1.90 -37.05 -14.44
C ALA C 231 1.76 -36.51 -15.86
N VAL C 232 0.56 -36.56 -16.44
CA VAL C 232 0.36 -36.24 -17.86
C VAL C 232 0.91 -34.90 -18.26
N ILE C 233 0.53 -33.87 -17.50
CA ILE C 233 0.87 -32.51 -17.88
C ILE C 233 2.38 -32.28 -17.95
N PRO C 234 3.11 -32.47 -16.83
CA PRO C 234 4.54 -32.24 -16.95
C PRO C 234 5.20 -33.16 -17.98
N LYS C 235 4.72 -34.40 -18.10
CA LYS C 235 5.29 -35.37 -19.04
C LYS C 235 5.08 -34.93 -20.49
N TRP C 236 3.84 -34.55 -20.80
CA TRP C 236 3.47 -34.08 -22.14
C TRP C 236 4.16 -32.78 -22.50
N THR C 237 4.21 -31.85 -21.54
CA THR C 237 4.94 -30.61 -21.72
C THR C 237 6.41 -30.91 -22.07
N ALA C 238 7.05 -31.77 -21.27
CA ALA C 238 8.45 -32.15 -21.48
C ALA C 238 8.72 -32.72 -22.87
N ALA C 239 7.85 -33.61 -23.34
CA ALA C 239 8.04 -34.30 -24.62
C ALA C 239 7.80 -33.37 -25.81
N MET C 240 6.77 -32.53 -25.70
CA MET C 240 6.46 -31.54 -26.73
C MET C 240 7.60 -30.52 -26.90
N LEU C 241 8.28 -30.22 -25.80
CA LEU C 241 9.48 -29.38 -25.83
C LEU C 241 10.70 -30.09 -26.41
N LYS C 242 10.77 -31.41 -26.21
CA LYS C 242 11.89 -32.22 -26.70
C LYS C 242 11.64 -32.84 -28.08
N GLY C 243 10.44 -32.61 -28.64
CA GLY C 243 10.02 -33.22 -29.89
C GLY C 243 9.76 -34.72 -29.82
N ASP C 244 9.77 -35.29 -28.61
CA ASP C 244 9.47 -36.71 -28.40
C ASP C 244 8.00 -37.01 -28.67
N ASP C 245 7.67 -38.30 -28.72
CA ASP C 245 6.29 -38.73 -28.96
C ASP C 245 5.38 -38.40 -27.77
N VAL C 246 4.17 -37.93 -28.08
CA VAL C 246 3.13 -37.73 -27.08
C VAL C 246 2.15 -38.92 -27.14
N TYR C 247 2.03 -39.65 -26.03
CA TYR C 247 1.22 -40.87 -26.01
C TYR C 247 -0.10 -40.72 -25.27
N ILE C 248 -1.18 -41.08 -25.95
CA ILE C 248 -2.49 -41.15 -25.32
C ILE C 248 -2.88 -42.61 -25.06
N ASN C 249 -3.00 -42.95 -23.79
CA ASN C 249 -3.39 -44.29 -23.35
C ASN C 249 -4.88 -44.52 -23.59
N GLY C 250 -5.21 -45.04 -24.77
CA GLY C 250 -6.58 -45.43 -25.12
C GLY C 250 -7.37 -44.47 -25.99
N ASP C 251 -8.56 -44.11 -25.50
CA ASP C 251 -9.55 -43.26 -26.17
C ASP C 251 -9.07 -41.85 -26.46
N GLY C 252 -8.55 -41.21 -25.42
CA GLY C 252 -8.41 -39.77 -25.39
C GLY C 252 -9.68 -39.14 -24.83
N GLU C 253 -10.73 -39.97 -24.65
CA GLU C 253 -12.00 -39.51 -24.07
C GLU C 253 -12.04 -39.71 -22.55
N THR C 254 -11.07 -40.47 -22.04
CA THR C 254 -10.78 -40.53 -20.61
C THR C 254 -10.65 -39.10 -20.10
N SER C 255 -11.32 -38.78 -19.00
CA SER C 255 -11.46 -37.40 -18.57
C SER C 255 -11.13 -37.14 -17.11
N ARG C 256 -10.69 -35.91 -16.84
CA ARG C 256 -10.22 -35.49 -15.53
C ARG C 256 -10.66 -34.07 -15.16
N ASP C 257 -10.61 -33.78 -13.86
CA ASP C 257 -10.84 -32.44 -13.35
C ASP C 257 -9.49 -31.88 -12.91
N PHE C 258 -8.71 -31.39 -13.87
CA PHE C 258 -7.36 -30.88 -13.60
C PHE C 258 -7.37 -29.66 -12.68
N CYS C 259 -6.76 -29.84 -11.51
CA CYS C 259 -6.79 -28.82 -10.47
C CYS C 259 -5.48 -28.05 -10.36
N TYR C 260 -5.51 -26.75 -10.65
CA TYR C 260 -4.32 -25.92 -10.49
C TYR C 260 -3.87 -25.85 -9.03
N ILE C 261 -2.56 -25.89 -8.84
CA ILE C 261 -1.92 -25.95 -7.51
C ILE C 261 -2.44 -24.95 -6.48
N ASP C 262 -2.65 -23.69 -6.88
CA ASP C 262 -3.11 -22.65 -5.94
C ASP C 262 -4.47 -22.94 -5.30
N ASN C 263 -5.28 -23.78 -5.93
CA ASN C 263 -6.55 -24.21 -5.34
C ASN C 263 -6.32 -25.16 -4.17
N VAL C 264 -5.29 -26.02 -4.29
CA VAL C 264 -4.92 -26.99 -3.27
C VAL C 264 -4.36 -26.29 -2.03
N ILE C 265 -3.41 -25.38 -2.25
CA ILE C 265 -2.86 -24.56 -1.19
C ILE C 265 -4.00 -23.90 -0.39
N GLN C 266 -4.98 -23.35 -1.10
CA GLN C 266 -6.16 -22.75 -0.48
C GLN C 266 -6.92 -23.73 0.43
N MET C 267 -7.24 -24.91 -0.08
CA MET C 267 -7.95 -25.93 0.70
C MET C 267 -7.15 -26.38 1.92
N ASN C 268 -5.87 -26.68 1.73
CA ASN C 268 -5.02 -27.09 2.85
C ASN C 268 -5.11 -26.12 4.02
N ILE C 269 -5.12 -24.83 3.71
CA ILE C 269 -5.08 -23.79 4.72
C ILE C 269 -6.45 -23.56 5.33
N LEU C 270 -7.49 -23.61 4.50
CA LEU C 270 -8.87 -23.54 4.99
C LEU C 270 -9.19 -24.69 5.93
N SER C 271 -8.62 -25.86 5.63
CA SER C 271 -8.81 -27.08 6.43
C SER C 271 -8.03 -27.05 7.75
N ALA C 272 -6.79 -26.55 7.69
CA ALA C 272 -5.95 -26.37 8.87
C ALA C 272 -6.66 -25.54 9.93
N LEU C 273 -7.47 -24.58 9.49
CA LEU C 273 -8.09 -23.62 10.41
C LEU C 273 -9.60 -23.72 10.47
N ALA C 274 -10.13 -24.89 10.11
CA ALA C 274 -11.56 -25.15 10.16
C ALA C 274 -12.08 -25.09 11.59
N LYS C 275 -13.36 -24.73 11.75
CA LYS C 275 -14.06 -24.90 13.02
C LYS C 275 -14.33 -26.40 13.23
N ASP C 276 -14.41 -26.81 14.49
CA ASP C 276 -14.56 -28.23 14.86
C ASP C 276 -15.60 -29.01 14.05
N SER C 277 -16.72 -28.37 13.71
CA SER C 277 -17.82 -29.04 12.98
C SER C 277 -17.48 -29.41 11.53
N ALA C 278 -16.48 -28.74 10.96
CA ALA C 278 -16.04 -29.03 9.60
C ALA C 278 -14.98 -30.14 9.54
N LYS C 279 -14.52 -30.58 10.71
CA LYS C 279 -13.54 -31.67 10.80
C LYS C 279 -14.22 -33.04 10.79
N ASP C 280 -13.41 -34.11 10.92
CA ASP C 280 -13.82 -35.48 10.55
C ASP C 280 -14.71 -35.50 9.32
N ASN C 281 -14.18 -34.93 8.24
CA ASN C 281 -14.87 -34.80 6.98
C ASN C 281 -13.91 -34.98 5.83
N ILE C 282 -14.46 -35.36 4.68
CA ILE C 282 -13.68 -35.50 3.44
C ILE C 282 -14.17 -34.52 2.39
N TYR C 283 -13.24 -33.88 1.69
CA TYR C 283 -13.58 -32.89 0.68
C TYR C 283 -12.91 -33.18 -0.65
N ASN C 284 -13.69 -33.11 -1.73
CA ASN C 284 -13.16 -33.05 -3.09
C ASN C 284 -12.43 -31.73 -3.28
N VAL C 285 -11.18 -31.82 -3.73
CA VAL C 285 -10.39 -30.62 -4.06
C VAL C 285 -10.15 -30.58 -5.56
N ALA C 286 -10.96 -29.74 -6.21
CA ALA C 286 -10.95 -29.60 -7.66
C ALA C 286 -11.74 -28.33 -8.03
N VAL C 287 -12.05 -28.21 -9.31
CA VAL C 287 -12.67 -27.01 -9.85
C VAL C 287 -14.09 -27.26 -10.37
N GLY C 288 -14.34 -28.48 -10.84
CA GLY C 288 -15.67 -28.88 -11.26
C GLY C 288 -15.83 -28.97 -12.77
N ASP C 289 -14.69 -29.02 -13.45
CA ASP C 289 -14.67 -29.06 -14.92
C ASP C 289 -14.21 -30.42 -15.40
N ARG C 290 -14.75 -30.86 -16.52
CA ARG C 290 -14.38 -32.15 -17.10
C ARG C 290 -13.57 -31.91 -18.36
N THR C 291 -12.34 -32.42 -18.40
CA THR C 291 -11.49 -32.28 -19.57
C THR C 291 -10.96 -33.62 -20.06
N THR C 292 -11.21 -33.92 -21.34
CA THR C 292 -10.75 -35.16 -21.98
C THR C 292 -9.27 -35.03 -22.33
N LEU C 293 -8.60 -36.17 -22.43
CA LEU C 293 -7.18 -36.21 -22.80
C LEU C 293 -6.91 -35.61 -24.17
N ASN C 294 -7.75 -35.93 -25.15
CA ASN C 294 -7.67 -35.31 -26.49
C ASN C 294 -7.61 -33.78 -26.39
N GLU C 295 -8.57 -33.20 -25.67
CA GLU C 295 -8.64 -31.76 -25.42
C GLU C 295 -7.39 -31.22 -24.73
N LEU C 296 -6.83 -32.00 -23.81
CA LEU C 296 -5.65 -31.57 -23.07
C LEU C 296 -4.41 -31.39 -23.95
N SER C 297 -4.15 -32.35 -24.84
CA SER C 297 -3.02 -32.25 -25.76
C SER C 297 -3.10 -30.97 -26.58
N GLY C 298 -4.33 -30.61 -26.95
CA GLY C 298 -4.61 -29.38 -27.68
C GLY C 298 -4.31 -28.15 -26.84
N TYR C 299 -4.77 -28.17 -25.59
CA TYR C 299 -4.61 -27.03 -24.67
C TYR C 299 -3.15 -26.75 -24.33
N ILE C 300 -2.40 -27.80 -24.02
CA ILE C 300 -0.97 -27.69 -23.69
C ILE C 300 -0.17 -27.21 -24.90
N TYR C 301 -0.51 -27.75 -26.08
CA TYR C 301 0.08 -27.33 -27.35
C TYR C 301 -0.18 -25.85 -27.62
N ASP C 302 -1.44 -25.43 -27.46
CA ASP C 302 -1.82 -24.04 -27.66
C ASP C 302 -0.94 -23.10 -26.83
N GLU C 303 -0.78 -23.44 -25.56
CA GLU C 303 -0.11 -22.56 -24.61
C GLU C 303 1.41 -22.53 -24.76
N LEU C 304 1.98 -23.61 -25.30
CA LEU C 304 3.41 -23.64 -25.59
C LEU C 304 3.78 -22.84 -26.84
N ASN C 305 2.91 -22.87 -27.85
CA ASN C 305 3.09 -22.07 -29.05
C ASN C 305 3.07 -20.57 -28.80
N LEU C 306 2.27 -20.12 -27.83
CA LEU C 306 2.21 -18.71 -27.50
C LEU C 306 3.49 -18.17 -26.85
N ILE C 307 4.28 -19.05 -26.24
CA ILE C 307 5.57 -18.66 -25.67
C ILE C 307 6.68 -18.90 -26.69
N HIS C 308 6.51 -18.25 -27.85
CA HIS C 308 7.46 -18.25 -28.98
C HIS C 308 8.19 -19.60 -29.22
N HIS C 309 7.42 -20.69 -29.10
CA HIS C 309 7.95 -22.04 -29.26
C HIS C 309 7.12 -22.83 -30.27
N ILE C 315 1.79 -37.05 -31.60
CA ILE C 315 0.65 -37.73 -30.99
C ILE C 315 0.45 -39.16 -31.52
N LYS C 316 0.60 -40.14 -30.63
CA LYS C 316 0.33 -41.55 -30.91
C LYS C 316 -0.68 -42.11 -29.92
N TYR C 317 -1.58 -42.97 -30.41
CA TYR C 317 -2.55 -43.62 -29.54
C TYR C 317 -2.11 -45.03 -29.18
N ARG C 318 -2.08 -45.34 -27.88
CA ARG C 318 -1.82 -46.70 -27.41
C ARG C 318 -2.94 -47.22 -26.50
N GLU C 319 -2.73 -48.41 -25.95
CA GLU C 319 -3.71 -49.07 -25.08
C GLU C 319 -3.96 -48.32 -23.76
N PHE C 320 -5.19 -48.44 -23.24
CA PHE C 320 -5.57 -47.94 -21.91
C PHE C 320 -4.60 -48.39 -20.81
N ARG C 321 -4.29 -47.47 -19.90
CA ARG C 321 -3.48 -47.77 -18.74
C ARG C 321 -4.30 -48.62 -17.76
N SER C 322 -3.77 -49.78 -17.38
CA SER C 322 -4.51 -50.68 -16.49
C SER C 322 -4.73 -50.07 -15.10
N GLY C 323 -5.94 -50.26 -14.58
CA GLY C 323 -6.33 -49.68 -13.29
C GLY C 323 -6.54 -48.17 -13.34
N ASP C 324 -6.85 -47.65 -14.52
CA ASP C 324 -7.13 -46.23 -14.68
C ASP C 324 -8.58 -45.94 -14.37
N VAL C 325 -8.83 -44.80 -13.73
CA VAL C 325 -10.18 -44.29 -13.54
C VAL C 325 -10.59 -43.70 -14.90
N ARG C 326 -11.81 -44.03 -15.33
CA ARG C 326 -12.30 -43.61 -16.65
C ARG C 326 -12.68 -42.12 -16.74
N HIS C 327 -13.75 -41.72 -16.07
CA HIS C 327 -14.20 -40.32 -16.06
C HIS C 327 -14.14 -39.74 -14.66
N SER C 328 -13.56 -38.55 -14.54
CA SER C 328 -13.43 -37.88 -13.23
C SER C 328 -13.74 -36.39 -13.29
N GLN C 329 -14.77 -35.99 -12.55
CA GLN C 329 -15.20 -34.60 -12.46
C GLN C 329 -15.78 -34.38 -11.07
N ALA C 330 -15.25 -33.38 -10.35
CA ALA C 330 -15.66 -33.15 -8.97
C ALA C 330 -16.91 -32.30 -8.86
N ASP C 331 -17.76 -32.65 -7.90
CA ASP C 331 -18.73 -31.71 -7.34
C ASP C 331 -18.05 -31.15 -6.10
N VAL C 332 -17.88 -29.83 -6.08
CA VAL C 332 -17.11 -29.18 -5.02
C VAL C 332 -18.03 -28.35 -4.11
N THR C 333 -19.31 -28.68 -4.12
CA THR C 333 -20.32 -27.97 -3.31
C THR C 333 -20.07 -28.13 -1.80
N LYS C 334 -19.54 -29.27 -1.38
CA LYS C 334 -19.25 -29.52 0.04
C LYS C 334 -18.20 -28.52 0.56
N ALA C 335 -17.06 -28.47 -0.12
CA ALA C 335 -15.98 -27.56 0.24
C ALA C 335 -16.44 -26.08 0.28
N ILE C 336 -17.21 -25.68 -0.73
CA ILE C 336 -17.81 -24.34 -0.77
C ILE C 336 -18.72 -24.05 0.45
N ASP C 337 -19.55 -25.02 0.84
CA ASP C 337 -20.49 -24.83 1.95
C ASP C 337 -19.80 -24.74 3.31
N LEU C 338 -19.05 -25.78 3.65
CA LEU C 338 -18.50 -25.93 5.00
C LEU C 338 -17.17 -25.23 5.21
N LEU C 339 -16.39 -25.08 4.14
CA LEU C 339 -15.03 -24.52 4.25
C LEU C 339 -14.85 -23.17 3.53
N LYS C 340 -15.93 -22.71 2.90
CA LYS C 340 -15.96 -21.42 2.20
C LYS C 340 -14.91 -21.34 1.08
N TYR C 341 -14.68 -22.49 0.46
CA TYR C 341 -13.74 -22.63 -0.63
C TYR C 341 -14.21 -21.88 -1.88
N ARG C 342 -13.28 -21.22 -2.53
CA ARG C 342 -13.53 -20.55 -3.79
C ARG C 342 -12.58 -21.08 -4.86
N PRO C 343 -13.07 -21.99 -5.74
CA PRO C 343 -12.25 -22.53 -6.83
C PRO C 343 -11.95 -21.44 -7.83
N ASN C 344 -10.74 -20.91 -7.77
CA ASN C 344 -10.42 -19.72 -8.53
C ASN C 344 -9.89 -19.97 -9.93
N ILE C 345 -8.85 -20.78 -10.05
CA ILE C 345 -8.17 -20.96 -11.33
C ILE C 345 -8.57 -22.26 -12.01
N LYS C 346 -8.94 -22.16 -13.29
CA LYS C 346 -9.32 -23.31 -14.10
C LYS C 346 -8.18 -23.69 -15.05
N ILE C 347 -8.39 -24.75 -15.84
CA ILE C 347 -7.34 -25.39 -16.64
C ILE C 347 -6.48 -24.41 -17.46
N ARG C 348 -7.16 -23.57 -18.25
CA ARG C 348 -6.50 -22.69 -19.21
C ARG C 348 -5.57 -21.69 -18.53
N GLU C 349 -6.11 -20.89 -17.61
CA GLU C 349 -5.30 -19.91 -16.88
C GLU C 349 -4.18 -20.62 -16.12
N GLY C 350 -4.49 -21.80 -15.59
CA GLY C 350 -3.51 -22.61 -14.89
C GLY C 350 -2.36 -23.05 -15.78
N LEU C 351 -2.66 -23.51 -16.98
CA LEU C 351 -1.64 -23.91 -17.94
C LEU C 351 -0.77 -22.72 -18.37
N ARG C 352 -1.42 -21.58 -18.60
CA ARG C 352 -0.73 -20.32 -18.93
C ARG C 352 0.25 -19.88 -17.83
N LEU C 353 -0.10 -20.17 -16.58
CA LEU C 353 0.76 -19.86 -15.44
C LEU C 353 1.84 -20.90 -15.27
N SER C 354 1.57 -22.13 -15.71
CA SER C 354 2.51 -23.24 -15.52
C SER C 354 3.54 -23.37 -16.64
N MET C 355 3.13 -23.04 -17.87
CA MET C 355 4.00 -23.19 -19.03
C MET C 355 5.36 -22.48 -18.97
N PRO C 356 5.39 -21.21 -18.49
CA PRO C 356 6.70 -20.55 -18.40
C PRO C 356 7.63 -21.21 -17.38
N TRP C 357 7.07 -21.80 -16.33
CA TRP C 357 7.90 -22.51 -15.36
C TRP C 357 8.60 -23.70 -16.00
N TYR C 358 7.91 -24.40 -16.89
CA TYR C 358 8.48 -25.60 -17.48
C TYR C 358 9.58 -25.33 -18.51
N VAL C 359 9.35 -24.37 -19.40
CA VAL C 359 10.36 -23.89 -20.34
C VAL C 359 11.68 -23.53 -19.64
N ARG C 360 11.61 -22.68 -18.62
CA ARG C 360 12.80 -22.25 -17.89
C ARG C 360 13.49 -23.42 -17.19
N PHE C 361 12.69 -24.33 -16.65
CA PHE C 361 13.21 -25.50 -15.92
C PHE C 361 13.89 -26.51 -16.84
N LEU C 362 13.23 -26.84 -17.94
CA LEU C 362 13.76 -27.87 -18.84
C LEU C 362 14.94 -27.38 -19.69
N LYS C 363 14.95 -26.09 -20.02
CA LYS C 363 16.12 -25.46 -20.64
C LYS C 363 17.36 -25.55 -19.74
N TYR D 23 40.89 18.94 -11.67
CA TYR D 23 40.86 17.45 -11.82
C TYR D 23 40.13 16.81 -10.64
N MET D 24 39.33 15.79 -10.95
CA MET D 24 38.64 15.01 -9.92
C MET D 24 39.09 13.56 -10.08
N SER D 25 40.23 13.26 -9.47
CA SER D 25 41.04 12.09 -9.84
C SER D 25 40.39 10.74 -9.56
N ARG D 26 39.88 10.58 -8.35
CA ARG D 26 39.13 9.38 -8.00
C ARG D 26 37.91 9.22 -8.91
N TYR D 27 37.13 10.29 -9.03
CA TYR D 27 35.93 10.31 -9.88
C TYR D 27 36.29 9.91 -11.30
N GLU D 28 37.42 10.43 -11.78
CA GLU D 28 37.98 10.06 -13.09
C GLU D 28 38.25 8.57 -13.18
N GLU D 29 38.95 8.05 -12.17
CA GLU D 29 39.35 6.63 -12.12
C GLU D 29 38.15 5.71 -12.03
N ILE D 30 37.22 6.04 -11.13
CA ILE D 30 35.99 5.25 -10.94
C ILE D 30 35.13 5.22 -12.22
N THR D 31 35.03 6.35 -12.91
CA THR D 31 34.29 6.41 -14.17
C THR D 31 34.96 5.58 -15.27
N GLN D 32 36.29 5.50 -15.23
CA GLN D 32 37.03 4.63 -16.16
C GLN D 32 36.73 3.16 -15.88
N GLN D 33 36.72 2.80 -14.59
CA GLN D 33 36.32 1.45 -14.18
C GLN D 33 34.96 1.07 -14.76
N LEU D 34 34.02 2.00 -14.66
CA LEU D 34 32.64 1.79 -15.13
C LEU D 34 32.54 1.56 -16.65
N ILE D 35 33.26 2.37 -17.42
CA ILE D 35 33.21 2.28 -18.88
C ILE D 35 33.71 0.92 -19.36
N PHE D 36 34.73 0.37 -18.69
CA PHE D 36 35.27 -0.94 -19.04
C PHE D 36 34.40 -2.12 -18.61
N SER D 37 33.76 -1.99 -17.45
CA SER D 37 32.89 -3.04 -16.94
C SER D 37 31.55 -2.46 -16.52
N PRO D 38 30.67 -2.17 -17.51
CA PRO D 38 29.39 -1.51 -17.23
C PRO D 38 28.47 -2.34 -16.35
N LYS D 39 27.79 -1.67 -15.43
CA LYS D 39 26.87 -2.34 -14.53
C LYS D 39 25.47 -1.82 -14.78
N THR D 40 24.50 -2.42 -14.10
CA THR D 40 23.10 -2.02 -14.22
C THR D 40 22.70 -1.15 -13.03
N TRP D 41 22.16 0.03 -13.33
CA TRP D 41 21.79 1.00 -12.30
C TRP D 41 20.29 1.20 -12.22
N LEU D 42 19.81 1.54 -11.03
CA LEU D 42 18.45 2.04 -10.83
C LEU D 42 18.47 3.44 -10.27
N ILE D 43 17.83 4.35 -11.01
CA ILE D 43 17.53 5.68 -10.54
C ILE D 43 16.02 5.80 -10.34
N THR D 44 15.62 6.04 -9.10
CA THR D 44 14.25 6.39 -8.82
C THR D 44 14.20 7.88 -8.82
N GLY D 45 13.10 8.44 -9.34
CA GLY D 45 12.97 9.88 -9.46
C GLY D 45 13.78 10.39 -10.64
N VAL D 46 13.98 9.51 -11.61
CA VAL D 46 14.79 9.79 -12.78
C VAL D 46 14.25 10.90 -13.69
N ALA D 47 12.94 11.13 -13.66
CA ALA D 47 12.37 12.21 -14.47
C ALA D 47 12.46 13.56 -13.74
N GLY D 48 13.05 13.55 -12.55
CA GLY D 48 13.19 14.75 -11.75
C GLY D 48 14.50 15.46 -12.01
N PHE D 49 14.73 16.56 -11.29
CA PHE D 49 15.93 17.37 -11.43
C PHE D 49 17.24 16.57 -11.29
N ILE D 50 17.50 16.00 -10.12
CA ILE D 50 18.75 15.27 -9.88
C ILE D 50 18.75 13.92 -10.59
N GLY D 51 17.60 13.25 -10.61
CA GLY D 51 17.43 11.98 -11.32
C GLY D 51 17.78 12.02 -12.79
N SER D 52 17.29 13.04 -13.51
CA SER D 52 17.54 13.17 -14.95
C SER D 52 19.01 13.49 -15.21
N ASN D 53 19.60 14.30 -14.33
CA ASN D 53 21.02 14.61 -14.41
C ASN D 53 21.92 13.39 -14.20
N LEU D 54 21.52 12.51 -13.30
CA LEU D 54 22.22 11.25 -13.08
C LEU D 54 22.06 10.32 -14.28
N LEU D 55 20.91 10.40 -14.95
CA LEU D 55 20.66 9.61 -16.15
C LEU D 55 21.59 10.03 -17.28
N GLU D 56 21.82 11.33 -17.40
CA GLU D 56 22.72 11.88 -18.41
C GLU D 56 24.12 11.24 -18.28
N LYS D 57 24.77 11.49 -17.14
CA LYS D 57 26.11 10.95 -16.88
C LYS D 57 26.23 9.43 -17.03
N LEU D 58 25.33 8.68 -16.40
CA LEU D 58 25.38 7.22 -16.50
C LEU D 58 25.28 6.67 -17.93
N LEU D 59 24.44 7.27 -18.76
CA LEU D 59 24.31 6.83 -20.15
C LEU D 59 25.52 7.27 -20.95
N LYS D 60 26.02 8.46 -20.65
CA LYS D 60 27.29 8.92 -21.21
C LYS D 60 28.43 7.93 -20.93
N LEU D 61 28.34 7.23 -19.80
CA LEU D 61 29.32 6.21 -19.42
C LEU D 61 28.95 4.81 -19.93
N ASN D 62 27.95 4.75 -20.81
CA ASN D 62 27.51 3.47 -21.41
C ASN D 62 26.98 2.44 -20.40
N GLN D 63 26.41 2.91 -19.30
CA GLN D 63 25.81 2.03 -18.32
C GLN D 63 24.40 1.64 -18.72
N VAL D 64 23.96 0.47 -18.25
CA VAL D 64 22.58 0.04 -18.41
C VAL D 64 21.79 0.64 -17.25
N VAL D 65 20.80 1.48 -17.55
CA VAL D 65 20.06 2.17 -16.49
C VAL D 65 18.55 1.88 -16.54
N ILE D 66 18.04 1.35 -15.44
CA ILE D 66 16.61 1.19 -15.23
C ILE D 66 16.11 2.40 -14.43
N GLY D 67 15.08 3.06 -14.92
CA GLY D 67 14.56 4.26 -14.30
C GLY D 67 13.13 4.09 -13.85
N LEU D 68 12.82 4.61 -12.67
CA LEU D 68 11.46 4.61 -12.15
C LEU D 68 11.04 6.02 -11.75
N ASP D 69 9.88 6.42 -12.25
CA ASP D 69 9.29 7.70 -11.90
C ASP D 69 7.78 7.67 -12.12
N ASN D 70 7.05 8.55 -11.43
CA ASN D 70 5.58 8.58 -11.52
C ASN D 70 5.03 9.90 -12.06
N PHE D 71 5.93 10.79 -12.50
CA PHE D 71 5.57 12.11 -13.01
C PHE D 71 4.74 12.93 -12.02
N SER D 72 5.04 12.80 -10.74
CA SER D 72 4.49 13.71 -9.74
C SER D 72 5.09 15.10 -9.94
N THR D 73 6.31 15.32 -9.46
CA THR D 73 7.01 16.57 -9.74
C THR D 73 7.95 16.44 -10.94
N GLY D 74 8.20 15.20 -11.36
CA GLY D 74 9.07 14.94 -12.50
C GLY D 74 8.35 15.14 -13.83
N HIS D 75 9.12 15.14 -14.92
CA HIS D 75 8.59 15.51 -16.23
C HIS D 75 9.10 14.67 -17.39
N GLN D 76 8.21 14.41 -18.33
CA GLN D 76 8.55 13.79 -19.59
C GLN D 76 9.65 14.55 -20.33
N TYR D 77 9.58 15.88 -20.32
CA TYR D 77 10.52 16.69 -21.08
C TYR D 77 11.96 16.58 -20.58
N ASN D 78 12.14 16.24 -19.30
CA ASN D 78 13.47 16.02 -18.74
C ASN D 78 14.09 14.75 -19.33
N LEU D 79 13.26 13.74 -19.53
CA LEU D 79 13.71 12.51 -20.17
C LEU D 79 14.00 12.73 -21.66
N ASP D 80 13.14 13.52 -22.31
CA ASP D 80 13.37 13.91 -23.71
C ASP D 80 14.65 14.72 -23.85
N GLU D 81 14.92 15.63 -22.91
CA GLU D 81 16.15 16.40 -22.95
C GLU D 81 17.41 15.53 -22.83
N VAL D 82 17.35 14.47 -22.01
CA VAL D 82 18.51 13.58 -21.89
C VAL D 82 18.77 12.84 -23.20
N LYS D 83 17.69 12.49 -23.92
CA LYS D 83 17.79 11.78 -25.20
C LYS D 83 18.58 12.56 -26.25
N THR D 84 18.39 13.90 -26.28
CA THR D 84 19.05 14.77 -27.26
C THR D 84 20.52 15.02 -26.92
N LEU D 85 20.94 14.58 -25.74
CA LEU D 85 22.30 14.80 -25.23
C LEU D 85 23.14 13.53 -25.24
N VAL D 86 22.56 12.45 -25.75
CA VAL D 86 23.09 11.11 -25.57
C VAL D 86 22.93 10.30 -26.86
N SER D 87 23.97 9.57 -27.26
CA SER D 87 23.92 8.74 -28.47
C SER D 87 22.73 7.78 -28.44
N THR D 88 22.19 7.43 -29.60
CA THR D 88 21.03 6.55 -29.63
C THR D 88 21.37 5.20 -29.00
N GLU D 89 22.57 4.70 -29.29
CA GLU D 89 23.06 3.44 -28.71
C GLU D 89 23.13 3.50 -27.19
N GLN D 90 23.66 4.61 -26.66
CA GLN D 90 23.73 4.81 -25.22
C GLN D 90 22.33 4.83 -24.61
N TRP D 91 21.38 5.45 -25.32
CA TRP D 91 20.00 5.60 -24.86
C TRP D 91 19.21 4.30 -24.94
N SER D 92 19.63 3.39 -25.81
CA SER D 92 18.91 2.13 -26.03
C SER D 92 19.08 1.20 -24.84
N ARG D 93 20.02 1.53 -23.97
CA ARG D 93 20.31 0.78 -22.75
C ARG D 93 19.47 1.28 -21.56
N PHE D 94 18.76 2.39 -21.77
CA PHE D 94 17.84 2.92 -20.76
C PHE D 94 16.47 2.26 -20.89
N CYS D 95 16.02 1.65 -19.80
CA CYS D 95 14.67 1.12 -19.71
C CYS D 95 13.88 1.94 -18.70
N PHE D 96 12.91 2.72 -19.18
CA PHE D 96 12.10 3.55 -18.29
C PHE D 96 10.78 2.89 -17.95
N ILE D 97 10.48 2.92 -16.65
CA ILE D 97 9.29 2.31 -16.12
C ILE D 97 8.52 3.37 -15.34
N GLU D 98 7.30 3.66 -15.79
CA GLU D 98 6.40 4.53 -15.06
C GLU D 98 5.79 3.71 -13.93
N GLY D 99 5.88 4.24 -12.71
CA GLY D 99 5.38 3.53 -11.52
C GLY D 99 5.61 4.28 -10.22
N ASP D 100 5.03 3.76 -9.14
CA ASP D 100 5.04 4.46 -7.87
C ASP D 100 5.83 3.73 -6.80
N ILE D 101 6.66 4.46 -6.06
CA ILE D 101 7.47 3.86 -5.01
C ILE D 101 6.65 3.46 -3.77
N ARG D 102 5.44 4.00 -3.64
CA ARG D 102 4.53 3.56 -2.57
C ARG D 102 4.08 2.12 -2.77
N ASP D 103 4.22 1.63 -3.99
CA ASP D 103 3.78 0.30 -4.33
C ASP D 103 4.96 -0.66 -4.32
N LEU D 104 4.95 -1.59 -3.36
CA LEU D 104 6.08 -2.48 -3.14
C LEU D 104 6.41 -3.37 -4.33
N THR D 105 5.38 -3.94 -4.95
CA THR D 105 5.60 -4.91 -6.01
C THR D 105 6.34 -4.30 -7.20
N THR D 106 6.07 -3.02 -7.49
CA THR D 106 6.83 -2.34 -8.55
C THR D 106 8.27 -2.06 -8.14
N CYS D 107 8.49 -1.78 -6.85
CA CYS D 107 9.85 -1.68 -6.28
C CYS D 107 10.61 -2.97 -6.50
N GLU D 108 9.94 -4.10 -6.29
CA GLU D 108 10.56 -5.42 -6.46
C GLU D 108 10.86 -5.74 -7.92
N GLN D 109 9.85 -5.55 -8.80
CA GLN D 109 10.04 -5.79 -10.24
C GLN D 109 11.17 -4.95 -10.82
N VAL D 110 11.19 -3.68 -10.43
CA VAL D 110 12.18 -2.72 -10.91
C VAL D 110 13.60 -3.05 -10.46
N MET D 111 13.71 -3.80 -9.36
CA MET D 111 14.99 -4.10 -8.73
C MET D 111 15.76 -5.26 -9.41
N LYS D 112 15.10 -5.93 -10.34
CA LYS D 112 15.64 -7.17 -10.93
C LYS D 112 16.89 -6.92 -11.76
N GLY D 113 17.93 -7.70 -11.48
CA GLY D 113 19.20 -7.68 -12.21
C GLY D 113 20.05 -6.44 -11.98
N VAL D 114 19.69 -5.67 -10.96
CA VAL D 114 20.34 -4.38 -10.70
C VAL D 114 21.58 -4.53 -9.79
N ASP D 115 22.60 -3.74 -10.08
CA ASP D 115 23.82 -3.71 -9.28
C ASP D 115 23.86 -2.52 -8.35
N HIS D 116 23.54 -1.33 -8.86
CA HIS D 116 23.63 -0.12 -8.05
C HIS D 116 22.29 0.63 -7.96
N VAL D 117 21.93 1.09 -6.76
CA VAL D 117 20.70 1.85 -6.58
C VAL D 117 20.97 3.30 -6.20
N LEU D 118 20.42 4.23 -6.98
CA LEU D 118 20.46 5.64 -6.64
C LEU D 118 19.04 6.14 -6.35
N HIS D 119 18.70 6.28 -5.07
CA HIS D 119 17.33 6.64 -4.70
C HIS D 119 17.15 8.15 -4.57
N GLN D 120 16.50 8.74 -5.56
CA GLN D 120 16.21 10.18 -5.52
C GLN D 120 14.69 10.49 -5.50
N ALA D 121 13.86 9.50 -5.82
CA ALA D 121 12.40 9.68 -5.74
C ALA D 121 11.91 10.08 -4.34
N ALA D 122 11.29 11.25 -4.26
CA ALA D 122 10.68 11.80 -3.04
C ALA D 122 9.86 13.03 -3.41
N LEU D 123 8.98 13.45 -2.52
CA LEU D 123 8.34 14.74 -2.66
C LEU D 123 9.05 15.70 -1.73
N GLY D 124 9.99 16.46 -2.27
CA GLY D 124 10.70 17.47 -1.50
C GLY D 124 9.82 18.64 -1.12
N SER D 125 10.44 19.71 -0.64
CA SER D 125 9.76 20.96 -0.27
C SER D 125 9.23 20.93 1.16
N VAL D 126 9.86 21.72 2.02
CA VAL D 126 9.49 21.89 3.42
C VAL D 126 8.05 22.41 3.55
N PRO D 127 7.66 23.43 2.75
CA PRO D 127 6.28 23.92 2.88
C PRO D 127 5.26 22.91 2.39
N ARG D 128 5.60 22.13 1.37
CA ARG D 128 4.75 21.04 0.92
C ARG D 128 4.38 20.13 2.09
N SER D 129 5.37 19.78 2.90
CA SER D 129 5.21 18.84 4.00
C SER D 129 4.39 19.40 5.18
N ILE D 130 4.50 20.71 5.43
CA ILE D 130 3.72 21.35 6.49
C ILE D 130 2.22 21.35 6.11
N VAL D 131 1.96 21.47 4.81
CA VAL D 131 0.60 21.53 4.31
C VAL D 131 -0.07 20.15 4.18
N ASP D 132 0.71 19.15 3.81
CA ASP D 132 0.19 17.80 3.59
C ASP D 132 1.26 16.80 4.00
N PRO D 133 1.40 16.57 5.32
CA PRO D 133 2.42 15.65 5.82
C PRO D 133 2.07 14.20 5.53
N ILE D 134 0.81 13.93 5.20
CA ILE D 134 0.36 12.57 4.97
C ILE D 134 0.92 11.98 3.67
N THR D 135 0.76 12.67 2.55
CA THR D 135 1.31 12.15 1.29
C THR D 135 2.84 12.22 1.28
N THR D 136 3.38 13.29 1.86
CA THR D 136 4.82 13.44 2.07
C THR D 136 5.41 12.26 2.86
N ASN D 137 4.71 11.85 3.91
CA ASN D 137 5.11 10.69 4.69
C ASN D 137 5.11 9.39 3.90
N ALA D 138 4.07 9.18 3.11
CA ALA D 138 3.92 7.97 2.31
C ALA D 138 5.00 7.82 1.24
N THR D 139 5.44 8.95 0.67
CA THR D 139 6.39 8.88 -0.43
C THR D 139 7.81 8.86 0.10
N ASN D 140 8.07 9.69 1.11
CA ASN D 140 9.41 9.89 1.63
C ASN D 140 9.82 8.87 2.69
N ILE D 141 8.84 8.20 3.30
CA ILE D 141 9.16 7.14 4.24
C ILE D 141 8.77 5.77 3.68
N THR D 142 7.48 5.56 3.47
CA THR D 142 6.97 4.27 3.02
C THR D 142 7.61 3.87 1.70
N GLY D 143 7.71 4.85 0.79
CA GLY D 143 8.32 4.64 -0.51
C GLY D 143 9.80 4.32 -0.37
N PHE D 144 10.50 5.10 0.46
CA PHE D 144 11.90 4.84 0.74
C PHE D 144 12.08 3.40 1.24
N LEU D 145 11.35 3.04 2.29
CA LEU D 145 11.46 1.69 2.86
C LEU D 145 11.15 0.58 1.85
N ASN D 146 10.16 0.81 0.99
CA ASN D 146 9.84 -0.16 -0.06
C ASN D 146 11.07 -0.45 -0.93
N ILE D 147 11.78 0.60 -1.31
CA ILE D 147 12.99 0.50 -2.14
C ILE D 147 14.21 -0.03 -1.37
N LEU D 148 14.36 0.41 -0.12
CA LEU D 148 15.42 -0.08 0.73
C LEU D 148 15.27 -1.59 0.84
N HIS D 149 14.08 -2.03 1.22
CA HIS D 149 13.79 -3.46 1.40
C HIS D 149 13.96 -4.29 0.13
N ALA D 150 13.37 -3.82 -0.95
CA ALA D 150 13.49 -4.48 -2.25
C ALA D 150 14.95 -4.65 -2.67
N ALA D 151 15.76 -3.62 -2.41
CA ALA D 151 17.20 -3.63 -2.71
C ALA D 151 17.95 -4.70 -1.91
N LYS D 152 17.71 -4.78 -0.60
CA LYS D 152 18.43 -5.77 0.21
C LYS D 152 18.00 -7.21 -0.13
N ASN D 153 16.70 -7.40 -0.41
CA ASN D 153 16.22 -8.70 -0.89
C ASN D 153 16.93 -9.10 -2.19
N ALA D 154 17.07 -8.14 -3.10
CA ALA D 154 17.70 -8.38 -4.41
C ALA D 154 19.22 -8.54 -4.35
N GLN D 155 19.78 -8.43 -3.14
CA GLN D 155 21.22 -8.58 -2.90
C GLN D 155 22.00 -7.69 -3.85
N VAL D 156 21.60 -6.44 -3.84
CA VAL D 156 22.16 -5.39 -4.67
C VAL D 156 23.55 -5.00 -4.16
N GLN D 157 24.44 -4.57 -5.05
CA GLN D 157 25.83 -4.24 -4.70
C GLN D 157 25.97 -2.90 -3.99
N SER D 158 25.06 -1.97 -4.28
CA SER D 158 25.17 -0.60 -3.79
C SER D 158 23.82 0.06 -3.55
N PHE D 159 23.74 0.84 -2.48
CA PHE D 159 22.55 1.62 -2.19
C PHE D 159 22.96 3.01 -1.73
N THR D 160 22.66 3.99 -2.58
CA THR D 160 22.89 5.38 -2.26
C THR D 160 21.55 6.13 -2.37
N TYR D 161 21.26 6.98 -1.38
CA TYR D 161 19.96 7.64 -1.29
C TYR D 161 20.09 9.10 -0.86
N ALA D 162 19.13 9.91 -1.29
CA ALA D 162 19.14 11.34 -1.06
C ALA D 162 18.63 11.73 0.32
N ALA D 163 19.54 12.15 1.19
CA ALA D 163 19.18 12.70 2.49
C ALA D 163 19.12 14.22 2.37
N SER D 164 19.11 14.94 3.48
CA SER D 164 18.87 16.38 3.46
C SER D 164 19.61 17.14 4.55
N SER D 165 20.06 18.35 4.23
CA SER D 165 20.71 19.22 5.22
C SER D 165 19.72 19.73 6.25
N SER D 166 18.43 19.63 5.94
CA SER D 166 17.38 20.01 6.87
C SER D 166 17.41 19.16 8.14
N THR D 167 18.10 18.01 8.07
CA THR D 167 18.24 17.10 9.20
C THR D 167 18.98 17.77 10.37
N TYR D 168 19.69 18.87 10.07
CA TYR D 168 20.41 19.62 11.09
C TYR D 168 19.49 20.42 12.01
N GLY D 169 18.46 21.04 11.45
CA GLY D 169 17.39 21.69 12.23
C GLY D 169 17.82 22.71 13.26
N ASP D 170 17.46 22.43 14.52
CA ASP D 170 17.82 23.24 15.70
C ASP D 170 19.27 23.71 15.74
N HIS D 171 20.18 22.75 15.48
CA HIS D 171 21.60 22.93 15.73
C HIS D 171 22.16 24.28 15.26
N PRO D 172 22.78 25.04 16.18
CA PRO D 172 23.32 26.37 15.91
C PRO D 172 24.74 26.40 15.31
N ALA D 173 25.55 25.40 15.61
CA ALA D 173 26.98 25.40 15.25
C ALA D 173 27.25 25.41 13.73
N LEU D 174 28.25 26.18 13.31
CA LEU D 174 28.69 26.22 11.91
C LEU D 174 30.22 26.04 11.82
N PRO D 175 30.71 25.30 10.79
CA PRO D 175 29.98 24.56 9.76
C PRO D 175 29.28 23.34 10.32
N LYS D 176 28.35 22.78 9.55
CA LYS D 176 27.58 21.62 9.98
C LYS D 176 28.40 20.36 9.78
N VAL D 177 28.54 19.58 10.84
CA VAL D 177 29.27 18.31 10.78
C VAL D 177 28.31 17.12 10.97
N GLU D 178 28.58 16.03 10.26
CA GLU D 178 27.67 14.90 10.19
C GLU D 178 27.18 14.35 11.54
N GLU D 179 28.08 14.32 12.53
CA GLU D 179 27.75 13.78 13.87
C GLU D 179 26.70 14.60 14.64
N ASN D 180 26.70 15.91 14.43
CA ASN D 180 25.91 16.84 15.25
C ASN D 180 24.62 17.31 14.58
N ILE D 181 23.51 16.96 15.19
CA ILE D 181 22.18 17.09 14.60
C ILE D 181 21.23 17.60 15.69
N GLY D 182 20.40 18.60 15.35
CA GLY D 182 19.41 19.13 16.28
C GLY D 182 18.05 18.47 16.11
N ASN D 183 17.01 19.10 16.63
CA ASN D 183 15.66 18.61 16.41
C ASN D 183 15.17 19.08 15.04
N PRO D 184 14.44 18.22 14.31
CA PRO D 184 13.87 18.60 13.03
C PRO D 184 12.85 19.71 13.21
N LEU D 185 12.74 20.62 12.24
CA LEU D 185 11.83 21.74 12.37
C LEU D 185 10.65 21.64 11.40
N SER D 186 10.56 20.54 10.67
CA SER D 186 9.52 20.34 9.66
C SER D 186 9.21 18.87 9.46
N PRO D 187 7.97 18.55 9.04
CA PRO D 187 7.67 17.16 8.66
C PRO D 187 8.67 16.61 7.63
N TYR D 188 9.03 17.42 6.64
CA TYR D 188 9.99 17.00 5.61
C TYR D 188 11.29 16.54 6.26
N ALA D 189 11.80 17.35 7.18
CA ALA D 189 13.03 17.05 7.90
C ALA D 189 12.94 15.71 8.65
N VAL D 190 11.75 15.37 9.11
CA VAL D 190 11.55 14.11 9.81
C VAL D 190 11.72 12.93 8.84
N THR D 191 10.94 12.93 7.76
CA THR D 191 10.97 11.85 6.78
C THR D 191 12.39 11.53 6.32
N LYS D 192 13.17 12.57 6.05
CA LYS D 192 14.55 12.40 5.60
C LYS D 192 15.47 11.83 6.70
N TYR D 193 15.28 12.28 7.93
CA TYR D 193 16.00 11.71 9.06
C TYR D 193 15.66 10.22 9.23
N VAL D 194 14.38 9.90 9.14
CA VAL D 194 13.92 8.50 9.20
C VAL D 194 14.62 7.65 8.13
N ASN D 195 14.80 8.19 6.92
CA ASN D 195 15.54 7.48 5.88
C ASN D 195 16.90 7.00 6.38
N GLU D 196 17.62 7.88 7.08
CA GLU D 196 18.93 7.55 7.61
C GLU D 196 18.85 6.48 8.69
N ILE D 197 17.90 6.63 9.61
CA ILE D 197 17.71 5.71 10.72
C ILE D 197 17.38 4.30 10.23
N TYR D 198 16.47 4.21 9.27
CA TYR D 198 16.18 2.93 8.63
C TYR D 198 17.41 2.36 7.94
N ALA D 199 18.17 3.22 7.26
CA ALA D 199 19.37 2.77 6.54
C ALA D 199 20.43 2.21 7.49
N GLN D 200 20.69 2.96 8.57
CA GLN D 200 21.60 2.50 9.62
C GLN D 200 21.17 1.15 10.22
N VAL D 201 19.86 0.98 10.41
CA VAL D 201 19.30 -0.23 11.02
C VAL D 201 19.40 -1.44 10.08
N TYR D 202 19.26 -1.20 8.79
CA TYR D 202 19.45 -2.24 7.78
C TYR D 202 20.87 -2.79 7.77
N ALA D 203 21.83 -1.91 8.03
CA ALA D 203 23.21 -2.30 8.29
C ALA D 203 23.34 -3.20 9.54
N ARG D 204 22.72 -2.80 10.65
CA ARG D 204 22.77 -3.57 11.90
C ARG D 204 22.09 -4.94 11.79
N THR D 205 20.87 -4.95 11.28
CA THR D 205 20.09 -6.18 11.24
C THR D 205 20.42 -7.08 10.03
N TYR D 206 20.62 -6.50 8.84
CA TYR D 206 20.84 -7.34 7.64
C TYR D 206 22.27 -7.33 7.07
N GLY D 207 23.13 -6.46 7.60
CA GLY D 207 24.47 -6.30 7.02
C GLY D 207 24.41 -5.67 5.64
N PHE D 208 23.32 -4.95 5.37
CA PHE D 208 23.14 -4.24 4.10
C PHE D 208 23.63 -2.80 4.29
N LYS D 209 24.84 -2.54 3.81
CA LYS D 209 25.51 -1.25 4.01
C LYS D 209 25.12 -0.25 2.93
N THR D 210 24.70 0.94 3.35
CA THR D 210 24.20 1.98 2.45
C THR D 210 24.99 3.28 2.67
N ILE D 211 24.81 4.25 1.76
CA ILE D 211 25.30 5.60 1.99
C ILE D 211 24.16 6.60 1.78
N GLY D 212 23.96 7.46 2.77
CA GLY D 212 23.02 8.55 2.66
C GLY D 212 23.75 9.84 2.37
N LEU D 213 23.24 10.59 1.40
CA LEU D 213 23.84 11.85 1.02
C LEU D 213 22.97 13.01 1.46
N ARG D 214 23.41 13.73 2.50
CA ARG D 214 22.73 14.95 2.94
C ARG D 214 23.02 16.08 1.97
N TYR D 215 22.08 16.30 1.03
CA TYR D 215 22.23 17.38 0.07
C TYR D 215 22.02 18.71 0.75
N PHE D 216 22.59 19.75 0.15
CA PHE D 216 22.62 21.09 0.70
C PHE D 216 22.19 22.08 -0.38
N ASN D 217 20.91 22.15 -0.70
CA ASN D 217 20.43 23.12 -1.71
C ASN D 217 21.13 22.98 -3.07
N VAL D 218 20.76 21.94 -3.79
CA VAL D 218 21.30 21.65 -5.10
C VAL D 218 20.58 22.53 -6.13
N PHE D 219 21.31 22.91 -7.18
CA PHE D 219 20.76 23.66 -8.31
C PHE D 219 21.53 23.33 -9.57
N GLY D 220 20.95 23.70 -10.72
CA GLY D 220 21.57 23.47 -12.02
C GLY D 220 20.54 23.21 -13.09
N ARG D 221 20.97 22.62 -14.20
CA ARG D 221 20.07 22.32 -15.31
C ARG D 221 18.92 21.40 -14.87
N ARG D 222 17.72 21.74 -15.31
CA ARG D 222 16.50 20.92 -15.11
C ARG D 222 15.85 20.95 -13.72
N GLN D 223 16.18 21.95 -12.91
CA GLN D 223 15.46 22.15 -11.65
C GLN D 223 14.21 23.00 -11.91
N ASP D 224 13.04 22.37 -11.82
CA ASP D 224 11.75 23.02 -12.09
C ASP D 224 11.63 24.45 -11.52
N PRO D 225 11.42 25.44 -12.40
CA PRO D 225 11.17 26.82 -12.00
C PRO D 225 9.68 27.15 -11.84
N ASN D 226 8.83 26.30 -12.42
CA ASN D 226 7.37 26.42 -12.32
C ASN D 226 6.84 25.63 -11.12
N GLY D 227 5.65 25.97 -10.67
CA GLY D 227 5.08 25.35 -9.49
C GLY D 227 5.25 26.22 -8.26
N ALA D 228 4.29 26.12 -7.34
CA ALA D 228 4.28 26.93 -6.13
C ALA D 228 5.35 26.52 -5.12
N TYR D 229 6.06 25.42 -5.39
CA TYR D 229 7.08 24.89 -4.49
C TYR D 229 8.51 24.98 -5.03
N ALA D 230 8.70 25.71 -6.12
CA ALA D 230 10.02 25.82 -6.74
C ALA D 230 11.06 26.42 -5.78
N ALA D 231 12.30 25.93 -5.88
CA ALA D 231 13.39 26.41 -5.02
C ALA D 231 13.86 27.80 -5.46
N VAL D 232 14.48 28.57 -4.54
CA VAL D 232 14.85 29.98 -4.80
C VAL D 232 15.53 30.23 -6.14
N ILE D 233 16.55 29.44 -6.44
CA ILE D 233 17.35 29.71 -7.63
C ILE D 233 16.50 29.70 -8.89
N PRO D 234 15.84 28.59 -9.23
CA PRO D 234 15.01 28.65 -10.44
C PRO D 234 13.78 29.55 -10.29
N LYS D 235 13.26 29.68 -9.07
CA LYS D 235 12.18 30.62 -8.75
C LYS D 235 12.56 32.02 -9.21
N TRP D 236 13.65 32.53 -8.65
CA TRP D 236 14.10 33.91 -8.87
C TRP D 236 14.50 34.23 -10.30
N THR D 237 15.19 33.30 -10.97
CA THR D 237 15.60 33.53 -12.36
C THR D 237 14.39 33.65 -13.29
N ALA D 238 13.33 32.90 -13.00
CA ALA D 238 12.07 33.01 -13.74
C ALA D 238 11.41 34.38 -13.50
N ALA D 239 11.36 34.80 -12.24
CA ALA D 239 10.80 36.10 -11.86
C ALA D 239 11.56 37.25 -12.50
N MET D 240 12.89 37.16 -12.47
CA MET D 240 13.75 38.21 -13.02
C MET D 240 13.67 38.30 -14.55
N LEU D 241 13.58 37.14 -15.21
CA LEU D 241 13.42 37.10 -16.67
C LEU D 241 12.10 37.71 -17.12
N LYS D 242 11.04 37.48 -16.34
CA LYS D 242 9.72 38.03 -16.63
C LYS D 242 9.59 39.47 -16.10
N GLY D 243 10.44 39.83 -15.15
CA GLY D 243 10.42 41.17 -14.56
C GLY D 243 9.35 41.32 -13.51
N ASP D 244 9.21 40.30 -12.65
CA ASP D 244 8.26 40.34 -11.53
C ASP D 244 9.02 40.57 -10.24
N ASP D 245 8.28 40.85 -9.17
CA ASP D 245 8.87 41.02 -7.85
C ASP D 245 9.69 39.78 -7.45
N VAL D 246 10.74 40.00 -6.67
CA VAL D 246 11.51 38.93 -6.09
C VAL D 246 11.28 38.98 -4.58
N TYR D 247 10.75 37.90 -4.03
CA TYR D 247 10.44 37.84 -2.60
C TYR D 247 11.58 37.26 -1.78
N ILE D 248 11.82 37.88 -0.63
CA ILE D 248 12.84 37.45 0.30
C ILE D 248 12.16 37.16 1.65
N ASN D 249 11.96 35.86 1.91
CA ASN D 249 11.29 35.38 3.13
C ASN D 249 12.09 35.71 4.40
N GLY D 250 11.65 36.77 5.07
CA GLY D 250 12.36 37.29 6.23
C GLY D 250 13.34 38.37 5.84
N ASP D 251 14.45 38.47 6.59
CA ASP D 251 15.41 39.57 6.46
C ASP D 251 16.43 39.42 5.32
N GLY D 252 16.53 38.21 4.78
CA GLY D 252 17.46 37.93 3.67
C GLY D 252 18.87 37.61 4.14
N GLU D 253 19.04 37.50 5.46
CA GLU D 253 20.32 37.17 6.05
C GLU D 253 20.48 35.66 6.27
N THR D 254 19.43 34.92 5.99
CA THR D 254 19.47 33.46 6.04
C THR D 254 20.39 32.95 4.93
N SER D 255 21.33 32.09 5.32
CA SER D 255 22.38 31.66 4.41
C SER D 255 22.31 30.18 4.02
N ARG D 256 22.82 29.85 2.84
CA ARG D 256 22.80 28.49 2.30
C ARG D 256 24.11 28.13 1.62
N ASP D 257 24.38 26.83 1.56
CA ASP D 257 25.52 26.29 0.83
C ASP D 257 24.98 25.74 -0.48
N PHE D 258 24.73 26.64 -1.44
CA PHE D 258 24.19 26.23 -2.74
C PHE D 258 25.19 25.36 -3.49
N CYS D 259 24.70 24.27 -4.09
CA CYS D 259 25.57 23.22 -4.61
C CYS D 259 25.17 22.75 -6.01
N TYR D 260 25.96 23.15 -7.00
CA TYR D 260 25.71 22.80 -8.40
C TYR D 260 25.70 21.29 -8.63
N ILE D 261 24.81 20.80 -9.50
CA ILE D 261 24.50 19.36 -9.60
C ILE D 261 25.68 18.44 -9.83
N ASP D 262 26.65 18.89 -10.62
CA ASP D 262 27.80 18.05 -10.97
C ASP D 262 28.51 17.57 -9.73
N ASN D 263 28.48 18.38 -8.68
CA ASN D 263 29.02 17.99 -7.39
C ASN D 263 28.28 16.79 -6.78
N VAL D 264 26.95 16.74 -6.93
CA VAL D 264 26.20 15.59 -6.40
C VAL D 264 26.30 14.38 -7.32
N ILE D 265 26.34 14.63 -8.63
CA ILE D 265 26.60 13.57 -9.63
C ILE D 265 27.90 12.84 -9.28
N GLN D 266 28.94 13.62 -8.95
CA GLN D 266 30.22 13.08 -8.51
C GLN D 266 30.06 12.19 -7.25
N MET D 267 29.44 12.75 -6.21
CA MET D 267 29.21 12.04 -4.96
C MET D 267 28.36 10.78 -5.13
N ASN D 268 27.29 10.88 -5.93
CA ASN D 268 26.44 9.72 -6.16
C ASN D 268 27.22 8.56 -6.75
N ILE D 269 28.07 8.86 -7.73
CA ILE D 269 28.90 7.83 -8.37
C ILE D 269 30.02 7.35 -7.43
N LEU D 270 30.68 8.29 -6.75
CA LEU D 270 31.73 7.92 -5.79
C LEU D 270 31.17 6.96 -4.75
N SER D 271 30.00 7.29 -4.21
CA SER D 271 29.36 6.52 -3.15
C SER D 271 28.94 5.12 -3.58
N ALA D 272 28.43 5.00 -4.81
CA ALA D 272 27.99 3.71 -5.32
C ALA D 272 29.13 2.71 -5.49
N LEU D 273 30.36 3.22 -5.62
CA LEU D 273 31.53 2.36 -5.78
C LEU D 273 32.53 2.56 -4.64
N ALA D 274 32.00 2.98 -3.50
CA ALA D 274 32.81 3.17 -2.31
C ALA D 274 33.30 1.83 -1.81
N LYS D 275 34.50 1.83 -1.24
CA LYS D 275 35.00 0.66 -0.53
C LYS D 275 34.10 0.38 0.66
N ASP D 276 33.91 -0.90 1.01
CA ASP D 276 32.94 -1.30 2.02
C ASP D 276 33.09 -0.55 3.34
N SER D 277 34.33 -0.32 3.76
CA SER D 277 34.59 0.38 5.01
C SER D 277 34.04 1.81 4.99
N ALA D 278 33.84 2.34 3.79
CA ALA D 278 33.31 3.70 3.61
C ALA D 278 31.77 3.72 3.55
N LYS D 279 31.16 2.54 3.43
CA LYS D 279 29.70 2.41 3.44
C LYS D 279 29.14 2.50 4.87
N ASP D 280 27.83 2.25 5.02
CA ASP D 280 27.07 2.63 6.22
C ASP D 280 27.49 3.98 6.80
N ASN D 281 27.56 4.97 5.93
CA ASN D 281 27.95 6.32 6.33
C ASN D 281 27.02 7.39 5.77
N ILE D 282 27.02 8.53 6.44
CA ILE D 282 26.29 9.70 5.98
C ILE D 282 27.31 10.79 5.68
N TYR D 283 27.14 11.45 4.52
CA TYR D 283 28.06 12.49 4.07
C TYR D 283 27.31 13.74 3.65
N ASN D 284 27.77 14.89 4.13
CA ASN D 284 27.37 16.16 3.56
C ASN D 284 27.77 16.23 2.08
N VAL D 285 26.84 16.67 1.24
CA VAL D 285 27.17 16.92 -0.17
C VAL D 285 26.93 18.38 -0.47
N ALA D 286 28.02 19.15 -0.43
CA ALA D 286 28.01 20.58 -0.69
C ALA D 286 29.40 21.05 -1.08
N VAL D 287 29.60 22.37 -1.09
CA VAL D 287 30.87 22.95 -1.49
C VAL D 287 31.63 23.54 -0.29
N GLY D 288 30.90 23.90 0.76
CA GLY D 288 31.50 24.47 1.96
C GLY D 288 31.35 25.98 2.03
N ASP D 289 30.76 26.56 0.98
CA ASP D 289 30.56 28.00 0.90
C ASP D 289 29.27 28.42 1.59
N ARG D 290 29.11 29.73 1.79
CA ARG D 290 27.96 30.28 2.51
C ARG D 290 27.53 31.64 1.94
N THR D 291 26.42 31.64 1.21
CA THR D 291 25.87 32.90 0.71
C THR D 291 24.48 33.18 1.28
N THR D 292 24.25 34.44 1.66
CA THR D 292 22.93 34.89 2.14
C THR D 292 21.98 35.03 0.97
N LEU D 293 20.70 35.25 1.27
CA LEU D 293 19.69 35.43 0.23
C LEU D 293 19.85 36.75 -0.54
N ASN D 294 20.34 37.79 0.15
CA ASN D 294 20.65 39.08 -0.47
C ASN D 294 21.73 38.97 -1.56
N GLU D 295 22.83 38.28 -1.23
CA GLU D 295 23.92 38.04 -2.16
C GLU D 295 23.48 37.23 -3.38
N LEU D 296 22.59 36.26 -3.14
CA LEU D 296 22.08 35.40 -4.21
C LEU D 296 21.33 36.18 -5.29
N SER D 297 20.44 37.08 -4.87
CA SER D 297 19.74 37.97 -5.79
C SER D 297 20.73 38.74 -6.66
N GLY D 298 21.69 39.42 -6.01
CA GLY D 298 22.79 40.07 -6.70
C GLY D 298 23.48 39.16 -7.69
N TYR D 299 23.94 38.00 -7.22
CA TYR D 299 24.63 37.02 -8.07
C TYR D 299 23.84 36.63 -9.31
N ILE D 300 22.56 36.27 -9.11
CA ILE D 300 21.67 35.86 -10.20
C ILE D 300 21.47 37.01 -11.19
N TYR D 301 21.18 38.19 -10.66
CA TYR D 301 20.94 39.40 -11.45
C TYR D 301 22.14 39.74 -12.32
N ASP D 302 23.32 39.75 -11.70
CA ASP D 302 24.58 40.00 -12.41
C ASP D 302 24.76 38.99 -13.55
N GLU D 303 24.51 37.72 -13.26
CA GLU D 303 24.68 36.65 -14.23
C GLU D 303 23.67 36.67 -15.36
N LEU D 304 22.46 37.15 -15.07
CA LEU D 304 21.40 37.27 -16.06
C LEU D 304 21.62 38.41 -17.05
N ASN D 305 22.16 39.53 -16.56
CA ASN D 305 22.47 40.67 -17.42
C ASN D 305 23.52 40.34 -18.47
N LEU D 306 24.55 39.58 -18.08
CA LEU D 306 25.62 39.19 -19.00
C LEU D 306 25.12 38.34 -20.17
N ILE D 307 23.84 37.96 -20.13
CA ILE D 307 23.18 37.32 -21.29
C ILE D 307 21.85 38.01 -21.66
N HIS D 308 21.94 39.33 -21.85
CA HIS D 308 20.83 40.22 -22.25
C HIS D 308 19.79 40.41 -21.11
N HIS D 309 18.60 40.92 -21.48
CA HIS D 309 17.46 41.07 -20.56
C HIS D 309 17.77 42.02 -19.39
N ILE D 315 12.73 43.86 -5.77
CA ILE D 315 12.91 43.08 -4.54
C ILE D 315 11.94 43.50 -3.43
N LYS D 316 11.13 42.56 -2.98
CA LYS D 316 10.16 42.77 -1.91
C LYS D 316 10.38 41.79 -0.75
N TYR D 317 10.48 42.33 0.47
CA TYR D 317 10.67 41.53 1.67
C TYR D 317 9.33 41.18 2.32
N ARG D 318 9.07 39.89 2.48
CA ARG D 318 7.94 39.44 3.29
C ARG D 318 8.43 38.75 4.57
N GLU D 319 7.57 37.95 5.21
CA GLU D 319 7.93 37.32 6.47
C GLU D 319 8.62 35.97 6.28
N PHE D 320 9.29 35.52 7.34
CA PHE D 320 10.01 34.24 7.34
C PHE D 320 9.10 33.06 7.01
N ARG D 321 9.67 32.08 6.33
CA ARG D 321 9.01 30.81 6.13
C ARG D 321 8.99 30.09 7.48
N SER D 322 7.83 29.57 7.86
CA SER D 322 7.74 28.76 9.07
C SER D 322 8.28 27.34 8.79
N GLY D 323 9.04 26.81 9.75
CA GLY D 323 9.72 25.53 9.57
C GLY D 323 10.99 25.65 8.73
N ASP D 324 11.46 26.88 8.55
CA ASP D 324 12.66 27.18 7.78
C ASP D 324 13.91 26.96 8.63
N VAL D 325 15.00 26.53 7.98
CA VAL D 325 16.30 26.48 8.62
C VAL D 325 17.02 27.82 8.43
N ARG D 326 17.60 28.34 9.51
CA ARG D 326 18.21 29.67 9.51
C ARG D 326 19.49 29.75 8.65
N HIS D 327 20.61 29.23 9.16
CA HIS D 327 21.87 29.26 8.42
C HIS D 327 22.33 27.84 8.11
N SER D 328 22.89 27.66 6.93
CA SER D 328 23.34 26.34 6.51
C SER D 328 24.64 26.43 5.74
N GLN D 329 25.67 25.79 6.28
CA GLN D 329 27.00 25.71 5.67
C GLN D 329 27.61 24.37 6.01
N ALA D 330 28.05 23.65 4.99
CA ALA D 330 28.54 22.28 5.17
C ALA D 330 30.01 22.24 5.53
N ASP D 331 30.38 21.24 6.32
CA ASP D 331 31.75 20.79 6.44
C ASP D 331 31.82 19.49 5.66
N VAL D 332 32.60 19.51 4.60
CA VAL D 332 32.65 18.40 3.65
C VAL D 332 33.92 17.56 3.82
N THR D 333 34.62 17.74 4.95
CA THR D 333 35.87 17.03 5.22
C THR D 333 35.69 15.51 5.16
N LYS D 334 34.59 15.03 5.71
CA LYS D 334 34.32 13.60 5.75
C LYS D 334 34.32 13.01 4.33
N ALA D 335 33.61 13.68 3.42
CA ALA D 335 33.51 13.25 2.04
C ALA D 335 34.86 13.41 1.35
N ILE D 336 35.53 14.53 1.63
CA ILE D 336 36.87 14.80 1.10
C ILE D 336 37.83 13.66 1.44
N ASP D 337 37.84 13.23 2.71
CA ASP D 337 38.80 12.23 3.19
C ASP D 337 38.39 10.80 2.85
N LEU D 338 37.13 10.47 3.08
CA LEU D 338 36.68 9.07 2.96
C LEU D 338 36.36 8.60 1.53
N LEU D 339 35.78 9.48 0.72
CA LEU D 339 35.44 9.11 -0.65
C LEU D 339 36.31 9.75 -1.73
N LYS D 340 37.19 10.66 -1.30
CA LYS D 340 38.00 11.50 -2.18
C LYS D 340 37.12 12.38 -3.06
N TYR D 341 36.14 13.01 -2.41
CA TYR D 341 35.26 13.99 -3.04
C TYR D 341 36.07 15.24 -3.37
N ARG D 342 35.93 15.73 -4.60
CA ARG D 342 36.56 16.98 -5.04
C ARG D 342 35.51 17.90 -5.64
N PRO D 343 34.98 18.82 -4.82
CA PRO D 343 34.03 19.83 -5.30
C PRO D 343 34.69 20.81 -6.30
N ASN D 344 34.41 20.63 -7.59
CA ASN D 344 35.03 21.45 -8.62
C ASN D 344 34.36 22.81 -8.85
N ILE D 345 33.04 22.85 -8.75
CA ILE D 345 32.26 24.02 -9.17
C ILE D 345 31.60 24.74 -7.99
N LYS D 346 31.98 26.01 -7.81
CA LYS D 346 31.38 26.86 -6.78
C LYS D 346 30.17 27.61 -7.33
N ILE D 347 29.58 28.49 -6.52
CA ILE D 347 28.25 29.04 -6.82
C ILE D 347 28.13 29.93 -8.08
N ARG D 348 28.99 30.94 -8.20
CA ARG D 348 28.97 31.84 -9.37
C ARG D 348 29.18 31.06 -10.67
N GLU D 349 30.21 30.22 -10.71
CA GLU D 349 30.47 29.35 -11.86
C GLU D 349 29.26 28.46 -12.17
N GLY D 350 28.58 28.02 -11.12
CA GLY D 350 27.38 27.19 -11.23
C GLY D 350 26.24 27.96 -11.84
N LEU D 351 26.02 29.19 -11.34
CA LEU D 351 25.01 30.09 -11.88
C LEU D 351 25.28 30.39 -13.34
N ARG D 352 26.55 30.66 -13.66
CA ARG D 352 26.99 30.97 -15.03
C ARG D 352 26.74 29.83 -16.02
N LEU D 353 26.92 28.59 -15.56
CA LEU D 353 26.64 27.42 -16.37
C LEU D 353 25.15 27.10 -16.44
N SER D 354 24.38 27.72 -15.54
CA SER D 354 22.96 27.40 -15.39
C SER D 354 22.02 28.31 -16.19
N MET D 355 22.31 29.61 -16.21
CA MET D 355 21.40 30.59 -16.79
C MET D 355 21.01 30.31 -18.25
N PRO D 356 22.01 30.05 -19.14
CA PRO D 356 21.69 29.73 -20.54
C PRO D 356 20.65 28.62 -20.74
N TRP D 357 20.56 27.69 -19.79
CA TRP D 357 19.53 26.65 -19.84
C TRP D 357 18.14 27.22 -19.54
N TYR D 358 18.06 28.09 -18.53
CA TYR D 358 16.79 28.65 -18.08
C TYR D 358 16.17 29.63 -19.08
N VAL D 359 17.02 30.39 -19.75
CA VAL D 359 16.59 31.30 -20.81
C VAL D 359 15.97 30.50 -21.95
N ARG D 360 16.71 29.50 -22.43
CA ARG D 360 16.29 28.59 -23.50
C ARG D 360 15.00 27.84 -23.18
N PHE D 361 14.67 27.76 -21.89
CA PHE D 361 13.57 26.94 -21.39
C PHE D 361 12.29 27.73 -21.15
N LEU D 362 12.43 29.01 -20.79
CA LEU D 362 11.29 29.85 -20.45
C LEU D 362 10.66 30.63 -21.62
N LYS D 363 11.10 30.32 -22.84
CA LYS D 363 10.51 30.90 -24.05
C LYS D 363 10.63 29.96 -25.26
#